data_7U89
# 
_entry.id   7U89 
# 
_audit_conform.dict_name       mmcif_pdbx.dic 
_audit_conform.dict_version    5.390 
_audit_conform.dict_location   http://mmcif.pdb.org/dictionaries/ascii/mmcif_pdbx.dic 
# 
loop_
_database_2.database_id 
_database_2.database_code 
_database_2.pdbx_database_accession 
_database_2.pdbx_DOI 
PDB   7U89         pdb_00007u89 10.2210/pdb7u89/pdb 
WWPDB D_1000263609 ?            ?                   
# 
loop_
_pdbx_audit_revision_history.ordinal 
_pdbx_audit_revision_history.data_content_type 
_pdbx_audit_revision_history.major_revision 
_pdbx_audit_revision_history.minor_revision 
_pdbx_audit_revision_history.revision_date 
1 'Structure model' 1 0 2023-03-15 
2 'Structure model' 1 1 2023-10-25 
3 'Structure model' 1 2 2024-04-17 
# 
_pdbx_audit_revision_details.ordinal             1 
_pdbx_audit_revision_details.revision_ordinal    1 
_pdbx_audit_revision_details.data_content_type   'Structure model' 
_pdbx_audit_revision_details.provider            repository 
_pdbx_audit_revision_details.type                'Initial release' 
_pdbx_audit_revision_details.description         ? 
_pdbx_audit_revision_details.details             ? 
# 
loop_
_pdbx_audit_revision_group.ordinal 
_pdbx_audit_revision_group.revision_ordinal 
_pdbx_audit_revision_group.data_content_type 
_pdbx_audit_revision_group.group 
1 2 'Structure model' 'Data collection'        
2 2 'Structure model' 'Refinement description' 
3 3 'Structure model' 'Database references'    
# 
loop_
_pdbx_audit_revision_category.ordinal 
_pdbx_audit_revision_category.revision_ordinal 
_pdbx_audit_revision_category.data_content_type 
_pdbx_audit_revision_category.category 
1 2 'Structure model' chem_comp_atom                
2 2 'Structure model' chem_comp_bond                
3 2 'Structure model' pdbx_initial_refinement_model 
4 3 'Structure model' citation                      
5 3 'Structure model' citation_author               
# 
loop_
_pdbx_audit_revision_item.ordinal 
_pdbx_audit_revision_item.revision_ordinal 
_pdbx_audit_revision_item.data_content_type 
_pdbx_audit_revision_item.item 
1 3 'Structure model' '_citation.country'                 
2 3 'Structure model' '_citation.journal_abbrev'          
3 3 'Structure model' '_citation.journal_id_ASTM'         
4 3 'Structure model' '_citation.journal_id_CSD'          
5 3 'Structure model' '_citation.journal_id_ISSN'         
6 3 'Structure model' '_citation.pdbx_database_id_DOI'    
7 3 'Structure model' '_citation.pdbx_database_id_PubMed' 
8 3 'Structure model' '_citation.title'                   
9 3 'Structure model' '_citation.year'                    
# 
_pdbx_database_status.status_code                     REL 
_pdbx_database_status.status_code_sf                  REL 
_pdbx_database_status.status_code_mr                  ? 
_pdbx_database_status.entry_id                        7U89 
_pdbx_database_status.recvd_initial_deposition_date   2022-03-08 
_pdbx_database_status.SG_entry                        N 
_pdbx_database_status.deposit_site                    RCSB 
_pdbx_database_status.process_site                    RCSB 
_pdbx_database_status.status_code_cs                  ? 
_pdbx_database_status.status_code_nmr_data            ? 
_pdbx_database_status.methods_development_category    ? 
_pdbx_database_status.pdb_format_compatible           Y 
# 
_pdbx_contact_author.id                 2 
_pdbx_contact_author.email              szostak@molbio.mgh.harvard.edu 
_pdbx_contact_author.name_first         Jack 
_pdbx_contact_author.name_last          Szostak 
_pdbx_contact_author.name_mi            W 
_pdbx_contact_author.role               'principal investigator/group leader' 
_pdbx_contact_author.identifier_ORCID   0000-0003-4131-1203 
# 
loop_
_audit_author.name 
_audit_author.pdbx_ordinal 
_audit_author.identifier_ORCID 
'Fang, Z.'      1 0000-0001-8679-6633 
'Szostak, J.W.' 2 0000-0003-4131-1203 
# 
_citation.abstract                  ? 
_citation.abstract_id_CAS           ? 
_citation.book_id_ISBN              ? 
_citation.book_publisher            ? 
_citation.book_publisher_city       ? 
_citation.book_title                ? 
_citation.coordinate_linkage        ? 
_citation.country                   US 
_citation.database_id_Medline       ? 
_citation.details                   ? 
_citation.id                        primary 
_citation.journal_abbrev            J.Am.Chem.Soc. 
_citation.journal_id_ASTM           JACSAT 
_citation.journal_id_CSD            ? 
_citation.journal_id_ISSN           1520-5126 
_citation.journal_full              ? 
_citation.journal_issue             ? 
_citation.journal_volume            ? 
_citation.language                  ? 
_citation.page_first                ? 
_citation.page_last                 ? 
_citation.title                     'Catalytic Metal Ion-Substrate Coordination during Nonenzymatic RNA Primer Extension.' 
_citation.year                      2024 
_citation.database_id_CSD           ? 
_citation.pdbx_database_id_DOI      10.1021/jacs.4c00323 
_citation.pdbx_database_id_PubMed   38579124 
_citation.pdbx_database_id_patent   ? 
_citation.unpublished_flag          ? 
# 
loop_
_citation_author.citation_id 
_citation_author.name 
_citation_author.ordinal 
_citation_author.identifier_ORCID 
primary 'Fang, Z.'       1 0000-0001-8679-6633 
primary 'Pazienza, L.T.' 2 ?                   
primary 'Zhang, J.'      3 ?                   
primary 'Tam, C.P.'      4 ?                   
primary 'Szostak, J.W.'  5 0000-0003-4131-1203 
# 
loop_
_entity.id 
_entity.type 
_entity.src_method 
_entity.pdbx_description 
_entity.formula_weight 
_entity.pdbx_number_of_molecules 
_entity.pdbx_ec 
_entity.pdbx_mutation 
_entity.pdbx_fragment 
_entity.details 
1 polymer     syn 
;RNA (5'-R(*(LKC)P*(LCC)P*(LCC)P*(LCG)P*AP*CP*UP*UP*AP*AP*GP*UP*CP*GP*(G46))-3')
;
4794.095 2   ? ? ? ? 
2 non-polymer syn "5'-O-[(R)-(2-amino-1H-imidazol-1-yl)(sulfanyl)phosphoryl]guanosine"              444.363  2   ? ? ? ? 
3 water       nat water                                                                             18.015   100 ? ? ? ? 
# 
_entity_poly.entity_id                      1 
_entity_poly.type                           polyribonucleotide 
_entity_poly.nstd_linkage                   no 
_entity_poly.nstd_monomer                   yes 
_entity_poly.pdbx_seq_one_letter_code       '(LKC)(LCC)(LCC)(LCG)ACUUAAGUCG(G46)' 
_entity_poly.pdbx_seq_one_letter_code_can   NNNGACUUAAGUCGG 
_entity_poly.pdbx_strand_id                 A,B 
_entity_poly.pdbx_target_identifier         ? 
# 
loop_
_pdbx_entity_nonpoly.entity_id 
_pdbx_entity_nonpoly.name 
_pdbx_entity_nonpoly.comp_id 
2 "5'-O-[(R)-(2-amino-1H-imidazol-1-yl)(sulfanyl)phosphoryl]guanosine" LXI 
3 water                                                                HOH 
# 
loop_
_entity_poly_seq.entity_id 
_entity_poly_seq.num 
_entity_poly_seq.mon_id 
_entity_poly_seq.hetero 
1 1  LKC n 
1 2  LCC n 
1 3  LCC n 
1 4  LCG n 
1 5  A   n 
1 6  C   n 
1 7  U   n 
1 8  U   n 
1 9  A   n 
1 10 A   n 
1 11 G   n 
1 12 U   n 
1 13 C   n 
1 14 G   n 
1 15 G46 n 
# 
_pdbx_entity_src_syn.entity_id              1 
_pdbx_entity_src_syn.pdbx_src_id            1 
_pdbx_entity_src_syn.pdbx_alt_source_flag   sample 
_pdbx_entity_src_syn.pdbx_beg_seq_num       1 
_pdbx_entity_src_syn.pdbx_end_seq_num       15 
_pdbx_entity_src_syn.organism_scientific    'synthetic construct' 
_pdbx_entity_src_syn.organism_common_name   ? 
_pdbx_entity_src_syn.ncbi_taxonomy_id       32630 
_pdbx_entity_src_syn.details                ? 
# 
loop_
_chem_comp.id 
_chem_comp.type 
_chem_comp.mon_nstd_flag 
_chem_comp.name 
_chem_comp.pdbx_synonyms 
_chem_comp.formula 
_chem_comp.formula_weight 
A   'RNA linking' y "ADENOSINE-5'-MONOPHOSPHATE" ?                             'C10 H14 N5 O7 P'   347.221 
C   'RNA linking' y "CYTIDINE-5'-MONOPHOSPHATE" ?                             'C9 H14 N3 O8 P'    323.197 
G   'RNA linking' y "GUANOSINE-5'-MONOPHOSPHATE" ?                             'C10 H14 N5 O8 P'   363.221 
G46 'RNA linking' n "GUANOSINE-5'-MONOTHIOPHOSPHATE" "5'-O-thiophosphonoguanosine" 'C10 H14 N5 O7 P S' 379.286 
HOH non-polymer   . WATER ?                             'H2 O'              18.015  
LCC 'RNA linking' . 
'[(1R,3R,4R,7S)-7-HYDROXY-3-(5-METHYLCYTOSIN-1-YL)-2,5-DIOXABICYCLO[2.2.1]HEPT-1-YL]METHYL DIHYDROGEN PHOSPHATE'     ? 
'C11 H16 N3 O8 P'   349.234 
LCG 'RNA linking' n '[(1R,3R,4R,7S)-7-HYDROXY-3-(GUANIN-9-YL)-2,5-DIOXABICYCLO[2.2.1]HEPT-1-YL]METHYL DIHYDROGEN PHOSPHATE' ? 
'C11 H14 N5 O8 P'   375.231 
LKC 'RNA linking' . 
'4-AMINO-1-[(1S,3R,4R,7S)-7-HYDROXY-1-(HYDROXYMETHYL)-2,5-DIOXABICYCLO[2.2.1]HEPT-3-YL]-5-METHYLPYRIMIDIN-2(1H)-ONE' ? 
'C11 H15 N3 O5'     269.254 
LXI non-polymer   . "5'-O-[(R)-(2-amino-1H-imidazol-1-yl)(sulfanyl)phosphoryl]guanosine" ?                             
'C13 H17 N8 O6 P S' 444.363 
U   'RNA linking' y "URIDINE-5'-MONOPHOSPHATE" ?                             'C9 H13 N2 O9 P'    324.181 
# 
loop_
_pdbx_poly_seq_scheme.asym_id 
_pdbx_poly_seq_scheme.entity_id 
_pdbx_poly_seq_scheme.seq_id 
_pdbx_poly_seq_scheme.mon_id 
_pdbx_poly_seq_scheme.ndb_seq_num 
_pdbx_poly_seq_scheme.pdb_seq_num 
_pdbx_poly_seq_scheme.auth_seq_num 
_pdbx_poly_seq_scheme.pdb_mon_id 
_pdbx_poly_seq_scheme.auth_mon_id 
_pdbx_poly_seq_scheme.pdb_strand_id 
_pdbx_poly_seq_scheme.pdb_ins_code 
_pdbx_poly_seq_scheme.hetero 
A 1 1  LKC 1  1  1  LKC LCC A . n 
A 1 2  LCC 2  2  2  LCC LCC A . n 
A 1 3  LCC 3  3  3  LCC LCC A . n 
A 1 4  LCG 4  4  4  LCG LCG A . n 
A 1 5  A   5  5  5  A   A   A . n 
A 1 6  C   6  6  6  C   C   A . n 
A 1 7  U   7  7  7  U   U   A . n 
A 1 8  U   8  8  8  U   U   A . n 
A 1 9  A   9  9  9  A   A   A . n 
A 1 10 A   10 10 10 A   A   A . n 
A 1 11 G   11 11 11 G   G   A . n 
A 1 12 U   12 12 12 U   U   A . n 
A 1 13 C   13 13 13 C   C   A . n 
A 1 14 G   14 14 14 G   G   A . n 
A 1 15 G46 15 15 15 G46 1SG A . n 
B 1 1  LKC 1  1  1  LKC LCC B . n 
B 1 2  LCC 2  2  2  LCC LCC B . n 
B 1 3  LCC 3  3  3  LCC LCC B . n 
B 1 4  LCG 4  4  4  LCG LCG B . n 
B 1 5  A   5  5  5  A   A   B . n 
B 1 6  C   6  6  6  C   C   B . n 
B 1 7  U   7  7  7  U   U   B . n 
B 1 8  U   8  8  8  U   U   B . n 
B 1 9  A   9  9  9  A   A   B . n 
B 1 10 A   10 10 10 A   A   B . n 
B 1 11 G   11 11 11 G   G   B . n 
B 1 12 U   12 12 12 U   U   B . n 
B 1 13 C   13 13 13 C   C   B . n 
B 1 14 G   14 14 14 G   G   B . n 
B 1 15 G46 15 15 15 G46 1SG B . n 
# 
loop_
_pdbx_nonpoly_scheme.asym_id 
_pdbx_nonpoly_scheme.entity_id 
_pdbx_nonpoly_scheme.mon_id 
_pdbx_nonpoly_scheme.ndb_seq_num 
_pdbx_nonpoly_scheme.pdb_seq_num 
_pdbx_nonpoly_scheme.auth_seq_num 
_pdbx_nonpoly_scheme.pdb_mon_id 
_pdbx_nonpoly_scheme.auth_mon_id 
_pdbx_nonpoly_scheme.pdb_strand_id 
_pdbx_nonpoly_scheme.pdb_ins_code 
C 2 LXI 1  101 16  LXI SPG A . 
D 2 LXI 1  101 16  LXI SPG B . 
E 3 HOH 1  201 44  HOH HOH A . 
E 3 HOH 2  202 21  HOH HOH A . 
E 3 HOH 3  203 61  HOH HOH A . 
E 3 HOH 4  204 66  HOH HOH A . 
E 3 HOH 5  205 65  HOH HOH A . 
E 3 HOH 6  206 75  HOH HOH A . 
E 3 HOH 7  207 48  HOH HOH A . 
E 3 HOH 8  208 12  HOH HOH A . 
E 3 HOH 9  209 81  HOH HOH A . 
E 3 HOH 10 210 46  HOH HOH A . 
E 3 HOH 11 211 89  HOH HOH A . 
E 3 HOH 12 212 9   HOH HOH A . 
E 3 HOH 13 213 68  HOH HOH A . 
E 3 HOH 14 214 90  HOH HOH A . 
E 3 HOH 15 215 84  HOH HOH A . 
E 3 HOH 16 216 42  HOH HOH A . 
E 3 HOH 17 217 62  HOH HOH A . 
E 3 HOH 18 218 50  HOH HOH A . 
E 3 HOH 19 219 67  HOH HOH A . 
E 3 HOH 20 220 3   HOH HOH A . 
E 3 HOH 21 221 100 HOH HOH A . 
E 3 HOH 22 222 29  HOH HOH A . 
E 3 HOH 23 223 82  HOH HOH A . 
E 3 HOH 24 224 11  HOH HOH A . 
E 3 HOH 25 225 97  HOH HOH A . 
E 3 HOH 26 226 16  HOH HOH A . 
E 3 HOH 27 227 7   HOH HOH A . 
E 3 HOH 28 228 88  HOH HOH A . 
E 3 HOH 29 229 2   HOH HOH A . 
E 3 HOH 30 230 8   HOH HOH A . 
E 3 HOH 31 231 32  HOH HOH A . 
E 3 HOH 32 232 93  HOH HOH A . 
E 3 HOH 33 233 41  HOH HOH A . 
E 3 HOH 34 234 49  HOH HOH A . 
E 3 HOH 35 235 85  HOH HOH A . 
E 3 HOH 36 236 1   HOH HOH A . 
E 3 HOH 37 237 83  HOH HOH A . 
E 3 HOH 38 238 31  HOH HOH A . 
E 3 HOH 39 239 40  HOH HOH A . 
E 3 HOH 40 240 91  HOH HOH A . 
E 3 HOH 41 241 71  HOH HOH A . 
E 3 HOH 42 242 99  HOH HOH A . 
E 3 HOH 43 243 59  HOH HOH A . 
E 3 HOH 44 244 24  HOH HOH A . 
E 3 HOH 45 245 45  HOH HOH A . 
E 3 HOH 46 246 69  HOH HOH A . 
E 3 HOH 47 247 4   HOH HOH A . 
E 3 HOH 48 248 92  HOH HOH A . 
E 3 HOH 49 249 86  HOH HOH A . 
E 3 HOH 50 250 14  HOH HOH A . 
E 3 HOH 51 251 98  HOH HOH A . 
E 3 HOH 52 252 30  HOH HOH A . 
F 3 HOH 1  201 76  HOH HOH B . 
F 3 HOH 2  202 47  HOH HOH B . 
F 3 HOH 3  203 25  HOH HOH B . 
F 3 HOH 4  204 72  HOH HOH B . 
F 3 HOH 5  205 64  HOH HOH B . 
F 3 HOH 6  206 54  HOH HOH B . 
F 3 HOH 7  207 53  HOH HOH B . 
F 3 HOH 8  208 70  HOH HOH B . 
F 3 HOH 9  209 60  HOH HOH B . 
F 3 HOH 10 210 73  HOH HOH B . 
F 3 HOH 11 211 80  HOH HOH B . 
F 3 HOH 12 212 26  HOH HOH B . 
F 3 HOH 13 213 13  HOH HOH B . 
F 3 HOH 14 214 57  HOH HOH B . 
F 3 HOH 15 215 23  HOH HOH B . 
F 3 HOH 16 216 74  HOH HOH B . 
F 3 HOH 17 217 52  HOH HOH B . 
F 3 HOH 18 218 51  HOH HOH B . 
F 3 HOH 19 219 56  HOH HOH B . 
F 3 HOH 20 220 87  HOH HOH B . 
F 3 HOH 21 221 43  HOH HOH B . 
F 3 HOH 22 222 6   HOH HOH B . 
F 3 HOH 23 223 15  HOH HOH B . 
F 3 HOH 24 224 37  HOH HOH B . 
F 3 HOH 25 225 79  HOH HOH B . 
F 3 HOH 26 226 34  HOH HOH B . 
F 3 HOH 27 227 22  HOH HOH B . 
F 3 HOH 28 228 19  HOH HOH B . 
F 3 HOH 29 229 96  HOH HOH B . 
F 3 HOH 30 230 36  HOH HOH B . 
F 3 HOH 31 231 77  HOH HOH B . 
F 3 HOH 32 232 17  HOH HOH B . 
F 3 HOH 33 233 18  HOH HOH B . 
F 3 HOH 34 234 33  HOH HOH B . 
F 3 HOH 35 235 20  HOH HOH B . 
F 3 HOH 36 236 38  HOH HOH B . 
F 3 HOH 37 237 58  HOH HOH B . 
F 3 HOH 38 238 39  HOH HOH B . 
F 3 HOH 39 239 10  HOH HOH B . 
F 3 HOH 40 240 5   HOH HOH B . 
F 3 HOH 41 241 28  HOH HOH B . 
F 3 HOH 42 242 63  HOH HOH B . 
F 3 HOH 43 243 35  HOH HOH B . 
F 3 HOH 44 244 55  HOH HOH B . 
F 3 HOH 45 245 27  HOH HOH B . 
F 3 HOH 46 246 94  HOH HOH B . 
F 3 HOH 47 247 78  HOH HOH B . 
F 3 HOH 48 248 95  HOH HOH B . 
# 
loop_
_software.citation_id 
_software.classification 
_software.compiler_name 
_software.compiler_version 
_software.contact_author 
_software.contact_author_email 
_software.date 
_software.description 
_software.dependencies 
_software.hardware 
_software.language 
_software.location 
_software.mods 
_software.name 
_software.os 
_software.os_version 
_software.type 
_software.version 
_software.pdbx_ordinal 
? refinement       ? ? ? ? ? ? ? ? ? ? ? REFMAC   ? ? ? 5.8.0267 1 
? 'data reduction' ? ? ? ? ? ? ? ? ? ? ? HKL-2000 ? ? ? .        2 
? 'data scaling'   ? ? ? ? ? ? ? ? ? ? ? HKL-2000 ? ? ? .        3 
? phasing          ? ? ? ? ? ? ? ? ? ? ? PHASER   ? ? ? .        4 
# 
_cell.angle_alpha                  90.000 
_cell.angle_alpha_esd              ? 
_cell.angle_beta                   90.000 
_cell.angle_beta_esd               ? 
_cell.angle_gamma                  120.000 
_cell.angle_gamma_esd              ? 
_cell.entry_id                     7U89 
_cell.details                      ? 
_cell.formula_units_Z              ? 
_cell.length_a                     43.204 
_cell.length_a_esd                 ? 
_cell.length_b                     43.204 
_cell.length_b_esd                 ? 
_cell.length_c                     85.638 
_cell.length_c_esd                 ? 
_cell.volume                       ? 
_cell.volume_esd                   ? 
_cell.Z_PDB                        12 
_cell.reciprocal_angle_alpha       ? 
_cell.reciprocal_angle_beta        ? 
_cell.reciprocal_angle_gamma       ? 
_cell.reciprocal_angle_alpha_esd   ? 
_cell.reciprocal_angle_beta_esd    ? 
_cell.reciprocal_angle_gamma_esd   ? 
_cell.reciprocal_length_a          ? 
_cell.reciprocal_length_b          ? 
_cell.reciprocal_length_c          ? 
_cell.reciprocal_length_a_esd      ? 
_cell.reciprocal_length_b_esd      ? 
_cell.reciprocal_length_c_esd      ? 
_cell.pdbx_unique_axis             ? 
# 
_symmetry.entry_id                         7U89 
_symmetry.cell_setting                     ? 
_symmetry.Int_Tables_number                150 
_symmetry.space_group_name_Hall            ? 
_symmetry.space_group_name_H-M             'P 3 2 1' 
_symmetry.pdbx_full_space_group_name_H-M   ? 
# 
_exptl.absorpt_coefficient_mu     ? 
_exptl.absorpt_correction_T_max   ? 
_exptl.absorpt_correction_T_min   ? 
_exptl.absorpt_correction_type    ? 
_exptl.absorpt_process_details    ? 
_exptl.entry_id                   7U89 
_exptl.crystals_number            1 
_exptl.details                    ? 
_exptl.method                     'X-RAY DIFFRACTION' 
_exptl.method_details             ? 
# 
_exptl_crystal.colour                      ? 
_exptl_crystal.density_diffrn              ? 
_exptl_crystal.density_Matthews            2.41 
_exptl_crystal.density_method              ? 
_exptl_crystal.density_percent_sol         48.89 
_exptl_crystal.description                 ? 
_exptl_crystal.F_000                       ? 
_exptl_crystal.id                          1 
_exptl_crystal.preparation                 ? 
_exptl_crystal.size_max                    ? 
_exptl_crystal.size_mid                    ? 
_exptl_crystal.size_min                    ? 
_exptl_crystal.size_rad                    ? 
_exptl_crystal.colour_lustre               ? 
_exptl_crystal.colour_modifier             ? 
_exptl_crystal.colour_primary              ? 
_exptl_crystal.density_meas                ? 
_exptl_crystal.density_meas_esd            ? 
_exptl_crystal.density_meas_gt             ? 
_exptl_crystal.density_meas_lt             ? 
_exptl_crystal.density_meas_temp           ? 
_exptl_crystal.density_meas_temp_esd       ? 
_exptl_crystal.density_meas_temp_gt        ? 
_exptl_crystal.density_meas_temp_lt        ? 
_exptl_crystal.pdbx_crystal_image_url      ? 
_exptl_crystal.pdbx_crystal_image_format   ? 
_exptl_crystal.pdbx_mosaicity              ? 
_exptl_crystal.pdbx_mosaicity_esd          ? 
# 
_exptl_crystal_grow.apparatus       ? 
_exptl_crystal_grow.atmosphere      ? 
_exptl_crystal_grow.crystal_id      1 
_exptl_crystal_grow.details         ? 
_exptl_crystal_grow.method          'VAPOR DIFFUSION, SITTING DROP' 
_exptl_crystal_grow.method_ref      ? 
_exptl_crystal_grow.pH              ? 
_exptl_crystal_grow.pressure        ? 
_exptl_crystal_grow.pressure_esd    ? 
_exptl_crystal_grow.seeding         ? 
_exptl_crystal_grow.seeding_ref     ? 
_exptl_crystal_grow.temp            293.15 
_exptl_crystal_grow.temp_details    ? 
_exptl_crystal_grow.temp_esd        ? 
_exptl_crystal_grow.time            ? 
_exptl_crystal_grow.pdbx_details    '20 mM Magnesium chloride, 50 mM MOPS pH 7.0, 2.0 M Ammonium sulfate, 0.5 mM Spermine' 
_exptl_crystal_grow.pdbx_pH_range   7.0 
# 
_diffrn.ambient_environment              ? 
_diffrn.ambient_temp                     98 
_diffrn.ambient_temp_details             ? 
_diffrn.ambient_temp_esd                 ? 
_diffrn.crystal_id                       1 
_diffrn.crystal_support                  ? 
_diffrn.crystal_treatment                ? 
_diffrn.details                          ? 
_diffrn.id                               1 
_diffrn.ambient_pressure                 ? 
_diffrn.ambient_pressure_esd             ? 
_diffrn.ambient_pressure_gt              ? 
_diffrn.ambient_pressure_lt              ? 
_diffrn.ambient_temp_gt                  ? 
_diffrn.ambient_temp_lt                  ? 
_diffrn.pdbx_serial_crystal_experiment   N 
# 
_diffrn_detector.details                      ? 
_diffrn_detector.detector                     CCD 
_diffrn_detector.diffrn_id                    1 
_diffrn_detector.type                         'ADSC QUANTUM 315r' 
_diffrn_detector.area_resol_mean              ? 
_diffrn_detector.dtime                        ? 
_diffrn_detector.pdbx_frames_total            ? 
_diffrn_detector.pdbx_collection_time_total   ? 
_diffrn_detector.pdbx_collection_date         2021-05-04 
_diffrn_detector.pdbx_frequency               ? 
# 
_diffrn_radiation.collimation                      ? 
_diffrn_radiation.diffrn_id                        1 
_diffrn_radiation.filter_edge                      ? 
_diffrn_radiation.inhomogeneity                    ? 
_diffrn_radiation.monochromator                    ? 
_diffrn_radiation.polarisn_norm                    ? 
_diffrn_radiation.polarisn_ratio                   ? 
_diffrn_radiation.probe                            ? 
_diffrn_radiation.type                             ? 
_diffrn_radiation.xray_symbol                      ? 
_diffrn_radiation.wavelength_id                    1 
_diffrn_radiation.pdbx_monochromatic_or_laue_m_l   M 
_diffrn_radiation.pdbx_wavelength_list             ? 
_diffrn_radiation.pdbx_wavelength                  ? 
_diffrn_radiation.pdbx_diffrn_protocol             'SINGLE WAVELENGTH' 
_diffrn_radiation.pdbx_analyzer                    ? 
_diffrn_radiation.pdbx_scattering_type             x-ray 
# 
_diffrn_radiation_wavelength.id           1 
_diffrn_radiation_wavelength.wavelength   1.000 
_diffrn_radiation_wavelength.wt           1.0 
# 
_diffrn_source.current                     ? 
_diffrn_source.details                     ? 
_diffrn_source.diffrn_id                   1 
_diffrn_source.power                       ? 
_diffrn_source.size                        ? 
_diffrn_source.source                      SYNCHROTRON 
_diffrn_source.target                      ? 
_diffrn_source.type                        'ALS BEAMLINE 8.2.2' 
_diffrn_source.voltage                     ? 
_diffrn_source.take-off_angle              ? 
_diffrn_source.pdbx_wavelength_list        1.000 
_diffrn_source.pdbx_wavelength             ? 
_diffrn_source.pdbx_synchrotron_beamline   8.2.2 
_diffrn_source.pdbx_synchrotron_site       ALS 
# 
_reflns.B_iso_Wilson_estimate                          ? 
_reflns.entry_id                                       7U89 
_reflns.data_reduction_details                         ? 
_reflns.data_reduction_method                          ? 
_reflns.d_resolution_high                              1.65 
_reflns.d_resolution_low                               50 
_reflns.details                                        ? 
_reflns.limit_h_max                                    ? 
_reflns.limit_h_min                                    ? 
_reflns.limit_k_max                                    ? 
_reflns.limit_k_min                                    ? 
_reflns.limit_l_max                                    ? 
_reflns.limit_l_min                                    ? 
_reflns.number_all                                     ? 
_reflns.number_obs                                     11662 
_reflns.observed_criterion                             ? 
_reflns.observed_criterion_F_max                       ? 
_reflns.observed_criterion_F_min                       ? 
_reflns.observed_criterion_I_max                       ? 
_reflns.observed_criterion_I_min                       ? 
_reflns.observed_criterion_sigma_F                     ? 
_reflns.observed_criterion_sigma_I                     ? 
_reflns.percent_possible_obs                           99.6 
_reflns.R_free_details                                 ? 
_reflns.Rmerge_F_all                                   ? 
_reflns.Rmerge_F_obs                                   ? 
_reflns.Friedel_coverage                               ? 
_reflns.number_gt                                      ? 
_reflns.threshold_expression                           ? 
_reflns.pdbx_redundancy                                10.1 
_reflns.pdbx_Rmerge_I_obs                              0.086 
_reflns.pdbx_Rmerge_I_all                              ? 
_reflns.pdbx_Rsym_value                                ? 
_reflns.pdbx_netI_over_av_sigmaI                       ? 
_reflns.pdbx_netI_over_sigmaI                          21.0 
_reflns.pdbx_res_netI_over_av_sigmaI_2                 ? 
_reflns.pdbx_res_netI_over_sigmaI_2                    ? 
_reflns.pdbx_chi_squared                               ? 
_reflns.pdbx_scaling_rejects                           ? 
_reflns.pdbx_d_res_high_opt                            ? 
_reflns.pdbx_d_res_low_opt                             ? 
_reflns.pdbx_d_res_opt_method                          ? 
_reflns.phase_calculation_details                      ? 
_reflns.pdbx_Rrim_I_all                                0.091 
_reflns.pdbx_Rpim_I_all                                0.029 
_reflns.pdbx_d_opt                                     ? 
_reflns.pdbx_number_measured_all                       ? 
_reflns.pdbx_diffrn_id                                 1 
_reflns.pdbx_ordinal                                   1 
_reflns.pdbx_CC_half                                   0.989 
_reflns.pdbx_CC_star                                   0.997 
_reflns.pdbx_R_split                                   ? 
_reflns.pdbx_aniso_diffraction_limit_axis_1_ortho[1]   ? 
_reflns.pdbx_aniso_diffraction_limit_axis_1_ortho[2]   ? 
_reflns.pdbx_aniso_diffraction_limit_axis_1_ortho[3]   ? 
_reflns.pdbx_aniso_diffraction_limit_axis_2_ortho[1]   ? 
_reflns.pdbx_aniso_diffraction_limit_axis_2_ortho[2]   ? 
_reflns.pdbx_aniso_diffraction_limit_axis_2_ortho[3]   ? 
_reflns.pdbx_aniso_diffraction_limit_axis_3_ortho[1]   ? 
_reflns.pdbx_aniso_diffraction_limit_axis_3_ortho[2]   ? 
_reflns.pdbx_aniso_diffraction_limit_axis_3_ortho[3]   ? 
_reflns.pdbx_aniso_diffraction_limit_1                 ? 
_reflns.pdbx_aniso_diffraction_limit_2                 ? 
_reflns.pdbx_aniso_diffraction_limit_3                 ? 
_reflns.pdbx_aniso_B_tensor_eigenvector_1_ortho[1]     ? 
_reflns.pdbx_aniso_B_tensor_eigenvector_1_ortho[2]     ? 
_reflns.pdbx_aniso_B_tensor_eigenvector_1_ortho[3]     ? 
_reflns.pdbx_aniso_B_tensor_eigenvector_2_ortho[1]     ? 
_reflns.pdbx_aniso_B_tensor_eigenvector_2_ortho[2]     ? 
_reflns.pdbx_aniso_B_tensor_eigenvector_2_ortho[3]     ? 
_reflns.pdbx_aniso_B_tensor_eigenvector_3_ortho[1]     ? 
_reflns.pdbx_aniso_B_tensor_eigenvector_3_ortho[2]     ? 
_reflns.pdbx_aniso_B_tensor_eigenvector_3_ortho[3]     ? 
_reflns.pdbx_aniso_B_tensor_eigenvalue_1               ? 
_reflns.pdbx_aniso_B_tensor_eigenvalue_2               ? 
_reflns.pdbx_aniso_B_tensor_eigenvalue_3               ? 
_reflns.pdbx_orthogonalization_convention              ? 
_reflns.pdbx_percent_possible_ellipsoidal              ? 
_reflns.pdbx_percent_possible_spherical                ? 
_reflns.pdbx_percent_possible_ellipsoidal_anomalous    ? 
_reflns.pdbx_percent_possible_spherical_anomalous      ? 
_reflns.pdbx_redundancy_anomalous                      ? 
_reflns.pdbx_CC_half_anomalous                         ? 
_reflns.pdbx_absDiff_over_sigma_anomalous              ? 
_reflns.pdbx_percent_possible_anomalous                ? 
_reflns.pdbx_observed_signal_threshold                 ? 
_reflns.pdbx_signal_type                               ? 
_reflns.pdbx_signal_details                            ? 
_reflns.pdbx_signal_software_id                        ? 
# 
_reflns_shell.d_res_high                                    1.65 
_reflns_shell.d_res_low                                     1.65 
_reflns_shell.meanI_over_sigI_all                           ? 
_reflns_shell.meanI_over_sigI_obs                           5.6 
_reflns_shell.number_measured_all                           ? 
_reflns_shell.number_measured_obs                           ? 
_reflns_shell.number_possible                               ? 
_reflns_shell.number_unique_all                             ? 
_reflns_shell.number_unique_obs                             553 
_reflns_shell.percent_possible_all                          98.9 
_reflns_shell.percent_possible_obs                          ? 
_reflns_shell.Rmerge_F_all                                  ? 
_reflns_shell.Rmerge_F_obs                                  ? 
_reflns_shell.Rmerge_I_all                                  ? 
_reflns_shell.Rmerge_I_obs                                  0.260 
_reflns_shell.meanI_over_sigI_gt                            ? 
_reflns_shell.meanI_over_uI_all                             ? 
_reflns_shell.meanI_over_uI_gt                              ? 
_reflns_shell.number_measured_gt                            ? 
_reflns_shell.number_unique_gt                              ? 
_reflns_shell.percent_possible_gt                           ? 
_reflns_shell.Rmerge_F_gt                                   ? 
_reflns_shell.Rmerge_I_gt                                   ? 
_reflns_shell.pdbx_redundancy                               7.8 
_reflns_shell.pdbx_Rsym_value                               ? 
_reflns_shell.pdbx_chi_squared                              ? 
_reflns_shell.pdbx_netI_over_sigmaI_all                     ? 
_reflns_shell.pdbx_netI_over_sigmaI_obs                     ? 
_reflns_shell.pdbx_Rrim_I_all                               0.277 
_reflns_shell.pdbx_Rpim_I_all                               0.093 
_reflns_shell.pdbx_rejects                                  ? 
_reflns_shell.pdbx_ordinal                                  1 
_reflns_shell.pdbx_diffrn_id                                1 
_reflns_shell.pdbx_CC_half                                  0.995 
_reflns_shell.pdbx_CC_star                                  0.999 
_reflns_shell.pdbx_R_split                                  ? 
_reflns_shell.pdbx_percent_possible_ellipsoidal             ? 
_reflns_shell.pdbx_percent_possible_spherical               ? 
_reflns_shell.pdbx_percent_possible_ellipsoidal_anomalous   ? 
_reflns_shell.pdbx_percent_possible_spherical_anomalous     ? 
_reflns_shell.pdbx_redundancy_anomalous                     ? 
_reflns_shell.pdbx_CC_half_anomalous                        ? 
_reflns_shell.pdbx_absDiff_over_sigma_anomalous             ? 
_reflns_shell.pdbx_percent_possible_anomalous               ? 
# 
_refine.aniso_B[1][1]                            -0.003 
_refine.aniso_B[1][2]                            -0.001 
_refine.aniso_B[1][3]                            -0.000 
_refine.aniso_B[2][2]                            -0.003 
_refine.aniso_B[2][3]                            0.000 
_refine.aniso_B[3][3]                            0.009 
_refine.B_iso_max                                ? 
_refine.B_iso_mean                               15.201 
_refine.B_iso_min                                ? 
_refine.correlation_coeff_Fo_to_Fc               0.938 
_refine.correlation_coeff_Fo_to_Fc_free          0.910 
_refine.details                                  'Hydrogens have been added in their riding positions' 
_refine.diff_density_max                         ? 
_refine.diff_density_max_esd                     ? 
_refine.diff_density_min                         ? 
_refine.diff_density_min_esd                     ? 
_refine.diff_density_rms                         ? 
_refine.diff_density_rms_esd                     ? 
_refine.entry_id                                 7U89 
_refine.pdbx_refine_id                           'X-RAY DIFFRACTION' 
_refine.ls_abs_structure_details                 ? 
_refine.ls_abs_structure_Flack                   ? 
_refine.ls_abs_structure_Flack_esd               ? 
_refine.ls_abs_structure_Rogers                  ? 
_refine.ls_abs_structure_Rogers_esd              ? 
_refine.ls_d_res_high                            1.650 
_refine.ls_d_res_low                             28.562 
_refine.ls_extinction_coef                       ? 
_refine.ls_extinction_coef_esd                   ? 
_refine.ls_extinction_expression                 ? 
_refine.ls_extinction_method                     ? 
_refine.ls_goodness_of_fit_all                   ? 
_refine.ls_goodness_of_fit_all_esd               ? 
_refine.ls_goodness_of_fit_obs                   ? 
_refine.ls_goodness_of_fit_obs_esd               ? 
_refine.ls_hydrogen_treatment                    ? 
_refine.ls_matrix_type                           ? 
_refine.ls_number_constraints                    ? 
_refine.ls_number_parameters                     ? 
_refine.ls_number_reflns_all                     ? 
_refine.ls_number_reflns_obs                     10238 
_refine.ls_number_reflns_R_free                  542 
_refine.ls_number_reflns_R_work                  9696 
_refine.ls_number_restraints                     ? 
_refine.ls_percent_reflns_obs                    87.437 
_refine.ls_percent_reflns_R_free                 5.294 
_refine.ls_R_factor_all                          0.220 
_refine.ls_R_factor_obs                          ? 
_refine.ls_R_factor_R_free                       0.2816 
_refine.ls_R_factor_R_free_error                 ? 
_refine.ls_R_factor_R_free_error_details         ? 
_refine.ls_R_factor_R_work                       0.2160 
_refine.ls_R_Fsqd_factor_obs                     ? 
_refine.ls_R_I_factor_obs                        ? 
_refine.ls_redundancy_reflns_all                 ? 
_refine.ls_redundancy_reflns_obs                 ? 
_refine.ls_restrained_S_all                      ? 
_refine.ls_restrained_S_obs                      ? 
_refine.ls_shift_over_esd_max                    ? 
_refine.ls_shift_over_esd_mean                   ? 
_refine.ls_structure_factor_coef                 ? 
_refine.ls_weighting_details                     ? 
_refine.ls_weighting_scheme                      ? 
_refine.ls_wR_factor_all                         ? 
_refine.ls_wR_factor_obs                         ? 
_refine.ls_wR_factor_R_free                      ? 
_refine.ls_wR_factor_R_work                      ? 
_refine.occupancy_max                            ? 
_refine.occupancy_min                            ? 
_refine.solvent_model_details                    'MASK BULK SOLVENT' 
_refine.solvent_model_param_bsol                 ? 
_refine.solvent_model_param_ksol                 ? 
_refine.pdbx_R_complete                          ? 
_refine.ls_R_factor_gt                           ? 
_refine.ls_goodness_of_fit_gt                    ? 
_refine.ls_goodness_of_fit_ref                   ? 
_refine.ls_shift_over_su_max                     ? 
_refine.ls_shift_over_su_max_lt                  ? 
_refine.ls_shift_over_su_mean                    ? 
_refine.ls_shift_over_su_mean_lt                 ? 
_refine.pdbx_ls_sigma_I                          ? 
_refine.pdbx_ls_sigma_F                          ? 
_refine.pdbx_ls_sigma_Fsqd                       ? 
_refine.pdbx_data_cutoff_high_absF               ? 
_refine.pdbx_data_cutoff_high_rms_absF           ? 
_refine.pdbx_data_cutoff_low_absF                ? 
_refine.pdbx_isotropic_thermal_model             ? 
_refine.pdbx_ls_cross_valid_method               THROUGHOUT 
_refine.pdbx_method_to_determine_struct          'MOLECULAR REPLACEMENT' 
_refine.pdbx_starting_model                      6C8O 
_refine.pdbx_stereochemistry_target_values       ? 
_refine.pdbx_R_Free_selection_details            ? 
_refine.pdbx_stereochem_target_val_spec_case     ? 
_refine.pdbx_overall_ESU_R                       0.133 
_refine.pdbx_overall_ESU_R_Free                  0.142 
_refine.pdbx_solvent_vdw_probe_radii             1.200 
_refine.pdbx_solvent_ion_probe_radii             0.800 
_refine.pdbx_solvent_shrinkage_radii             0.800 
_refine.pdbx_real_space_R                        ? 
_refine.pdbx_density_correlation                 ? 
_refine.pdbx_pd_number_of_powder_patterns        ? 
_refine.pdbx_pd_number_of_points                 ? 
_refine.pdbx_pd_meas_number_of_points            ? 
_refine.pdbx_pd_proc_ls_prof_R_factor            ? 
_refine.pdbx_pd_proc_ls_prof_wR_factor           ? 
_refine.pdbx_pd_Marquardt_correlation_coeff      ? 
_refine.pdbx_pd_Fsqrd_R_factor                   ? 
_refine.pdbx_pd_ls_matrix_band_width             ? 
_refine.pdbx_overall_phase_error                 ? 
_refine.pdbx_overall_SU_R_free_Cruickshank_DPI   ? 
_refine.pdbx_overall_SU_R_free_Blow_DPI          ? 
_refine.pdbx_overall_SU_R_Blow_DPI               ? 
_refine.pdbx_TLS_residual_ADP_flag               ? 
_refine.pdbx_diffrn_id                           1 
_refine.overall_SU_B                             2.521 
_refine.overall_SU_ML                            0.084 
_refine.overall_SU_R_Cruickshank_DPI             ? 
_refine.overall_SU_R_free                        ? 
_refine.overall_FOM_free_R_set                   ? 
_refine.overall_FOM_work_R_set                   ? 
_refine.pdbx_average_fsc_overall                 ? 
_refine.pdbx_average_fsc_work                    ? 
_refine.pdbx_average_fsc_free                    ? 
# 
_refine_hist.pdbx_refine_id                   'X-RAY DIFFRACTION' 
_refine_hist.cycle_id                         LAST 
_refine_hist.pdbx_number_atoms_protein        0 
_refine_hist.pdbx_number_atoms_nucleic_acid   424 
_refine_hist.pdbx_number_atoms_ligand         278 
_refine_hist.number_atoms_solvent             100 
_refine_hist.number_atoms_total               802 
_refine_hist.d_res_high                       1.650 
_refine_hist.d_res_low                        28.562 
# 
loop_
_refine_ls_restr.pdbx_refine_id 
_refine_ls_restr.criterion 
_refine_ls_restr.dev_ideal 
_refine_ls_restr.dev_ideal_target 
_refine_ls_restr.number 
_refine_ls_restr.rejects 
_refine_ls_restr.type 
_refine_ls_restr.weight 
_refine_ls_restr.pdbx_restraint_function 
'X-RAY DIFFRACTION' ? 0.021 0.018  787  ? r_bond_refined_d               ? ? 
'X-RAY DIFFRACTION' ? 0.029 0.023  354  ? r_bond_other_d                 ? ? 
'X-RAY DIFFRACTION' ? 2.984 2.288  1198 ? r_angle_refined_deg            ? ? 
'X-RAY DIFFRACTION' ? 3.474 2.486  832  ? r_angle_other_deg              ? ? 
'X-RAY DIFFRACTION' ? 0.191 0.200  154  ? r_chiral_restr                 ? ? 
'X-RAY DIFFRACTION' ? 1.620 0.200  22   ? r_chiral_restr_other           ? ? 
'X-RAY DIFFRACTION' ? 0.017 0.021  417  ? r_gen_planes_refined           ? ? 
'X-RAY DIFFRACTION' ? 0.001 0.023  136  ? r_gen_planes_other             ? ? 
'X-RAY DIFFRACTION' ? 0.219 0.200  89   ? r_nbd_refined                  ? ? 
'X-RAY DIFFRACTION' ? 0.240 0.200  447  ? r_symmetry_nbd_other           ? ? 
'X-RAY DIFFRACTION' ? 0.253 0.200  301  ? r_nbtor_refined                ? ? 
'X-RAY DIFFRACTION' ? 0.263 0.200  198  ? r_symmetry_nbtor_other         ? ? 
'X-RAY DIFFRACTION' ? 0.229 0.200  63   ? r_xyhbond_nbd_refined          ? ? 
'X-RAY DIFFRACTION' ? 0.100 0.200  14   ? r_symmetry_nbd_refined         ? ? 
'X-RAY DIFFRACTION' ? 0.190 0.200  49   ? r_nbd_other                    ? ? 
'X-RAY DIFFRACTION' ? 0.145 0.200  16   ? r_symmetry_xyhbond_nbd_refined ? ? 
'X-RAY DIFFRACTION' ? 1.955 1.547  787  ? r_scbond_it                    ? ? 
'X-RAY DIFFRACTION' ? 1.955 1.557  788  ? r_scbond_other                 ? ? 
'X-RAY DIFFRACTION' ? 3.214 2.305  1198 ? r_scangle_it                   ? ? 
'X-RAY DIFFRACTION' ? 3.213 2.316  1199 ? r_scangle_other                ? ? 
'X-RAY DIFFRACTION' ? 5.059 13.795 1086 ? r_lrange_it                    ? ? 
'X-RAY DIFFRACTION' ? 5.065 13.592 1074 ? r_lrange_other                 ? ? 
# 
loop_
_refine_ls_shell.pdbx_refine_id 
_refine_ls_shell.d_res_high 
_refine_ls_shell.d_res_low 
_refine_ls_shell.number_reflns_all 
_refine_ls_shell.number_reflns_obs 
_refine_ls_shell.number_reflns_R_free 
_refine_ls_shell.number_reflns_R_work 
_refine_ls_shell.percent_reflns_obs 
_refine_ls_shell.percent_reflns_R_free 
_refine_ls_shell.R_factor_all 
_refine_ls_shell.R_factor_obs 
_refine_ls_shell.R_factor_R_free 
_refine_ls_shell.R_factor_R_free_error 
_refine_ls_shell.R_factor_R_work 
_refine_ls_shell.redundancy_reflns_all 
_refine_ls_shell.redundancy_reflns_obs 
_refine_ls_shell.wR_factor_all 
_refine_ls_shell.wR_factor_obs 
_refine_ls_shell.wR_factor_R_free 
_refine_ls_shell.wR_factor_R_work 
_refine_ls_shell.pdbx_R_complete 
_refine_ls_shell.pdbx_total_number_of_bins_used 
_refine_ls_shell.pdbx_phase_error 
_refine_ls_shell.pdbx_fsc_work 
_refine_ls_shell.pdbx_fsc_free 
'X-RAY DIFFRACTION' 1.650 1.693  . . 10 348 42.5684  . . . 0.317 . 0.245 . . . . . . . . . . . 
'X-RAY DIFFRACTION' 1.693 1.739  . . 13 394 48.8595  . . . 0.251 . 0.241 . . . . . . . . . . . 
'X-RAY DIFFRACTION' 1.739 1.790  . . 18 471 61.5094  . . . 0.345 . 0.223 . . . . . . . . . . . 
'X-RAY DIFFRACTION' 1.790 1.845  . . 34 584 79.6392  . . . 0.293 . 0.231 . . . . . . . . . . . 
'X-RAY DIFFRACTION' 1.845 1.905  . . 29 705 95.8225  . . . 0.256 . 0.236 . . . . . . . . . . . 
'X-RAY DIFFRACTION' 1.905 1.972  . . 36 693 99.4543  . . . 0.360 . 0.231 . . . . . . . . . . . 
'X-RAY DIFFRACTION' 1.972 2.046  . . 35 678 100.0000 . . . 0.231 . 0.204 . . . . . . . . . . . 
'X-RAY DIFFRACTION' 2.046 2.130  . . 42 639 100.0000 . . . 0.239 . 0.204 . . . . . . . . . . . 
'X-RAY DIFFRACTION' 2.130 2.225  . . 42 611 99.6947  . . . 0.338 . 0.207 . . . . . . . . . . . 
'X-RAY DIFFRACTION' 2.225 2.333  . . 37 589 99.5230  . . . 0.329 . 0.224 . . . . . . . . . . . 
'X-RAY DIFFRACTION' 2.333 2.459  . . 31 568 100.0000 . . . 0.259 . 0.226 . . . . . . . . . . . 
'X-RAY DIFFRACTION' 2.459 2.608  . . 21 556 100.0000 . . . 0.303 . 0.246 . . . . . . . . . . . 
'X-RAY DIFFRACTION' 2.608 2.788  . . 31 510 100.0000 . . . 0.374 . 0.260 . . . . . . . . . . . 
'X-RAY DIFFRACTION' 2.788 3.011  . . 35 472 99.4118  . . . 0.382 . 0.225 . . . . . . . . . . . 
'X-RAY DIFFRACTION' 3.011 3.298  . . 28 436 97.8903  . . . 0.312 . 0.219 . . . . . . . . . . . 
'X-RAY DIFFRACTION' 3.298 3.687  . . 25 402 98.1609  . . . 0.276 . 0.200 . . . . . . . . . . . 
'X-RAY DIFFRACTION' 3.687 4.256  . . 26 338 97.0667  . . . 0.169 . 0.168 . . . . . . . . . . . 
'X-RAY DIFFRACTION' 4.256 5.209  . . 20 311 99.3994  . . . 0.219 . 0.156 . . . . . . . . . . . 
'X-RAY DIFFRACTION' 5.209 7.353  . . 14 253 99.2565  . . . 0.232 . 0.196 . . . . . . . . . . . 
'X-RAY DIFFRACTION' 7.353 28.562 . . 15 138 87.9310  . . . 0.269 . 0.272 . . . . . . . . . . . 
# 
_struct.entry_id                     7U89 
_struct.title                        'Product of 14mer primer with activated G monomer diastereomer 1' 
_struct.pdbx_model_details           ? 
_struct.pdbx_formula_weight          ? 
_struct.pdbx_formula_weight_method   ? 
_struct.pdbx_model_type_details      ? 
_struct.pdbx_CASP_flag               N 
# 
_struct_keywords.entry_id        7U89 
_struct_keywords.text            'RNA duplex, Phosphorothioate, Non-enzymatic RNA extension, RNA' 
_struct_keywords.pdbx_keywords   RNA 
# 
loop_
_struct_asym.id 
_struct_asym.pdbx_blank_PDB_chainid_flag 
_struct_asym.pdbx_modified 
_struct_asym.entity_id 
_struct_asym.details 
A N N 1 ? 
B N N 1 ? 
C N N 2 ? 
D N N 2 ? 
E N N 3 ? 
F N N 3 ? 
# 
_struct_ref.id                         1 
_struct_ref.db_name                    PDB 
_struct_ref.db_code                    7U89 
_struct_ref.pdbx_db_accession          7U89 
_struct_ref.pdbx_db_isoform            ? 
_struct_ref.entity_id                  1 
_struct_ref.pdbx_seq_one_letter_code   ? 
_struct_ref.pdbx_align_begin           1 
# 
loop_
_struct_ref_seq.align_id 
_struct_ref_seq.ref_id 
_struct_ref_seq.pdbx_PDB_id_code 
_struct_ref_seq.pdbx_strand_id 
_struct_ref_seq.seq_align_beg 
_struct_ref_seq.pdbx_seq_align_beg_ins_code 
_struct_ref_seq.seq_align_end 
_struct_ref_seq.pdbx_seq_align_end_ins_code 
_struct_ref_seq.pdbx_db_accession 
_struct_ref_seq.db_align_beg 
_struct_ref_seq.pdbx_db_align_beg_ins_code 
_struct_ref_seq.db_align_end 
_struct_ref_seq.pdbx_db_align_end_ins_code 
_struct_ref_seq.pdbx_auth_seq_align_beg 
_struct_ref_seq.pdbx_auth_seq_align_end 
1 1 7U89 A 1 ? 15 ? 7U89 1 ? 15 ? 1 15 
2 1 7U89 B 1 ? 15 ? 7U89 1 ? 15 ? 1 15 
# 
_pdbx_struct_assembly.id                   1 
_pdbx_struct_assembly.details              author_and_software_defined_assembly 
_pdbx_struct_assembly.method_details       PISA 
_pdbx_struct_assembly.oligomeric_details   dimeric 
_pdbx_struct_assembly.oligomeric_count     2 
# 
loop_
_pdbx_struct_assembly_prop.biol_id 
_pdbx_struct_assembly_prop.type 
_pdbx_struct_assembly_prop.value 
_pdbx_struct_assembly_prop.details 
1 'ABSA (A^2)' 4110 ? 
1 MORE         19   ? 
1 'SSA (A^2)'  5800 ? 
# 
_pdbx_struct_assembly_gen.assembly_id       1 
_pdbx_struct_assembly_gen.oper_expression   1 
_pdbx_struct_assembly_gen.asym_id_list      A,B,C,D,E,F 
# 
_pdbx_struct_assembly_auth_evidence.id                     1 
_pdbx_struct_assembly_auth_evidence.assembly_id            1 
_pdbx_struct_assembly_auth_evidence.experimental_support   none 
_pdbx_struct_assembly_auth_evidence.details                ? 
# 
_pdbx_struct_oper_list.id                   1 
_pdbx_struct_oper_list.type                 'identity operation' 
_pdbx_struct_oper_list.name                 1_555 
_pdbx_struct_oper_list.symmetry_operation   x,y,z 
_pdbx_struct_oper_list.matrix[1][1]         1.0000000000 
_pdbx_struct_oper_list.matrix[1][2]         0.0000000000 
_pdbx_struct_oper_list.matrix[1][3]         0.0000000000 
_pdbx_struct_oper_list.vector[1]            0.0000000000 
_pdbx_struct_oper_list.matrix[2][1]         0.0000000000 
_pdbx_struct_oper_list.matrix[2][2]         1.0000000000 
_pdbx_struct_oper_list.matrix[2][3]         0.0000000000 
_pdbx_struct_oper_list.vector[2]            0.0000000000 
_pdbx_struct_oper_list.matrix[3][1]         0.0000000000 
_pdbx_struct_oper_list.matrix[3][2]         0.0000000000 
_pdbx_struct_oper_list.matrix[3][3]         1.0000000000 
_pdbx_struct_oper_list.vector[3]            0.0000000000 
# 
loop_
_struct_conn.id 
_struct_conn.conn_type_id 
_struct_conn.pdbx_leaving_atom_flag 
_struct_conn.pdbx_PDB_id 
_struct_conn.ptnr1_label_asym_id 
_struct_conn.ptnr1_label_comp_id 
_struct_conn.ptnr1_label_seq_id 
_struct_conn.ptnr1_label_atom_id 
_struct_conn.pdbx_ptnr1_label_alt_id 
_struct_conn.pdbx_ptnr1_PDB_ins_code 
_struct_conn.pdbx_ptnr1_standard_comp_id 
_struct_conn.ptnr1_symmetry 
_struct_conn.ptnr2_label_asym_id 
_struct_conn.ptnr2_label_comp_id 
_struct_conn.ptnr2_label_seq_id 
_struct_conn.ptnr2_label_atom_id 
_struct_conn.pdbx_ptnr2_label_alt_id 
_struct_conn.pdbx_ptnr2_PDB_ins_code 
_struct_conn.ptnr1_auth_asym_id 
_struct_conn.ptnr1_auth_comp_id 
_struct_conn.ptnr1_auth_seq_id 
_struct_conn.ptnr2_auth_asym_id 
_struct_conn.ptnr2_auth_comp_id 
_struct_conn.ptnr2_auth_seq_id 
_struct_conn.ptnr2_symmetry 
_struct_conn.pdbx_ptnr3_label_atom_id 
_struct_conn.pdbx_ptnr3_label_seq_id 
_struct_conn.pdbx_ptnr3_label_comp_id 
_struct_conn.pdbx_ptnr3_label_asym_id 
_struct_conn.pdbx_ptnr3_label_alt_id 
_struct_conn.pdbx_ptnr3_PDB_ins_code 
_struct_conn.details 
_struct_conn.pdbx_dist_value 
_struct_conn.pdbx_value_order 
_struct_conn.pdbx_role 
covale1  covale both ? A LKC 1  "O3'" ? ? ? 1_555 A LCC 2  P  ? ? A LKC 1  A LCC 2  1_555 ? ? ? ? ? ? ?            1.634 ? ? 
covale2  covale both ? A LCC 2  "O3'" ? ? ? 1_555 A LCC 3  P  ? ? A LCC 2  A LCC 3  1_555 ? ? ? ? ? ? ?            1.607 ? ? 
covale3  covale both ? A LCC 3  "O3'" ? ? ? 1_555 A LCG 4  P  ? ? A LCC 3  A LCG 4  1_555 ? ? ? ? ? ? ?            1.571 ? ? 
covale4  covale both ? A LCG 4  "O3'" ? ? ? 1_555 A A   5  P  ? ? A LCG 4  A A   5  1_555 ? ? ? ? ? ? ?            1.568 ? ? 
covale5  covale both ? A G   14 "O3'" ? ? ? 1_555 A G46 15 P  ? ? A G   14 A G46 15 1_555 ? ? ? ? ? ? ?            1.630 ? ? 
covale6  covale both ? B LKC 1  "O3'" ? ? ? 1_555 B LCC 2  P  ? ? B LKC 1  B LCC 2  1_555 ? ? ? ? ? ? ?            1.646 ? ? 
covale7  covale both ? B LCC 2  "O3'" ? ? ? 1_555 B LCC 3  P  ? ? B LCC 2  B LCC 3  1_555 ? ? ? ? ? ? ?            1.594 ? ? 
covale8  covale both ? B LCC 3  "O3'" ? ? ? 1_555 B LCG 4  P  ? ? B LCC 3  B LCG 4  1_555 ? ? ? ? ? ? ?            1.569 ? ? 
covale9  covale both ? B LCG 4  "O3'" ? ? ? 1_555 B A   5  P  ? ? B LCG 4  B A   5  1_555 ? ? ? ? ? ? ?            1.567 ? ? 
covale10 covale both ? B G   14 "O3'" ? ? ? 1_555 B G46 15 P  ? ? B G   14 B G46 15 1_555 ? ? ? ? ? ? ?            1.648 ? ? 
hydrog1  hydrog ?    ? A LCG 4  N1    ? ? ? 1_555 B C   13 N3 ? ? A LCG 4  B C   13 1_555 ? ? ? ? ? ? WATSON-CRICK ?     ? ? 
hydrog2  hydrog ?    ? A LCG 4  N2    ? ? ? 1_555 B C   13 O2 ? ? A LCG 4  B C   13 1_555 ? ? ? ? ? ? WATSON-CRICK ?     ? ? 
hydrog3  hydrog ?    ? A LCG 4  O6    ? ? ? 1_555 B C   13 N4 ? ? A LCG 4  B C   13 1_555 ? ? ? ? ? ? WATSON-CRICK ?     ? ? 
hydrog4  hydrog ?    ? A A   5  N1    ? ? ? 1_555 B U   12 N3 ? ? A A   5  B U   12 1_555 ? ? ? ? ? ? WATSON-CRICK ?     ? ? 
hydrog5  hydrog ?    ? A A   5  N6    ? ? ? 1_555 B U   12 O4 ? ? A A   5  B U   12 1_555 ? ? ? ? ? ? WATSON-CRICK ?     ? ? 
hydrog6  hydrog ?    ? A C   6  N3    ? ? ? 1_555 B G   11 N1 ? ? A C   6  B G   11 1_555 ? ? ? ? ? ? WATSON-CRICK ?     ? ? 
hydrog7  hydrog ?    ? A C   6  N4    ? ? ? 1_555 B G   11 O6 ? ? A C   6  B G   11 1_555 ? ? ? ? ? ? WATSON-CRICK ?     ? ? 
hydrog8  hydrog ?    ? A C   6  O2    ? ? ? 1_555 B G   11 N2 ? ? A C   6  B G   11 1_555 ? ? ? ? ? ? WATSON-CRICK ?     ? ? 
hydrog9  hydrog ?    ? A U   7  N3    ? ? ? 1_555 B A   10 N1 ? ? A U   7  B A   10 1_555 ? ? ? ? ? ? WATSON-CRICK ?     ? ? 
hydrog10 hydrog ?    ? A U   7  O4    ? ? ? 1_555 B A   10 N6 ? ? A U   7  B A   10 1_555 ? ? ? ? ? ? WATSON-CRICK ?     ? ? 
hydrog11 hydrog ?    ? A U   8  N3    ? ? ? 1_555 B A   9  N1 ? ? A U   8  B A   9  1_555 ? ? ? ? ? ? WATSON-CRICK ?     ? ? 
hydrog12 hydrog ?    ? A U   8  O4    ? ? ? 1_555 B A   9  N6 ? ? A U   8  B A   9  1_555 ? ? ? ? ? ? WATSON-CRICK ?     ? ? 
hydrog13 hydrog ?    ? A A   9  N1    ? ? ? 1_555 B U   8  N3 ? ? A A   9  B U   8  1_555 ? ? ? ? ? ? WATSON-CRICK ?     ? ? 
hydrog14 hydrog ?    ? A A   9  N6    ? ? ? 1_555 B U   8  O4 ? ? A A   9  B U   8  1_555 ? ? ? ? ? ? WATSON-CRICK ?     ? ? 
hydrog15 hydrog ?    ? A A   10 N1    ? ? ? 1_555 B U   7  N3 ? ? A A   10 B U   7  1_555 ? ? ? ? ? ? WATSON-CRICK ?     ? ? 
hydrog16 hydrog ?    ? A A   10 N6    ? ? ? 1_555 B U   7  O4 ? ? A A   10 B U   7  1_555 ? ? ? ? ? ? WATSON-CRICK ?     ? ? 
hydrog17 hydrog ?    ? A G   11 N1    ? ? ? 1_555 B C   6  N3 ? ? A G   11 B C   6  1_555 ? ? ? ? ? ? WATSON-CRICK ?     ? ? 
hydrog18 hydrog ?    ? A G   11 N2    ? ? ? 1_555 B C   6  O2 ? ? A G   11 B C   6  1_555 ? ? ? ? ? ? WATSON-CRICK ?     ? ? 
hydrog19 hydrog ?    ? A G   11 O6    ? ? ? 1_555 B C   6  N4 ? ? A G   11 B C   6  1_555 ? ? ? ? ? ? WATSON-CRICK ?     ? ? 
hydrog20 hydrog ?    ? A U   12 N3    ? ? ? 1_555 B A   5  N1 ? ? A U   12 B A   5  1_555 ? ? ? ? ? ? WATSON-CRICK ?     ? ? 
hydrog21 hydrog ?    ? A U   12 O4    ? ? ? 1_555 B A   5  N6 ? ? A U   12 B A   5  1_555 ? ? ? ? ? ? WATSON-CRICK ?     ? ? 
hydrog22 hydrog ?    ? A C   13 N3    ? ? ? 1_555 B LCG 4  N1 ? ? A C   13 B LCG 4  1_555 ? ? ? ? ? ? WATSON-CRICK ?     ? ? 
hydrog23 hydrog ?    ? A C   13 N4    ? ? ? 1_555 B LCG 4  O6 ? ? A C   13 B LCG 4  1_555 ? ? ? ? ? ? WATSON-CRICK ?     ? ? 
hydrog24 hydrog ?    ? A C   13 O2    ? ? ? 1_555 B LCG 4  N2 ? ? A C   13 B LCG 4  1_555 ? ? ? ? ? ? WATSON-CRICK ?     ? ? 
# 
loop_
_struct_conn_type.id 
_struct_conn_type.criteria 
_struct_conn_type.reference 
covale ? ? 
hydrog ? ? 
# 
loop_
_pdbx_validate_close_contact.id 
_pdbx_validate_close_contact.PDB_model_num 
_pdbx_validate_close_contact.auth_atom_id_1 
_pdbx_validate_close_contact.auth_asym_id_1 
_pdbx_validate_close_contact.auth_comp_id_1 
_pdbx_validate_close_contact.auth_seq_id_1 
_pdbx_validate_close_contact.PDB_ins_code_1 
_pdbx_validate_close_contact.label_alt_id_1 
_pdbx_validate_close_contact.auth_atom_id_2 
_pdbx_validate_close_contact.auth_asym_id_2 
_pdbx_validate_close_contact.auth_comp_id_2 
_pdbx_validate_close_contact.auth_seq_id_2 
_pdbx_validate_close_contact.PDB_ins_code_2 
_pdbx_validate_close_contact.label_alt_id_2 
_pdbx_validate_close_contact.dist 
1 1 O B HOH 241 ? ? O B HOH 245 ? ? 1.91 
2 1 O A HOH 240 ? ? O B HOH 239 ? ? 2.06 
# 
loop_
_pdbx_validate_rmsd_angle.id 
_pdbx_validate_rmsd_angle.PDB_model_num 
_pdbx_validate_rmsd_angle.auth_atom_id_1 
_pdbx_validate_rmsd_angle.auth_asym_id_1 
_pdbx_validate_rmsd_angle.auth_comp_id_1 
_pdbx_validate_rmsd_angle.auth_seq_id_1 
_pdbx_validate_rmsd_angle.PDB_ins_code_1 
_pdbx_validate_rmsd_angle.label_alt_id_1 
_pdbx_validate_rmsd_angle.auth_atom_id_2 
_pdbx_validate_rmsd_angle.auth_asym_id_2 
_pdbx_validate_rmsd_angle.auth_comp_id_2 
_pdbx_validate_rmsd_angle.auth_seq_id_2 
_pdbx_validate_rmsd_angle.PDB_ins_code_2 
_pdbx_validate_rmsd_angle.label_alt_id_2 
_pdbx_validate_rmsd_angle.auth_atom_id_3 
_pdbx_validate_rmsd_angle.auth_asym_id_3 
_pdbx_validate_rmsd_angle.auth_comp_id_3 
_pdbx_validate_rmsd_angle.auth_seq_id_3 
_pdbx_validate_rmsd_angle.PDB_ins_code_3 
_pdbx_validate_rmsd_angle.label_alt_id_3 
_pdbx_validate_rmsd_angle.angle_value 
_pdbx_validate_rmsd_angle.angle_target_value 
_pdbx_validate_rmsd_angle.angle_deviation 
_pdbx_validate_rmsd_angle.angle_standard_deviation 
_pdbx_validate_rmsd_angle.linker_flag 
1 1 "O3'" A LCG 4  ? ? P     A A   5  ? ? OP2   A A   5  ? ? 126.67 110.50 16.17 1.10 Y 
2 1 "C3'" A U   12 ? ? "O3'" A U   12 ? ? P     A C   13 ? ? 111.65 119.70 -8.05 1.20 Y 
3 1 "O3'" A G   14 ? ? P     A G46 15 ? ? "O5'" A G46 15 ? ? 117.52 104.00 13.52 1.90 Y 
4 1 "O3'" B LCG 4  ? ? P     B A   5  ? ? OP2   B A   5  ? ? 124.50 110.50 14.00 1.10 Y 
5 1 "O3'" B U   7  ? ? P     B U   8  ? ? OP2   B U   8  ? ? 118.38 110.50 7.88  1.10 Y 
# 
loop_
_pdbx_struct_special_symmetry.id 
_pdbx_struct_special_symmetry.PDB_model_num 
_pdbx_struct_special_symmetry.auth_asym_id 
_pdbx_struct_special_symmetry.auth_comp_id 
_pdbx_struct_special_symmetry.auth_seq_id 
_pdbx_struct_special_symmetry.PDB_ins_code 
_pdbx_struct_special_symmetry.label_asym_id 
_pdbx_struct_special_symmetry.label_comp_id 
_pdbx_struct_special_symmetry.label_seq_id 
1 1 A HOH 221 ? E HOH . 
2 1 A HOH 231 ? E HOH . 
3 1 A HOH 238 ? E HOH . 
4 1 A HOH 252 ? E HOH . 
5 1 B HOH 226 ? F HOH . 
6 1 B HOH 234 ? F HOH . 
# 
_pdbx_entry_details.entry_id                 7U89 
_pdbx_entry_details.has_ligand_of_interest   Y 
_pdbx_entry_details.compound_details         ? 
_pdbx_entry_details.source_details           ? 
_pdbx_entry_details.nonpolymer_details       ? 
_pdbx_entry_details.sequence_details         ? 
# 
_pdbx_distant_solvent_atoms.id                                1 
_pdbx_distant_solvent_atoms.PDB_model_num                     1 
_pdbx_distant_solvent_atoms.auth_atom_id                      O 
_pdbx_distant_solvent_atoms.label_alt_id                      ? 
_pdbx_distant_solvent_atoms.auth_asym_id                      A 
_pdbx_distant_solvent_atoms.auth_comp_id                      HOH 
_pdbx_distant_solvent_atoms.auth_seq_id                       252 
_pdbx_distant_solvent_atoms.PDB_ins_code                      ? 
_pdbx_distant_solvent_atoms.neighbor_macromolecule_distance   6.21 
_pdbx_distant_solvent_atoms.neighbor_ligand_distance          . 
# 
loop_
_chem_comp_atom.comp_id 
_chem_comp_atom.atom_id 
_chem_comp_atom.type_symbol 
_chem_comp_atom.pdbx_aromatic_flag 
_chem_comp_atom.pdbx_stereo_config 
_chem_comp_atom.pdbx_ordinal 
A   OP3    O N N 1   
A   P      P N N 2   
A   OP1    O N N 3   
A   OP2    O N N 4   
A   "O5'"  O N N 5   
A   "C5'"  C N N 6   
A   "C4'"  C N R 7   
A   "O4'"  O N N 8   
A   "C3'"  C N S 9   
A   "O3'"  O N N 10  
A   "C2'"  C N R 11  
A   "O2'"  O N N 12  
A   "C1'"  C N R 13  
A   N9     N Y N 14  
A   C8     C Y N 15  
A   N7     N Y N 16  
A   C5     C Y N 17  
A   C6     C Y N 18  
A   N6     N N N 19  
A   N1     N Y N 20  
A   C2     C Y N 21  
A   N3     N Y N 22  
A   C4     C Y N 23  
A   HOP3   H N N 24  
A   HOP2   H N N 25  
A   "H5'"  H N N 26  
A   "H5''" H N N 27  
A   "H4'"  H N N 28  
A   "H3'"  H N N 29  
A   "HO3'" H N N 30  
A   "H2'"  H N N 31  
A   "HO2'" H N N 32  
A   "H1'"  H N N 33  
A   H8     H N N 34  
A   H61    H N N 35  
A   H62    H N N 36  
A   H2     H N N 37  
C   OP3    O N N 38  
C   P      P N N 39  
C   OP1    O N N 40  
C   OP2    O N N 41  
C   "O5'"  O N N 42  
C   "C5'"  C N N 43  
C   "C4'"  C N R 44  
C   "O4'"  O N N 45  
C   "C3'"  C N S 46  
C   "O3'"  O N N 47  
C   "C2'"  C N R 48  
C   "O2'"  O N N 49  
C   "C1'"  C N R 50  
C   N1     N N N 51  
C   C2     C N N 52  
C   O2     O N N 53  
C   N3     N N N 54  
C   C4     C N N 55  
C   N4     N N N 56  
C   C5     C N N 57  
C   C6     C N N 58  
C   HOP3   H N N 59  
C   HOP2   H N N 60  
C   "H5'"  H N N 61  
C   "H5''" H N N 62  
C   "H4'"  H N N 63  
C   "H3'"  H N N 64  
C   "HO3'" H N N 65  
C   "H2'"  H N N 66  
C   "HO2'" H N N 67  
C   "H1'"  H N N 68  
C   H41    H N N 69  
C   H42    H N N 70  
C   H5     H N N 71  
C   H6     H N N 72  
G   OP3    O N N 73  
G   P      P N N 74  
G   OP1    O N N 75  
G   OP2    O N N 76  
G   "O5'"  O N N 77  
G   "C5'"  C N N 78  
G   "C4'"  C N R 79  
G   "O4'"  O N N 80  
G   "C3'"  C N S 81  
G   "O3'"  O N N 82  
G   "C2'"  C N R 83  
G   "O2'"  O N N 84  
G   "C1'"  C N R 85  
G   N9     N Y N 86  
G   C8     C Y N 87  
G   N7     N Y N 88  
G   C5     C Y N 89  
G   C6     C N N 90  
G   O6     O N N 91  
G   N1     N N N 92  
G   C2     C N N 93  
G   N2     N N N 94  
G   N3     N N N 95  
G   C4     C Y N 96  
G   HOP3   H N N 97  
G   HOP2   H N N 98  
G   "H5'"  H N N 99  
G   "H5''" H N N 100 
G   "H4'"  H N N 101 
G   "H3'"  H N N 102 
G   "HO3'" H N N 103 
G   "H2'"  H N N 104 
G   "HO2'" H N N 105 
G   "H1'"  H N N 106 
G   H8     H N N 107 
G   H1     H N N 108 
G   H21    H N N 109 
G   H22    H N N 110 
G46 P      P N N 111 
G46 O1P    O N N 112 
G46 S2P    S N N 113 
G46 O3P    O N N 114 
G46 "O5'"  O N N 115 
G46 "C5'"  C N N 116 
G46 "C4'"  C N R 117 
G46 "O4'"  O N N 118 
G46 "C3'"  C N S 119 
G46 "O3'"  O N N 120 
G46 "C2'"  C N R 121 
G46 "C1'"  C N R 122 
G46 "O2'"  O N N 123 
G46 N9     N Y N 124 
G46 C8     C Y N 125 
G46 N7     N Y N 126 
G46 C5     C Y N 127 
G46 C6     C N N 128 
G46 O6     O N N 129 
G46 N1     N N N 130 
G46 C2     C N N 131 
G46 N2     N N N 132 
G46 N3     N N N 133 
G46 C4     C Y N 134 
G46 H1P    H N N 135 
G46 HS     H N N 136 
G46 "H5'1" H N N 137 
G46 "H5'2" H N N 138 
G46 "H4'"  H N N 139 
G46 "H3'"  H N N 140 
G46 HA     H N N 141 
G46 "H2'"  H N N 142 
G46 "H1'"  H N N 143 
G46 HB     H N N 144 
G46 H8     H N N 145 
G46 H1     H N N 146 
G46 H2N1   H N N 147 
G46 H2N2   H N N 148 
HOH O      O N N 149 
HOH H1     H N N 150 
HOH H2     H N N 151 
LCC "O5'"  O N N 152 
LCC "C5'"  C N N 153 
LCC "C4'"  C N R 154 
LCC "O4'"  O N N 155 
LCC "C1'"  C N R 156 
LCC N1     N N N 157 
LCC C6     C N N 158 
LCC C5     C N N 159 
LCC C5M    C N N 160 
LCC C4     C N N 161 
LCC N4     N N N 162 
LCC N3     N N N 163 
LCC C2     C N N 164 
LCC O2     O N N 165 
LCC "C3'"  C N S 166 
LCC "C2'"  C N R 167 
LCC "O2'"  O N N 168 
LCC "O3'"  O N N 169 
LCC "C6'"  C N N 170 
LCC P      P N N 171 
LCC O1P    O N N 172 
LCC O2P    O N N 173 
LCC OXT    O N N 174 
LCC "H5'1" H N N 175 
LCC "H5'2" H N N 176 
LCC "H1'"  H N N 177 
LCC H6     H N N 178 
LCC H5M1   H N N 179 
LCC H5M2   H N N 180 
LCC H5M3   H N N 181 
LCC H41    H N N 182 
LCC H42    H N N 183 
LCC "H3'"  H N N 184 
LCC "H2'1" H N N 185 
LCC H3T    H N N 186 
LCC "H6'1" H N N 187 
LCC "H6'2" H N N 188 
LCC H1P    H N N 189 
LCC HXT    H N N 190 
LCG P      P N N 191 
LCG OP1    O N N 192 
LCG "O5'"  O N N 193 
LCG "C5'"  C N N 194 
LCG "C3'"  C N S 195 
LCG "C6'"  C N N 196 
LCG N9     N Y N 197 
LCG C8     C Y N 198 
LCG C4     C Y N 199 
LCG N7     N Y N 200 
LCG C5     C Y N 201 
LCG C6     C N N 202 
LCG "C2'"  C N R 203 
LCG O6     O N N 204 
LCG "C4'"  C N R 205 
LCG "C1'"  C N R 206 
LCG C2     C N N 207 
LCG N1     N N N 208 
LCG "O4'"  O N N 209 
LCG OP2    O N N 210 
LCG N2     N N N 211 
LCG N3     N N N 212 
LCG "O2'"  O N N 213 
LCG "O3'"  O N N 214 
LCG OP3    O N N 215 
LCG "H5'"  H N N 216 
LCG "H5''" H N N 217 
LCG "H3'"  H N N 218 
LCG "H6'1" H N N 219 
LCG "H6'2" H N N 220 
LCG H8     H N N 221 
LCG "H2'"  H N N 222 
LCG "H1'"  H N N 223 
LCG H1     H N N 224 
LCG HOP2   H N N 225 
LCG H21    H N N 226 
LCG H22    H N N 227 
LCG "HO3'" H N N 228 
LCG HOP3   H N N 229 
LKC N1     N N N 230 
LKC C2     C N N 231 
LKC N3     N N N 232 
LKC C4     C N N 233 
LKC C5     C N N 234 
LKC C6     C N N 235 
LKC O2     O N N 236 
LKC N4     N N N 237 
LKC "C1'"  C N R 238 
LKC "C2'"  C N R 239 
LKC "C3'"  C N S 240 
LKC "C4'"  C N S 241 
LKC "O4'"  O N N 242 
LKC "O3'"  O N N 243 
LKC "C5'"  C N N 244 
LKC "O5'"  O N N 245 
LKC C5A    C N N 246 
LKC "O2'"  O N N 247 
LKC "C6'"  C N N 248 
LKC H6     H N N 249 
LKC H41    H N N 250 
LKC H42    H N N 251 
LKC "H1'"  H N N 252 
LKC "H2'1" H N N 253 
LKC "H3'"  H N N 254 
LKC H3T    H N N 255 
LKC "H5'1" H N N 256 
LKC "H5'2" H N N 257 
LKC H5T    H N N 258 
LKC H5M1   H N N 259 
LKC H5M2   H N N 260 
LKC H5M3   H N N 261 
LKC "H6'1" H N N 262 
LKC "H6'2" H N N 263 
LXI N1     N Y N 264 
LXI C1     C Y N 265 
LXI N2     N Y N 266 
LXI C2     C Y N 267 
LXI C3     C N N 268 
LXI N3     N N N 269 
LXI C4     C N N 270 
LXI N4     N N N 271 
LXI C5     C Y N 272 
LXI O1     O N N 273 
LXI N5     N N N 274 
LXI C6     C N R 275 
LXI O2     O N N 276 
LXI C7     C N R 277 
LXI O3     O N N 278 
LXI C8     C N S 279 
LXI O4     O N N 280 
LXI C9     C N R 281 
LXI C10    C N N 282 
LXI O5     O N N 283 
LXI P1     P N R 284 
LXI S1     S N N 285 
LXI O6     O N N 286 
LXI N6     N Y N 287 
LXI C11    C Y N 288 
LXI C12    C Y N 289 
LXI N7     N Y N 290 
LXI C13    C Y N 291 
LXI N8     N N N 292 
LXI H1     H N N 293 
LXI H2     H N N 294 
LXI H3     H N N 295 
LXI H4     H N N 296 
LXI H5     H N N 297 
LXI H6     H N N 298 
LXI H7     H N N 299 
LXI H8     H N N 300 
LXI H9     H N N 301 
LXI H10    H N N 302 
LXI H11    H N N 303 
LXI H12    H N N 304 
LXI H13    H N N 305 
LXI H14    H N N 306 
LXI H15    H N N 307 
LXI H16    H N N 308 
LXI H17    H N N 309 
U   OP3    O N N 310 
U   P      P N N 311 
U   OP1    O N N 312 
U   OP2    O N N 313 
U   "O5'"  O N N 314 
U   "C5'"  C N N 315 
U   "C4'"  C N R 316 
U   "O4'"  O N N 317 
U   "C3'"  C N S 318 
U   "O3'"  O N N 319 
U   "C2'"  C N R 320 
U   "O2'"  O N N 321 
U   "C1'"  C N R 322 
U   N1     N N N 323 
U   C2     C N N 324 
U   O2     O N N 325 
U   N3     N N N 326 
U   C4     C N N 327 
U   O4     O N N 328 
U   C5     C N N 329 
U   C6     C N N 330 
U   HOP3   H N N 331 
U   HOP2   H N N 332 
U   "H5'"  H N N 333 
U   "H5''" H N N 334 
U   "H4'"  H N N 335 
U   "H3'"  H N N 336 
U   "HO3'" H N N 337 
U   "H2'"  H N N 338 
U   "HO2'" H N N 339 
U   "H1'"  H N N 340 
U   H3     H N N 341 
U   H5     H N N 342 
U   H6     H N N 343 
# 
loop_
_chem_comp_bond.comp_id 
_chem_comp_bond.atom_id_1 
_chem_comp_bond.atom_id_2 
_chem_comp_bond.value_order 
_chem_comp_bond.pdbx_aromatic_flag 
_chem_comp_bond.pdbx_stereo_config 
_chem_comp_bond.pdbx_ordinal 
A   OP3   P      sing N N 1   
A   OP3   HOP3   sing N N 2   
A   P     OP1    doub N N 3   
A   P     OP2    sing N N 4   
A   P     "O5'"  sing N N 5   
A   OP2   HOP2   sing N N 6   
A   "O5'" "C5'"  sing N N 7   
A   "C5'" "C4'"  sing N N 8   
A   "C5'" "H5'"  sing N N 9   
A   "C5'" "H5''" sing N N 10  
A   "C4'" "O4'"  sing N N 11  
A   "C4'" "C3'"  sing N N 12  
A   "C4'" "H4'"  sing N N 13  
A   "O4'" "C1'"  sing N N 14  
A   "C3'" "O3'"  sing N N 15  
A   "C3'" "C2'"  sing N N 16  
A   "C3'" "H3'"  sing N N 17  
A   "O3'" "HO3'" sing N N 18  
A   "C2'" "O2'"  sing N N 19  
A   "C2'" "C1'"  sing N N 20  
A   "C2'" "H2'"  sing N N 21  
A   "O2'" "HO2'" sing N N 22  
A   "C1'" N9     sing N N 23  
A   "C1'" "H1'"  sing N N 24  
A   N9    C8     sing Y N 25  
A   N9    C4     sing Y N 26  
A   C8    N7     doub Y N 27  
A   C8    H8     sing N N 28  
A   N7    C5     sing Y N 29  
A   C5    C6     sing Y N 30  
A   C5    C4     doub Y N 31  
A   C6    N6     sing N N 32  
A   C6    N1     doub Y N 33  
A   N6    H61    sing N N 34  
A   N6    H62    sing N N 35  
A   N1    C2     sing Y N 36  
A   C2    N3     doub Y N 37  
A   C2    H2     sing N N 38  
A   N3    C4     sing Y N 39  
C   OP3   P      sing N N 40  
C   OP3   HOP3   sing N N 41  
C   P     OP1    doub N N 42  
C   P     OP2    sing N N 43  
C   P     "O5'"  sing N N 44  
C   OP2   HOP2   sing N N 45  
C   "O5'" "C5'"  sing N N 46  
C   "C5'" "C4'"  sing N N 47  
C   "C5'" "H5'"  sing N N 48  
C   "C5'" "H5''" sing N N 49  
C   "C4'" "O4'"  sing N N 50  
C   "C4'" "C3'"  sing N N 51  
C   "C4'" "H4'"  sing N N 52  
C   "O4'" "C1'"  sing N N 53  
C   "C3'" "O3'"  sing N N 54  
C   "C3'" "C2'"  sing N N 55  
C   "C3'" "H3'"  sing N N 56  
C   "O3'" "HO3'" sing N N 57  
C   "C2'" "O2'"  sing N N 58  
C   "C2'" "C1'"  sing N N 59  
C   "C2'" "H2'"  sing N N 60  
C   "O2'" "HO2'" sing N N 61  
C   "C1'" N1     sing N N 62  
C   "C1'" "H1'"  sing N N 63  
C   N1    C2     sing N N 64  
C   N1    C6     sing N N 65  
C   C2    O2     doub N N 66  
C   C2    N3     sing N N 67  
C   N3    C4     doub N N 68  
C   C4    N4     sing N N 69  
C   C4    C5     sing N N 70  
C   N4    H41    sing N N 71  
C   N4    H42    sing N N 72  
C   C5    C6     doub N N 73  
C   C5    H5     sing N N 74  
C   C6    H6     sing N N 75  
G   OP3   P      sing N N 76  
G   OP3   HOP3   sing N N 77  
G   P     OP1    doub N N 78  
G   P     OP2    sing N N 79  
G   P     "O5'"  sing N N 80  
G   OP2   HOP2   sing N N 81  
G   "O5'" "C5'"  sing N N 82  
G   "C5'" "C4'"  sing N N 83  
G   "C5'" "H5'"  sing N N 84  
G   "C5'" "H5''" sing N N 85  
G   "C4'" "O4'"  sing N N 86  
G   "C4'" "C3'"  sing N N 87  
G   "C4'" "H4'"  sing N N 88  
G   "O4'" "C1'"  sing N N 89  
G   "C3'" "O3'"  sing N N 90  
G   "C3'" "C2'"  sing N N 91  
G   "C3'" "H3'"  sing N N 92  
G   "O3'" "HO3'" sing N N 93  
G   "C2'" "O2'"  sing N N 94  
G   "C2'" "C1'"  sing N N 95  
G   "C2'" "H2'"  sing N N 96  
G   "O2'" "HO2'" sing N N 97  
G   "C1'" N9     sing N N 98  
G   "C1'" "H1'"  sing N N 99  
G   N9    C8     sing Y N 100 
G   N9    C4     sing Y N 101 
G   C8    N7     doub Y N 102 
G   C8    H8     sing N N 103 
G   N7    C5     sing Y N 104 
G   C5    C6     sing N N 105 
G   C5    C4     doub Y N 106 
G   C6    O6     doub N N 107 
G   C6    N1     sing N N 108 
G   N1    C2     sing N N 109 
G   N1    H1     sing N N 110 
G   C2    N2     sing N N 111 
G   C2    N3     doub N N 112 
G   N2    H21    sing N N 113 
G   N2    H22    sing N N 114 
G   N3    C4     sing N N 115 
G46 P     O1P    sing N N 116 
G46 P     S2P    sing N N 117 
G46 P     O3P    doub N N 118 
G46 P     "O5'"  sing N N 119 
G46 O1P   H1P    sing N N 120 
G46 S2P   HS     sing N N 121 
G46 "O5'" "C5'"  sing N N 122 
G46 "C5'" "C4'"  sing N N 123 
G46 "C5'" "H5'1" sing N N 124 
G46 "C5'" "H5'2" sing N N 125 
G46 "C4'" "O4'"  sing N N 126 
G46 "C4'" "C3'"  sing N N 127 
G46 "C4'" "H4'"  sing N N 128 
G46 "O4'" "C1'"  sing N N 129 
G46 "C3'" "O3'"  sing N N 130 
G46 "C3'" "C2'"  sing N N 131 
G46 "C3'" "H3'"  sing N N 132 
G46 "O3'" HA     sing N N 133 
G46 "C2'" "C1'"  sing N N 134 
G46 "C2'" "O2'"  sing N N 135 
G46 "C2'" "H2'"  sing N N 136 
G46 "C1'" N9     sing N N 137 
G46 "C1'" "H1'"  sing N N 138 
G46 "O2'" HB     sing N N 139 
G46 N9    C8     sing Y N 140 
G46 N9    C4     sing Y N 141 
G46 C8    N7     doub Y N 142 
G46 C8    H8     sing N N 143 
G46 N7    C5     sing Y N 144 
G46 C5    C6     sing N N 145 
G46 C5    C4     doub Y N 146 
G46 C6    O6     doub N N 147 
G46 C6    N1     sing N N 148 
G46 N1    C2     sing N N 149 
G46 N1    H1     sing N N 150 
G46 C2    N2     sing N N 151 
G46 C2    N3     doub N N 152 
G46 N2    H2N1   sing N N 153 
G46 N2    H2N2   sing N N 154 
G46 N3    C4     sing N N 155 
HOH O     H1     sing N N 156 
HOH O     H2     sing N N 157 
LCC "O5'" "C5'"  sing N N 158 
LCC "O5'" P      sing N N 159 
LCC "C5'" "C4'"  sing N N 160 
LCC "C5'" "H5'1" sing N N 161 
LCC "C5'" "H5'2" sing N N 162 
LCC "C4'" "O4'"  sing N N 163 
LCC "C4'" "C3'"  sing N N 164 
LCC "C4'" "C6'"  sing N N 165 
LCC "O4'" "C1'"  sing N N 166 
LCC "C1'" N1     sing N N 167 
LCC "C1'" "C2'"  sing N N 168 
LCC "C1'" "H1'"  sing N N 169 
LCC N1    C6     sing N N 170 
LCC N1    C2     sing N N 171 
LCC C6    C5     doub N N 172 
LCC C6    H6     sing N N 173 
LCC C5    C5M    sing N N 174 
LCC C5    C4     sing N N 175 
LCC C5M   H5M1   sing N N 176 
LCC C5M   H5M2   sing N N 177 
LCC C5M   H5M3   sing N N 178 
LCC C4    N4     sing N N 179 
LCC C4    N3     doub N N 180 
LCC N4    H41    sing N N 181 
LCC N4    H42    sing N N 182 
LCC N3    C2     sing N N 183 
LCC C2    O2     doub N N 184 
LCC "C3'" "C2'"  sing N N 185 
LCC "C3'" "O3'"  sing N N 186 
LCC "C3'" "H3'"  sing N N 187 
LCC "C2'" "O2'"  sing N N 188 
LCC "C2'" "H2'1" sing N N 189 
LCC "O2'" "C6'"  sing N N 190 
LCC "O3'" H3T    sing N N 191 
LCC "C6'" "H6'1" sing N N 192 
LCC "C6'" "H6'2" sing N N 193 
LCC P     O1P    sing N N 194 
LCC P     O2P    doub N N 195 
LCC P     OXT    sing N N 196 
LCC O1P   H1P    sing N N 197 
LCC OXT   HXT    sing N N 198 
LCG P     OP1    doub N N 199 
LCG P     "O5'"  sing N N 200 
LCG P     OP2    sing N N 201 
LCG P     OP3    sing N N 202 
LCG "O5'" "C5'"  sing N N 203 
LCG "C5'" "C4'"  sing N N 204 
LCG "C5'" "H5'"  sing N N 205 
LCG "C5'" "H5''" sing N N 206 
LCG "C3'" "C2'"  sing N N 207 
LCG "C3'" "C4'"  sing N N 208 
LCG "C3'" "O3'"  sing N N 209 
LCG "C3'" "H3'"  sing N N 210 
LCG "C6'" "C4'"  sing N N 211 
LCG "C6'" "O2'"  sing N N 212 
LCG "C6'" "H6'1" sing N N 213 
LCG "C6'" "H6'2" sing N N 214 
LCG N9    C8     sing Y N 215 
LCG N9    C4     sing Y N 216 
LCG N9    "C1'"  sing N N 217 
LCG C8    N7     doub Y N 218 
LCG C8    H8     sing N N 219 
LCG C4    C5     doub Y N 220 
LCG C4    N3     sing N N 221 
LCG N7    C5     sing Y N 222 
LCG C5    C6     sing N N 223 
LCG C6    O6     doub N N 224 
LCG C6    N1     sing N N 225 
LCG "C2'" "C1'"  sing N N 226 
LCG "C2'" "O2'"  sing N N 227 
LCG "C2'" "H2'"  sing N N 228 
LCG "C4'" "O4'"  sing N N 229 
LCG "C1'" "O4'"  sing N N 230 
LCG "C1'" "H1'"  sing N N 231 
LCG C2    N1     sing N N 232 
LCG C2    N2     sing N N 233 
LCG C2    N3     doub N N 234 
LCG N1    H1     sing N N 235 
LCG OP2   HOP2   sing N N 236 
LCG N2    H21    sing N N 237 
LCG N2    H22    sing N N 238 
LCG "O3'" "HO3'" sing N N 239 
LCG OP3   HOP3   sing N N 240 
LKC N1    C2     sing N N 241 
LKC N1    C6     sing N N 242 
LKC N1    "C1'"  sing N N 243 
LKC C2    N3     sing N N 244 
LKC C2    O2     doub N N 245 
LKC N3    C4     doub N N 246 
LKC C4    C5     sing N N 247 
LKC C4    N4     sing N N 248 
LKC C5    C6     doub N N 249 
LKC C5    C5A    sing N N 250 
LKC C6    H6     sing N N 251 
LKC N4    H41    sing N N 252 
LKC N4    H42    sing N N 253 
LKC "C1'" "C2'"  sing N N 254 
LKC "C1'" "O4'"  sing N N 255 
LKC "C1'" "H1'"  sing N N 256 
LKC "C2'" "C3'"  sing N N 257 
LKC "C2'" "O2'"  sing N N 258 
LKC "C2'" "H2'1" sing N N 259 
LKC "C3'" "C4'"  sing N N 260 
LKC "C3'" "O3'"  sing N N 261 
LKC "C3'" "H3'"  sing N N 262 
LKC "C4'" "O4'"  sing N N 263 
LKC "C4'" "C5'"  sing N N 264 
LKC "C4'" "C6'"  sing N N 265 
LKC "O3'" H3T    sing N N 266 
LKC "C5'" "O5'"  sing N N 267 
LKC "C5'" "H5'1" sing N N 268 
LKC "C5'" "H5'2" sing N N 269 
LKC "O5'" H5T    sing N N 270 
LKC C5A   H5M1   sing N N 271 
LKC C5A   H5M2   sing N N 272 
LKC C5A   H5M3   sing N N 273 
LKC "O2'" "C6'"  sing N N 274 
LKC "C6'" "H6'1" sing N N 275 
LKC "C6'" "H6'2" sing N N 276 
LXI N5    C4     sing N N 277 
LXI N3    C4     sing N N 278 
LXI N3    C3     sing N N 279 
LXI C4    N4     doub N N 280 
LXI N4    C5     sing N N 281 
LXI C3    O1     doub N N 282 
LXI C3    C2     sing N N 283 
LXI C5    C2     doub Y N 284 
LXI C5    N1     sing Y N 285 
LXI C2    N2     sing Y N 286 
LXI N8    C13    sing N N 287 
LXI N2    C1     doub Y N 288 
LXI N1    C6     sing N N 289 
LXI N1    C1     sing Y N 290 
LXI C6    O2     sing N N 291 
LXI C6    C7     sing N N 292 
LXI O2    C9     sing N N 293 
LXI O3    C7     sing N N 294 
LXI N7    C13    doub Y N 295 
LXI N7    C12    sing Y N 296 
LXI C13   N6     sing Y N 297 
LXI C7    C8     sing N N 298 
LXI C9    C8     sing N N 299 
LXI C9    C10    sing N N 300 
LXI O4    C8     sing N N 301 
LXI C12   C11    doub Y N 302 
LXI O5    C10    sing N N 303 
LXI O5    P1     sing N N 304 
LXI N6    C11    sing Y N 305 
LXI N6    P1     sing N N 306 
LXI P1    S1     sing N N 307 
LXI P1    O6     doub N N 308 
LXI C1    H1     sing N N 309 
LXI N3    H2     sing N N 310 
LXI N5    H3     sing N N 311 
LXI N5    H4     sing N N 312 
LXI C6    H5     sing N N 313 
LXI C7    H6     sing N N 314 
LXI O3    H7     sing N N 315 
LXI C8    H8     sing N N 316 
LXI O4    H9     sing N N 317 
LXI C9    H10    sing N N 318 
LXI C10   H11    sing N N 319 
LXI C10   H12    sing N N 320 
LXI S1    H13    sing N N 321 
LXI C11   H14    sing N N 322 
LXI C12   H15    sing N N 323 
LXI N8    H16    sing N N 324 
LXI N8    H17    sing N N 325 
U   OP3   P      sing N N 326 
U   OP3   HOP3   sing N N 327 
U   P     OP1    doub N N 328 
U   P     OP2    sing N N 329 
U   P     "O5'"  sing N N 330 
U   OP2   HOP2   sing N N 331 
U   "O5'" "C5'"  sing N N 332 
U   "C5'" "C4'"  sing N N 333 
U   "C5'" "H5'"  sing N N 334 
U   "C5'" "H5''" sing N N 335 
U   "C4'" "O4'"  sing N N 336 
U   "C4'" "C3'"  sing N N 337 
U   "C4'" "H4'"  sing N N 338 
U   "O4'" "C1'"  sing N N 339 
U   "C3'" "O3'"  sing N N 340 
U   "C3'" "C2'"  sing N N 341 
U   "C3'" "H3'"  sing N N 342 
U   "O3'" "HO3'" sing N N 343 
U   "C2'" "O2'"  sing N N 344 
U   "C2'" "C1'"  sing N N 345 
U   "C2'" "H2'"  sing N N 346 
U   "O2'" "HO2'" sing N N 347 
U   "C1'" N1     sing N N 348 
U   "C1'" "H1'"  sing N N 349 
U   N1    C2     sing N N 350 
U   N1    C6     sing N N 351 
U   C2    O2     doub N N 352 
U   C2    N3     sing N N 353 
U   N3    C4     sing N N 354 
U   N3    H3     sing N N 355 
U   C4    O4     doub N N 356 
U   C4    C5     sing N N 357 
U   C5    C6     doub N N 358 
U   C5    H5     sing N N 359 
U   C6    H6     sing N N 360 
# 
_ndb_struct_conf_na.entry_id   7U89 
_ndb_struct_conf_na.feature    'a-form double helix' 
# 
loop_
_ndb_struct_na_base_pair.model_number 
_ndb_struct_na_base_pair.i_label_asym_id 
_ndb_struct_na_base_pair.i_label_comp_id 
_ndb_struct_na_base_pair.i_label_seq_id 
_ndb_struct_na_base_pair.i_symmetry 
_ndb_struct_na_base_pair.j_label_asym_id 
_ndb_struct_na_base_pair.j_label_comp_id 
_ndb_struct_na_base_pair.j_label_seq_id 
_ndb_struct_na_base_pair.j_symmetry 
_ndb_struct_na_base_pair.shear 
_ndb_struct_na_base_pair.stretch 
_ndb_struct_na_base_pair.stagger 
_ndb_struct_na_base_pair.buckle 
_ndb_struct_na_base_pair.propeller 
_ndb_struct_na_base_pair.opening 
_ndb_struct_na_base_pair.pair_number 
_ndb_struct_na_base_pair.pair_name 
_ndb_struct_na_base_pair.i_auth_asym_id 
_ndb_struct_na_base_pair.i_auth_seq_id 
_ndb_struct_na_base_pair.i_PDB_ins_code 
_ndb_struct_na_base_pair.j_auth_asym_id 
_ndb_struct_na_base_pair.j_auth_seq_id 
_ndb_struct_na_base_pair.j_PDB_ins_code 
_ndb_struct_na_base_pair.hbond_type_28 
_ndb_struct_na_base_pair.hbond_type_12 
1 A LCG 4  1_555 B C   13 1_555 -0.169 -0.206 0.137  -2.741 -14.617 0.262  1  A_LCG4:C13_B A 4  ? B 13 ? 19 1 
1 A A   5  1_555 B U   12 1_555 0.058  -0.037 0.210  3.536  -11.900 -2.085 2  A_A5:U12_B   A 5  ? B 12 ? 20 1 
1 A C   6  1_555 B G   11 1_555 0.179  -0.190 -0.016 9.001  -15.655 -0.370 3  A_C6:G11_B   A 6  ? B 11 ? 19 1 
1 A U   7  1_555 B A   10 1_555 -0.093 -0.103 0.102  3.225  -14.473 2.155  4  A_U7:A10_B   A 7  ? B 10 ? 20 1 
1 A U   8  1_555 B A   9  1_555 0.013  -0.055 0.075  2.880  -10.879 4.039  5  A_U8:A9_B    A 8  ? B 9  ? 20 1 
1 A A   9  1_555 B U   8  1_555 0.069  -0.130 0.144  -1.132 -16.289 5.045  6  A_A9:U8_B    A 9  ? B 8  ? 20 1 
1 A A   10 1_555 B U   7  1_555 0.181  -0.130 0.115  -1.870 -12.691 -0.001 7  A_A10:U7_B   A 10 ? B 7  ? 20 1 
1 A G   11 1_555 B C   6  1_555 -0.209 -0.176 0.136  -5.709 -17.904 -0.238 8  A_G11:C6_B   A 11 ? B 6  ? 19 1 
1 A U   12 1_555 B A   5  1_555 -0.014 -0.081 0.151  -0.505 -12.027 -4.075 9  A_U12:A5_B   A 12 ? B 5  ? 20 1 
1 A C   13 1_555 B LCG 4  1_555 0.259  -0.191 0.095  1.944  -11.843 -2.094 10 A_C13:LCG4_B A 13 ? B 4  ? 19 1 
# 
loop_
_ndb_struct_na_base_pair_step.model_number 
_ndb_struct_na_base_pair_step.i_label_asym_id_1 
_ndb_struct_na_base_pair_step.i_label_comp_id_1 
_ndb_struct_na_base_pair_step.i_label_seq_id_1 
_ndb_struct_na_base_pair_step.i_symmetry_1 
_ndb_struct_na_base_pair_step.j_label_asym_id_1 
_ndb_struct_na_base_pair_step.j_label_comp_id_1 
_ndb_struct_na_base_pair_step.j_label_seq_id_1 
_ndb_struct_na_base_pair_step.j_symmetry_1 
_ndb_struct_na_base_pair_step.i_label_asym_id_2 
_ndb_struct_na_base_pair_step.i_label_comp_id_2 
_ndb_struct_na_base_pair_step.i_label_seq_id_2 
_ndb_struct_na_base_pair_step.i_symmetry_2 
_ndb_struct_na_base_pair_step.j_label_asym_id_2 
_ndb_struct_na_base_pair_step.j_label_comp_id_2 
_ndb_struct_na_base_pair_step.j_label_seq_id_2 
_ndb_struct_na_base_pair_step.j_symmetry_2 
_ndb_struct_na_base_pair_step.shift 
_ndb_struct_na_base_pair_step.slide 
_ndb_struct_na_base_pair_step.rise 
_ndb_struct_na_base_pair_step.tilt 
_ndb_struct_na_base_pair_step.roll 
_ndb_struct_na_base_pair_step.twist 
_ndb_struct_na_base_pair_step.x_displacement 
_ndb_struct_na_base_pair_step.y_displacement 
_ndb_struct_na_base_pair_step.helical_rise 
_ndb_struct_na_base_pair_step.inclination 
_ndb_struct_na_base_pair_step.tip 
_ndb_struct_na_base_pair_step.helical_twist 
_ndb_struct_na_base_pair_step.step_number 
_ndb_struct_na_base_pair_step.step_name 
_ndb_struct_na_base_pair_step.i_auth_asym_id_1 
_ndb_struct_na_base_pair_step.i_auth_seq_id_1 
_ndb_struct_na_base_pair_step.i_PDB_ins_code_1 
_ndb_struct_na_base_pair_step.j_auth_asym_id_1 
_ndb_struct_na_base_pair_step.j_auth_seq_id_1 
_ndb_struct_na_base_pair_step.j_PDB_ins_code_1 
_ndb_struct_na_base_pair_step.i_auth_asym_id_2 
_ndb_struct_na_base_pair_step.i_auth_seq_id_2 
_ndb_struct_na_base_pair_step.i_PDB_ins_code_2 
_ndb_struct_na_base_pair_step.j_auth_asym_id_2 
_ndb_struct_na_base_pair_step.j_auth_seq_id_2 
_ndb_struct_na_base_pair_step.j_PDB_ins_code_2 
1 A LCG 4  1_555 B C 13 1_555 A A 5  1_555 B U   12 1_555 -0.174 -1.133 3.072 -0.844 3.424  31.620 -2.644 0.175  2.940 6.258  
1.543  31.811 1 AA_LCG4A5:U12C13_BB A 4  ? B 13 ? A 5  ? B 12 ? 
1 A A   5  1_555 B U 12 1_555 A C 6  1_555 B G   11 1_555 0.575  -1.519 3.101 2.759  3.879  32.888 -3.260 -0.576 2.945 6.806  
-4.842 33.222 2 AA_A5C6:G11U12_BB   A 5  ? B 12 ? A 6  ? B 11 ? 
1 A C   6  1_555 B G 11 1_555 A U 7  1_555 B A   10 1_555 -0.366 -1.786 3.312 -3.912 10.363 29.682 -5.061 -0.003 2.585 19.399 
7.324  31.638 3 AA_C6U7:A10G11_BB   A 6  ? B 11 ? A 7  ? B 10 ? 
1 A U   7  1_555 B A 10 1_555 A U 8  1_555 B A   9  1_555 -0.141 -1.182 3.236 -1.684 9.310  31.999 -3.518 -0.018 2.796 16.444 
2.975  33.333 4 AA_U7U8:A9A10_BB    A 7  ? B 10 ? A 8  ? B 9  ? 
1 A U   8  1_555 B A 9  1_555 A A 9  1_555 B U   8  1_555 0.326  -1.457 3.128 1.664  17.221 30.934 -4.567 -0.327 2.071 29.566 
-2.856 35.340 5 AA_U8A9:U8A9_BB     A 8  ? B 9  ? A 9  ? B 8  ? 
1 A A   9  1_555 B U 8  1_555 A A 10 1_555 B U   7  1_555 -0.534 -1.258 3.226 0.225  5.315  34.169 -2.903 0.931  2.998 8.977  
-0.380 34.568 6 AA_A9A10:U7U8_BB    A 9  ? B 8  ? A 10 ? B 7  ? 
1 A A   10 1_555 B U 7  1_555 A G 11 1_555 B C   6  1_555 0.315  -1.627 3.276 1.973  6.591  30.339 -4.239 -0.227 2.881 12.394 
-3.711 31.092 7 AA_A10G11:C6U7_BB   A 10 ? B 7  ? A 11 ? B 6  ? 
1 A G   11 1_555 B C 6  1_555 A U 12 1_555 B A   5  1_555 -0.509 -1.439 3.119 -0.824 4.708  32.232 -3.323 0.774  2.897 8.422  
1.474  32.575 8 AA_G11U12:A5C6_BB   A 11 ? B 6  ? A 12 ? B 5  ? 
1 A U   12 1_555 B A 5  1_555 A C 13 1_555 B LCG 4  1_555 0.530  -1.404 3.173 1.460  5.298  33.726 -3.179 -0.685 2.945 9.057  
-2.495 34.157 9 AA_U12C13:LCG4A5_BB A 12 ? B 5  ? A 13 ? B 4  ? 
# 
loop_
_pdbx_audit_support.funding_organization 
_pdbx_audit_support.country 
_pdbx_audit_support.grant_number 
_pdbx_audit_support.ordinal 
'National Science Foundation (NSF, United States)' 'United States' 'CHE 1607034' 1 
'National Science Foundation (NSF, United States)' 'United States' 'CHE 2104708' 2 
# 
_pdbx_entity_instance_feature.ordinal        1 
_pdbx_entity_instance_feature.comp_id        G46 
_pdbx_entity_instance_feature.asym_id        ? 
_pdbx_entity_instance_feature.seq_num        ? 
_pdbx_entity_instance_feature.auth_comp_id   G46 
_pdbx_entity_instance_feature.auth_asym_id   ? 
_pdbx_entity_instance_feature.auth_seq_num   ? 
_pdbx_entity_instance_feature.feature_type   'SUBJECT OF INVESTIGATION' 
_pdbx_entity_instance_feature.details        ? 
# 
_pdbx_initial_refinement_model.id               1 
_pdbx_initial_refinement_model.entity_id_list   ? 
_pdbx_initial_refinement_model.type             'experimental model' 
_pdbx_initial_refinement_model.source_name      PDB 
_pdbx_initial_refinement_model.accession_code   6C8O 
_pdbx_initial_refinement_model.details          ? 
# 
_atom_sites.entry_id                    7U89 
_atom_sites.Cartn_transf_matrix[1][1]   ? 
_atom_sites.Cartn_transf_matrix[1][2]   ? 
_atom_sites.Cartn_transf_matrix[1][3]   ? 
_atom_sites.Cartn_transf_matrix[2][1]   ? 
_atom_sites.Cartn_transf_matrix[2][2]   ? 
_atom_sites.Cartn_transf_matrix[2][3]   ? 
_atom_sites.Cartn_transf_matrix[3][1]   ? 
_atom_sites.Cartn_transf_matrix[3][2]   ? 
_atom_sites.Cartn_transf_matrix[3][3]   ? 
_atom_sites.Cartn_transf_vector[1]      ? 
_atom_sites.Cartn_transf_vector[2]      ? 
_atom_sites.Cartn_transf_vector[3]      ? 
_atom_sites.fract_transf_matrix[1][1]   0.00718118 
_atom_sites.fract_transf_matrix[1][2]   -0.02289306 
_atom_sites.fract_transf_matrix[1][3]   -0.01177478 
_atom_sites.fract_transf_matrix[2][1]   0.00546230 
_atom_sites.fract_transf_matrix[2][2]   -0.00043276 
_atom_sites.fract_transf_matrix[2][3]   -0.02615929 
_atom_sites.fract_transf_matrix[3][1]   0.01120789 
_atom_sites.fract_transf_matrix[3][2]   0.00233186 
_atom_sites.fract_transf_matrix[3][3]   0.00230173 
_atom_sites.fract_transf_vector[1]      0.366220 
_atom_sites.fract_transf_vector[2]      0.151413 
_atom_sites.fract_transf_vector[3]      0.253431 
_atom_sites.solution_primary            ? 
_atom_sites.solution_secondary          ? 
_atom_sites.solution_hydrogens          ? 
_atom_sites.special_details             ? 
# 
loop_
_atom_type.symbol 
_atom_type.pdbx_scat_Z 
_atom_type.pdbx_N_electrons 
_atom_type.scat_Cromer_Mann_a1 
_atom_type.scat_Cromer_Mann_b1 
_atom_type.scat_Cromer_Mann_a2 
_atom_type.scat_Cromer_Mann_b2 
_atom_type.scat_Cromer_Mann_a3 
_atom_type.scat_Cromer_Mann_b3 
_atom_type.scat_Cromer_Mann_a4 
_atom_type.scat_Cromer_Mann_b4 
_atom_type.scat_Cromer_Mann_c 
C 6  6  2.310  20.844 1.020 10.208 1.589 0.569  0.865 51.651 0.216   
H 1  1  0.493  10.511 0.323 26.126 0.140 3.142  0.041 57.800 0.003   
N 7  7  12.222 0.006  3.135 9.893  2.014 28.997 1.167 0.583  -11.538 
O 8  8  3.049  13.277 2.287 5.701  1.546 0.324  0.867 32.909 0.251   
P 15 15 6.435  1.907  4.179 27.157 1.780 0.526  1.491 68.164 1.115   
S 16 16 6.905  1.468  5.203 22.215 1.438 0.254  1.586 56.172 0.867   
# 
loop_
_atom_site.group_PDB 
_atom_site.id 
_atom_site.type_symbol 
_atom_site.label_atom_id 
_atom_site.label_alt_id 
_atom_site.label_comp_id 
_atom_site.label_asym_id 
_atom_site.label_entity_id 
_atom_site.label_seq_id 
_atom_site.pdbx_PDB_ins_code 
_atom_site.Cartn_x 
_atom_site.Cartn_y 
_atom_site.Cartn_z 
_atom_site.occupancy 
_atom_site.B_iso_or_equiv 
_atom_site.pdbx_formal_charge 
_atom_site.auth_seq_id 
_atom_site.auth_comp_id 
_atom_site.auth_asym_id 
_atom_site.auth_atom_id 
_atom_site.pdbx_PDB_model_num 
_atom_site.calc_flag 
HETATM 1   N N1    . LKC A 1 1  ? -19.231 -9.858  4.114   1.000 21.842  0 1   LKC A N1    1 ? 
HETATM 2   C C2    . LKC A 1 1  ? -19.092 -10.573 2.963   1.000 22.290  0 1   LKC A C2    1 ? 
HETATM 3   N N3    . LKC A 1 1  ? -19.149 -9.936  1.755   1.000 19.492  0 1   LKC A N3    1 ? 
HETATM 4   C C4    . LKC A 1 1  ? -19.355 -8.589  1.706   1.000 20.311  0 1   LKC A C4    1 ? 
HETATM 5   C C5    . LKC A 1 1  ? -19.551 -7.840  2.874   1.000 19.411  0 1   LKC A C5    1 ? 
HETATM 6   C C6    . LKC A 1 1  ? -19.513 -8.486  4.091   1.000 21.412  0 1   LKC A C6    1 ? 
HETATM 7   O O2    . LKC A 1 1  ? -18.885 -11.804 3.063   1.000 23.652  0 1   LKC A O2    1 ? 
HETATM 8   N N4    . LKC A 1 1  ? -19.439 -7.910  0.535   1.000 21.392  0 1   LKC A N4    1 ? 
HETATM 9   C "C1'" . LKC A 1 1  ? -19.269 -10.575 5.396   1.000 26.172  0 1   LKC A "C1'" 1 ? 
HETATM 10  C "C2'" . LKC A 1 1  ? -17.990 -11.011 6.035   1.000 27.351  0 1   LKC A "C2'" 1 ? 
HETATM 11  C "C3'" . LKC A 1 1  ? -17.598 -9.730  6.735   1.000 26.343  0 1   LKC A "C3'" 1 ? 
HETATM 12  C "C4'" . LKC A 1 1  ? -18.932 -9.669  7.483   1.000 26.916  0 1   LKC A "C4'" 1 ? 
HETATM 13  O "O4'" . LKC A 1 1  ? -19.879 -9.637  6.348   1.000 27.390  0 1   LKC A "O4'" 1 ? 
HETATM 14  O "O3'" . LKC A 1 1  ? -16.417 -9.883  7.666   1.000 28.800  0 1   LKC A "O3'" 1 ? 
HETATM 15  C "C5'" . LKC A 1 1  ? -19.003 -8.474  8.482   1.000 24.736  0 1   LKC A "C5'" 1 ? 
HETATM 16  O "O5'" . LKC A 1 1  ? -19.220 -7.302  7.661   1.000 24.226  0 1   LKC A "O5'" 1 ? 
HETATM 17  C C5A   . LKC A 1 1  ? -19.801 -6.472  2.874   1.000 19.317  0 1   LKC A C5A   1 ? 
HETATM 18  O "O2'" . LKC A 1 1  ? -18.372 -11.943 7.139   1.000 28.260  0 1   LKC A "O2'" 1 ? 
HETATM 19  C "C6'" . LKC A 1 1  ? -19.009 -11.060 8.196   1.000 28.443  0 1   LKC A "C6'" 1 ? 
HETATM 20  O "O5'" . LCC A 1 2  ? -14.665 -10.068 6.056   1.000 22.377  0 2   LCC A "O5'" 1 ? 
HETATM 21  C "C5'" . LCC A 1 2  ? -14.214 -11.424 6.246   1.000 20.476  0 2   LCC A "C5'" 1 ? 
HETATM 22  C "C4'" . LCC A 1 2  ? -14.205 -11.898 4.802   1.000 19.279  0 2   LCC A "C4'" 1 ? 
HETATM 23  O "O4'" . LCC A 1 2  ? -15.431 -11.531 4.104   1.000 19.338  0 2   LCC A "O4'" 1 ? 
HETATM 24  C "C1'" . LCC A 1 2  ? -15.172 -11.615 2.710   1.000 16.913  0 2   LCC A "C1'" 1 ? 
HETATM 25  N N1    . LCC A 1 2  ? -15.483 -10.292 2.116   1.000 15.586  0 2   LCC A N1    1 ? 
HETATM 26  C C6    . LCC A 1 2  ? -15.714 -9.157  2.921   1.000 14.302  0 2   LCC A C6    1 ? 
HETATM 27  C C5    . LCC A 1 2  ? -16.003 -7.960  2.297   1.000 13.713  0 2   LCC A C5    1 ? 
HETATM 28  C C5M   . LCC A 1 2  ? -16.193 -6.828  3.083   1.000 13.285  0 2   LCC A C5M   1 ? 
HETATM 29  C C4    . LCC A 1 2  ? -16.039 -7.929  0.909   1.000 12.895  0 2   LCC A C4    1 ? 
HETATM 30  N N4    . LCC A 1 2  ? -16.303 -6.794  0.342   1.000 12.599  0 2   LCC A N4    1 ? 
HETATM 31  N N3    . LCC A 1 2  ? -15.854 -9.015  0.131   1.000 13.687  0 2   LCC A N3    1 ? 
HETATM 32  C C2    . LCC A 1 2  ? -15.542 -10.171 0.754   1.000 14.371  0 2   LCC A C2    1 ? 
HETATM 33  O O2    . LCC A 1 2  ? -15.345 -11.149 0.047   1.000 15.933  0 2   LCC A O2    1 ? 
HETATM 34  C "C3'" . LCC A 1 2  ? -13.192 -11.208 3.914   1.000 18.570  0 2   LCC A "C3'" 1 ? 
HETATM 35  C "C2'" . LCC A 1 2  ? -13.672 -11.976 2.700   1.000 17.522  0 2   LCC A "C2'" 1 ? 
HETATM 36  O "O2'" . LCC A 1 2  ? -13.573 -13.369 3.100   1.000 17.986  0 2   LCC A "O2'" 1 ? 
HETATM 37  O "O3'" . LCC A 1 2  ? -11.800 -11.475 4.339   1.000 18.641  0 2   LCC A "O3'" 1 ? 
HETATM 38  C "C6'" . LCC A 1 2  ? -13.923 -13.400 4.611   1.000 19.787  0 2   LCC A "C6'" 1 ? 
HETATM 39  P P     . LCC A 1 2  ? -15.042 -9.099  7.263   1.000 23.850  0 2   LCC A P     1 ? 
HETATM 40  O O1P   . LCC A 1 2  ? -14.201 -9.458  8.473   1.000 23.314  0 2   LCC A O1P   1 ? 
HETATM 41  O O2P   . LCC A 1 2  ? -15.110 -7.674  6.750   1.000 22.478  0 2   LCC A O2P   1 ? 
HETATM 42  O "O5'" . LCC A 1 3  ? -10.621 -10.786 2.299   1.000 13.659  0 3   LCC A "O5'" 1 ? 
HETATM 43  C "C5'" . LCC A 1 3  ? -10.127 -12.072 1.815   1.000 13.301  0 3   LCC A "C5'" 1 ? 
HETATM 44  C "C4'" . LCC A 1 3  ? -10.313 -12.114 0.327   1.000 11.621  0 3   LCC A "C4'" 1 ? 
HETATM 45  O "O4'" . LCC A 1 3  ? -11.615 -11.777 -0.123  1.000 10.891  0 3   LCC A "O4'" 1 ? 
HETATM 46  C "C1'" . LCC A 1 3  ? -11.453 -11.250 -1.460  1.000 10.333  0 3   LCC A "C1'" 1 ? 
HETATM 47  N N1    . LCC A 1 3  ? -11.876 -9.818  -1.430  1.000 10.057  0 3   LCC A N1    1 ? 
HETATM 48  C C6    . LCC A 1 3  ? -12.056 -9.185  -0.191  1.000 10.000  0 3   LCC A C6    1 ? 
HETATM 49  C C5    . LCC A 1 3  ? -12.477 -7.859  -0.204  1.000 9.585   0 3   LCC A C5    1 ? 
HETATM 50  C C5M   . LCC A 1 3  ? -12.662 -7.196  1.029   1.000 9.874   0 3   LCC A C5M   1 ? 
HETATM 51  C C4    . LCC A 1 3  ? -12.724 -7.257  -1.451  1.000 10.321  0 3   LCC A C4    1 ? 
HETATM 52  N N4    . LCC A 1 3  ? -13.124 -5.975  -1.468  1.000 10.699  0 3   LCC A N4    1 ? 
HETATM 53  N N3    . LCC A 1 3  ? -12.502 -7.875  -2.628  1.000 10.458  0 3   LCC A N3    1 ? 
HETATM 54  C C2    . LCC A 1 3  ? -12.100 -9.152  -2.606  1.000 10.462  0 3   LCC A C2    1 ? 
HETATM 55  O O2    . LCC A 1 3  ? -11.911 -9.698  -3.709  1.000 11.238  0 3   LCC A O2    1 ? 
HETATM 56  C "C3'" . LCC A 1 3  ? -9.452  -11.193 -0.420  1.000 10.813  0 3   LCC A "C3'" 1 ? 
HETATM 57  C "C2'" . LCC A 1 3  ? -10.005 -11.522 -1.743  1.000 10.625  0 3   LCC A "C2'" 1 ? 
HETATM 58  O "O2'" . LCC A 1 3  ? -9.898  -13.025 -1.794  1.000 11.641  0 3   LCC A "O2'" 1 ? 
HETATM 59  O "O3'" . LCC A 1 3  ? -8.063  -11.520 -0.243  1.000 11.055  0 3   LCC A "O3'" 1 ? 
HETATM 60  C "C6'" . LCC A 1 3  ? -9.990  -13.487 -0.332  1.000 11.932  0 3   LCC A "C6'" 1 ? 
HETATM 61  P P     . LCC A 1 3  ? -10.704 -10.401 3.864   1.000 16.094  0 3   LCC A P     1 ? 
HETATM 62  O O1P   . LCC A 1 3  ? -9.454  -10.841 4.573   1.000 16.393  0 3   LCC A O1P   1 ? 
HETATM 63  O O2P   . LCC A 1 3  ? -11.102 -8.966  3.858   1.000 15.287  0 3   LCC A O2P   1 ? 
HETATM 64  P P     . LCG A 1 4  ? -6.943  -10.418 -0.233  1.000 12.936  0 4   LCG A P     1 ? 
HETATM 65  O OP1   . LCG A 1 4  ? -5.777  -11.279 0.097   1.000 12.279  0 4   LCG A OP1   1 ? 
HETATM 66  O "O5'" . LCG A 1 4  ? -6.898  -9.909  -1.681  1.000 11.210  0 4   LCG A "O5'" 1 ? 
HETATM 67  C "C5'" . LCG A 1 4  ? -6.609  -10.817 -2.794  1.000 10.781  0 4   LCG A "C5'" 1 ? 
HETATM 68  C "C3'" . LCG A 1 4  ? -6.080  -8.760  -4.201  1.000 11.803  0 4   LCG A "C3'" 1 ? 
HETATM 69  C "C6'" . LCG A 1 4  ? -6.487  -10.805 -5.341  1.000 11.496  0 4   LCG A "C6'" 1 ? 
HETATM 70  N N9    . LCG A 1 4  ? -8.797  -7.381  -4.464  1.000 9.244   0 4   LCG A N9    1 ? 
HETATM 71  C C8    . LCG A 1 4  ? -9.011  -7.355  -3.118  1.000 9.158   0 4   LCG A C8    1 ? 
HETATM 72  C C4    . LCG A 1 4  ? -9.277  -6.264  -4.985  1.000 9.010   0 4   LCG A C4    1 ? 
HETATM 73  N N7    . LCG A 1 4  ? -9.596  -6.198  -2.840  1.000 9.439   0 4   LCG A N7    1 ? 
HETATM 74  C C5    . LCG A 1 4  ? -9.777  -5.503  -3.999  1.000 8.894   0 4   LCG A C5    1 ? 
HETATM 75  C C6    . LCG A 1 4  ? -10.359 -4.310  -4.287  1.000 9.441   0 4   LCG A C6    1 ? 
HETATM 76  C "C2'" . LCG A 1 4  ? -6.725  -8.440  -5.540  1.000 11.108  0 4   LCG A "C2'" 1 ? 
HETATM 77  O O6    . LCG A 1 4  ? -10.899 -3.543  -3.468  1.000 8.858   0 4   LCG A O6    1 ? 
HETATM 78  C "C4'" . LCG A 1 4  ? -6.814  -10.030 -4.088  1.000 11.478  0 4   LCG A "C4'" 1 ? 
HETATM 79  C "C1'" . LCG A 1 4  ? -8.183  -8.514  -5.149  1.000 10.857  0 4   LCG A "C1'" 1 ? 
HETATM 80  C C2    . LCG A 1 4  ? -9.828  -4.745  -6.601  1.000 9.220   0 4   LCG A C2    1 ? 
HETATM 81  N N1    . LCG A 1 4  ? -10.385 -3.937  -5.604  1.000 8.771   0 4   LCG A N1    1 ? 
HETATM 82  O "O4'" . LCG A 1 4  ? -8.188  -9.607  -4.154  1.000 11.141  0 4   LCG A "O4'" 1 ? 
HETATM 83  O OP2   . LCG A 1 4  ? -7.206  -9.197  0.632   1.000 9.617   0 4   LCG A OP2   1 ? 
HETATM 84  N N2    . LCG A 1 4  ? -9.801  -4.330  -7.871  1.000 8.893   0 4   LCG A N2    1 ? 
HETATM 85  N N3    . LCG A 1 4  ? -9.266  -5.910  -6.284  1.000 8.811   0 4   LCG A N3    1 ? 
HETATM 86  O "O2'" . LCG A 1 4  ? -6.515  -9.632  -6.377  1.000 12.435  0 4   LCG A "O2'" 1 ? 
HETATM 87  O "O3'" . LCG A 1 4  ? -4.652  -8.962  -4.266  1.000 12.831  0 4   LCG A "O3'" 1 ? 
ATOM   88  P P     . A   A 1 5  ? -3.718  -7.816  -3.745  1.000 15.091  0 5   A   A P     1 ? 
ATOM   89  O OP1   . A   A 1 5  ? -2.455  -8.666  -3.821  1.000 19.114  0 5   A   A OP1   1 ? 
ATOM   90  O OP2   . A   A 1 5  ? -3.923  -6.991  -2.535  1.000 14.501  0 5   A   A OP2   1 ? 
ATOM   91  O "O5'" . A   A 1 5  ? -3.642  -6.757  -4.973  1.000 12.973  0 5   A   A "O5'" 1 ? 
ATOM   92  C "C5'" . A   A 1 5  ? -3.323  -7.259  -6.274  1.000 12.457  0 5   A   A "C5'" 1 ? 
ATOM   93  C "C4'" . A   A 1 5  ? -3.659  -6.191  -7.282  1.000 11.182  0 5   A   A "C4'" 1 ? 
ATOM   94  O "O4'" . A   A 1 5  ? -5.100  -6.054  -7.394  1.000 10.668  0 5   A   A "O4'" 1 ? 
ATOM   95  C "C3'" . A   A 1 5  ? -3.169  -4.783  -6.935  1.000 10.318  0 5   A   A "C3'" 1 ? 
ATOM   96  O "O3'" . A   A 1 5  ? -1.836  -4.658  -7.416  1.000 11.330  0 5   A   A "O3'" 1 ? 
ATOM   97  C "C2'" . A   A 1 5  ? -4.146  -3.956  -7.766  1.000 10.174  0 5   A   A "C2'" 1 ? 
ATOM   98  O "O2'" . A   A 1 5  ? -3.851  -4.103  -9.120  1.000 10.357  0 5   A   A "O2'" 1 ? 
ATOM   99  C "C1'" . A   A 1 5  ? -5.449  -4.686  -7.470  1.000 9.779   0 5   A   A "C1'" 1 ? 
ATOM   100 N N9    . A   A 1 5  ? -6.050  -4.234  -6.237  1.000 8.839   0 5   A   A N9    1 ? 
ATOM   101 C C8    . A   A 1 5  ? -5.968  -4.770  -4.980  1.000 7.891   0 5   A   A C8    1 ? 
ATOM   102 N N7    . A   A 1 5  ? -6.616  -4.081  -4.076  1.000 8.489   0 5   A   A N7    1 ? 
ATOM   103 C C5    . A   A 1 5  ? -7.169  -3.020  -4.779  1.000 8.089   0 5   A   A C5    1 ? 
ATOM   104 C C6    . A   A 1 5  ? -7.970  -1.923  -4.395  1.000 8.300   0 5   A   A C6    1 ? 
ATOM   105 N N6    . A   A 1 5  ? -8.416  -1.698  -3.173  1.000 8.158   0 5   A   A N6    1 ? 
ATOM   106 N N1    . A   A 1 5  ? -8.327  -1.049  -5.361  1.000 8.043   0 5   A   A N1    1 ? 
ATOM   107 C C2    . A   A 1 5  ? -7.911  -1.270  -6.607  1.000 8.436   0 5   A   A C2    1 ? 
ATOM   108 N N3    . A   A 1 5  ? -7.135  -2.240  -7.076  1.000 8.354   0 5   A   A N3    1 ? 
ATOM   109 C C4    . A   A 1 5  ? -6.809  -3.097  -6.106  1.000 8.156   0 5   A   A C4    1 ? 
ATOM   110 P P     . C   A 1 6  ? -0.879  -3.660  -6.623  1.000 10.959  0 6   C   A P     1 ? 
ATOM   111 O OP1   . C   A 1 6  ? 0.527   -3.819  -7.153  1.000 11.833  0 6   C   A OP1   1 ? 
ATOM   112 O OP2   . C   A 1 6  ? -1.100  -3.720  -5.093  1.000 9.920   0 6   C   A OP2   1 ? 
ATOM   113 O "O5'" . C   A 1 6  ? -1.339  -2.173  -6.967  1.000 9.779   0 6   C   A "O5'" 1 ? 
ATOM   114 C "C5'" . C   A 1 6  ? -1.406  -1.819  -8.337  1.000 9.593   0 6   C   A "C5'" 1 ? 
ATOM   115 C "C4'" . C   A 1 6  ? -2.269  -0.599  -8.489  1.000 9.018   0 6   C   A "C4'" 1 ? 
ATOM   116 O "O4'" . C   A 1 6  ? -3.625  -0.872  -8.085  1.000 8.843   0 6   C   A "O4'" 1 ? 
ATOM   117 C "C3'" . C   A 1 6  ? -1.878  0.619   -7.650  1.000 9.368   0 6   C   A "C3'" 1 ? 
ATOM   118 O "O3'" . C   A 1 6  ? -0.961  1.393   -8.383  1.000 9.293   0 6   C   A "O3'" 1 ? 
ATOM   119 C "C2'" . C   A 1 6  ? -3.167  1.411   -7.694  1.000 9.214   0 6   C   A "C2'" 1 ? 
ATOM   120 O "O2'" . C   A 1 6  ? -3.407  2.003   -8.954  1.000 10.267  0 6   C   A "O2'" 1 ? 
ATOM   121 C "C1'" . C   A 1 6  ? -4.172  0.287   -7.488  1.000 8.920   0 6   C   A "C1'" 1 ? 
ATOM   122 N N1    . C   A 1 6  ? -4.472  0.027   -6.054  1.000 8.274   0 6   C   A N1    1 ? 
ATOM   123 C C2    . C   A 1 6  ? -5.426  0.852   -5.442  1.000 8.277   0 6   C   A C2    1 ? 
ATOM   124 O O2    . C   A 1 6  ? -5.958  1.744   -6.122  1.000 8.050   0 6   C   A O2    1 ? 
ATOM   125 N N3    . C   A 1 6  ? -5.754  0.632   -4.146  1.000 7.920   0 6   C   A N3    1 ? 
ATOM   126 C C4    . C   A 1 6  ? -5.194  -0.380  -3.477  1.000 8.065   0 6   C   A C4    1 ? 
ATOM   127 N N4    . C   A 1 6  ? -5.554  -0.598  -2.223  1.000 8.056   0 6   C   A N4    1 ? 
ATOM   128 C C5    . C   A 1 6  ? -4.211  -1.210  -4.079  1.000 8.060   0 6   C   A C5    1 ? 
ATOM   129 C C6    . C   A 1 6  ? -3.866  -0.962  -5.359  1.000 8.134   0 6   C   A C6    1 ? 
ATOM   130 P P     . U   A 1 7  ? 0.059   2.306   -7.563  1.000 10.310  0 7   U   A P     1 ? 
ATOM   131 O OP1   . U   A 1 7  ? 1.177   2.811   -8.530  1.000 9.673   0 7   U   A OP1   1 ? 
ATOM   132 O OP2   . U   A 1 7  ? 0.471   1.807   -6.219  1.000 8.703   0 7   U   A OP2   1 ? 
ATOM   133 O "O5'" . U   A 1 7  ? -0.863  3.578   -7.167  1.000 8.961   0 7   U   A "O5'" 1 ? 
ATOM   134 C "C5'" . U   A 1 7  ? -1.411  4.456   -8.159  1.000 9.506   0 7   U   A "C5'" 1 ? 
ATOM   135 C "C4'" . U   A 1 7  ? -2.285  5.464   -7.455  1.000 9.181   0 7   U   A "C4'" 1 ? 
ATOM   136 O "O4'" . U   A 1 7  ? -3.416  4.805   -6.836  1.000 8.779   0 7   U   A "O4'" 1 ? 
ATOM   137 C "C3'" . U   A 1 7  ? -1.664  6.216   -6.282  1.000 9.294   0 7   U   A "C3'" 1 ? 
ATOM   138 O "O3'" . U   A 1 7  ? -0.921  7.306   -6.768  1.000 9.642   0 7   U   A "O3'" 1 ? 
ATOM   139 C "C2'" . U   A 1 7  ? -2.913  6.736   -5.576  1.000 8.671   0 7   U   A "C2'" 1 ? 
ATOM   140 O "O2'" . U   A 1 7  ? -3.566  7.763   -6.306  1.000 9.976   0 7   U   A "O2'" 1 ? 
ATOM   141 C "C1'" . U   A 1 7  ? -3.801  5.499   -5.658  1.000 8.667   0 7   U   A "C1'" 1 ? 
ATOM   142 N N1    . U   A 1 7  ? -3.712  4.571   -4.516  1.000 7.882   0 7   U   A N1    1 ? 
ATOM   143 C C2    . U   A 1 7  ? -4.422  4.897   -3.369  1.000 7.938   0 7   U   A C2    1 ? 
ATOM   144 O O2    . U   A 1 7  ? -5.019  5.936   -3.265  1.000 8.250   0 7   U   A O2    1 ? 
ATOM   145 N N3    . U   A 1 7  ? -4.409  3.955   -2.360  1.000 7.459   0 7   U   A N3    1 ? 
ATOM   146 C C4    . U   A 1 7  ? -3.743  2.747   -2.381  1.000 7.516   0 7   U   A C4    1 ? 
ATOM   147 O O4    . U   A 1 7  ? -3.853  1.974   -1.430  1.000 7.030   0 7   U   A O4    1 ? 
ATOM   148 C C5    . U   A 1 7  ? -3.015  2.488   -3.589  1.000 7.896   0 7   U   A C5    1 ? 
ATOM   149 C C6    . U   A 1 7  ? -3.021  3.391   -4.589  1.000 8.094   0 7   U   A C6    1 ? 
ATOM   150 P P     . U   A 1 8  ? 0.435   7.619   -6.039  1.000 10.686  0 8   U   A P     1 ? 
ATOM   151 O OP1   . U   A 1 8  ? 1.117   8.674   -6.949  1.000 11.563  0 8   U   A OP1   1 ? 
ATOM   152 O OP2   . U   A 1 8  ? 1.229   6.429   -5.614  1.000 11.035  0 8   U   A OP2   1 ? 
ATOM   153 O "O5'" . U   A 1 8  ? 0.003   8.321   -4.669  1.000 9.151   0 8   U   A "O5'" 1 ? 
ATOM   154 C "C5'" . U   A 1 8  ? -0.592  9.627   -4.793  1.000 9.696   0 8   U   A "C5'" 1 ? 
ATOM   155 C "C4'" . U   A 1 8  ? -1.160  10.051  -3.459  1.000 8.867   0 8   U   A "C4'" 1 ? 
ATOM   156 O "O4'" . U   A 1 8  ? -2.292  9.220   -3.147  1.000 8.417   0 8   U   A "O4'" 1 ? 
ATOM   157 C "C3'" . U   A 1 8  ? -0.257  9.908   -2.236  1.000 8.827   0 8   U   A "C3'" 1 ? 
ATOM   158 O "O3'" . U   A 1 8  ? 0.683   10.982  -2.207  1.000 8.872   0 8   U   A "O3'" 1 ? 
ATOM   159 C "C2'" . U   A 1 8  ? -1.312  9.973   -1.127  1.000 8.929   0 8   U   A "C2'" 1 ? 
ATOM   160 O "O2'" . U   A 1 8  ? -1.854  11.282  -0.993  1.000 9.947   0 8   U   A "O2'" 1 ? 
ATOM   161 C "C1'" . U   A 1 8  ? -2.382  9.071   -1.737  1.000 8.873   0 8   U   A "C1'" 1 ? 
ATOM   162 N N1    . U   A 1 8  ? -2.196  7.664   -1.380  1.000 8.431   0 8   U   A N1    1 ? 
ATOM   163 C C2    . U   A 1 8  ? -2.646  7.274   -0.141  1.000 8.053   0 8   U   A C2    1 ? 
ATOM   164 O O2    . U   A 1 8  ? -3.233  8.044   0.634   1.000 8.867   0 8   U   A O2    1 ? 
ATOM   165 N N3    . U   A 1 8  ? -2.452  5.956   0.147   1.000 7.832   0 8   U   A N3    1 ? 
ATOM   166 C C4    . U   A 1 8  ? -1.791  5.017   -0.618  1.000 8.226   0 8   U   A C4    1 ? 
ATOM   167 O O4    . U   A 1 8  ? -1.659  3.864   -0.190  1.000 7.764   0 8   U   A O4    1 ? 
ATOM   168 C C5    . U   A 1 8  ? -1.341  5.504   -1.884  1.000 7.855   0 8   U   A C5    1 ? 
ATOM   169 C C6    . U   A 1 8  ? -1.509  6.796   -2.196  1.000 8.175   0 8   U   A C6    1 ? 
ATOM   170 P P     . A   A 1 9  ? 2.122   10.680  -1.634  1.000 8.907   0 9   A   A P     1 ? 
ATOM   171 O OP1   . A   A 1 9  ? 2.968   11.918  -1.802  1.000 9.526   0 9   A   A OP1   1 ? 
ATOM   172 O OP2   . A   A 1 9  ? 2.724   9.374   -2.089  1.000 9.147   0 9   A   A OP2   1 ? 
ATOM   173 O "O5'" . A   A 1 9  ? 1.887   10.497  -0.046  1.000 8.477   0 9   A   A "O5'" 1 ? 
ATOM   174 C "C5'" . A   A 1 9  ? 1.378   11.640  0.654   1.000 7.261   0 9   A   A "C5'" 1 ? 
ATOM   175 C "C4'" . A   A 1 9  ? 0.959   11.248  2.060   1.000 6.912   0 9   A   A "C4'" 1 ? 
ATOM   176 O "O4'" . A   A 1 9  ? -0.156  10.329  2.003   1.000 6.467   0 9   A   A "O4'" 1 ? 
ATOM   177 C "C3'" . A   A 1 9  ? 1.975   10.539  2.956   1.000 6.650   0 9   A   A "C3'" 1 ? 
ATOM   178 O "O3'" . A   A 1 9  ? 2.818   11.491  3.591   1.000 6.747   0 9   A   A "O3'" 1 ? 
ATOM   179 C "C2'" . A   A 1 9  ? 1.053   9.907   3.993   1.000 6.217   0 9   A   A "C2'" 1 ? 
ATOM   180 O "O2'" . A   A 1 9  ? 0.555   10.889  4.887   1.000 5.865   0 9   A   A "O2'" 1 ? 
ATOM   181 C "C1'" . A   A 1 9  ? -0.054  9.405   3.079   1.000 6.325   0 9   A   A "C1'" 1 ? 
ATOM   182 N N9    . A   A 1 9  ? 0.157   8.050   2.563   1.000 6.170   0 9   A   A N9    1 ? 
ATOM   183 C C8    . A   A 1 9  ? 0.636   7.633   1.352   1.000 6.387   0 9   A   A C8    1 ? 
ATOM   184 N N7    . A   A 1 9  ? 0.672   6.320   1.218   1.000 6.408   0 9   A   A N7    1 ? 
ATOM   185 C C5    . A   A 1 9  ? 0.236   5.853   2.457   1.000 6.314   0 9   A   A C5    1 ? 
ATOM   186 C C6    . A   A 1 9  ? 0.054   4.556   2.978   1.000 6.435   0 9   A   A C6    1 ? 
ATOM   187 N N6    . A   A 1 9  ? 0.294   3.448   2.286   1.000 6.881   0 9   A   A N6    1 ? 
ATOM   188 N N1    . A   A 1 9  ? -0.406  4.442   4.253   1.000 6.331   0 9   A   A N1    1 ? 
ATOM   189 C C2    . A   A 1 9  ? -0.624  5.562   4.956   1.000 6.205   0 9   A   A C2    1 ? 
ATOM   190 N N3    . A   A 1 9  ? -0.512  6.830   4.555   1.000 6.266   0 9   A   A N3    1 ? 
ATOM   191 C C4    . A   A 1 9  ? -0.056  6.906   3.292   1.000 6.205   0 9   A   A C4    1 ? 
ATOM   192 P P     . A   A 1 10 ? 4.313   11.102  3.991   1.000 7.398   0 10  A   A P     1 ? 
ATOM   193 O OP1   . A   A 1 10 ? 5.074   12.356  4.324   1.000 6.454   0 10  A   A OP1   1 ? 
ATOM   194 O OP2   . A   A 1 10 ? 4.882   10.137  2.944   1.000 7.056   0 10  A   A OP2   1 ? 
ATOM   195 O "O5'" . A   A 1 10 ? 4.150   10.173  5.291   1.000 6.675   0 10  A   A "O5'" 1 ? 
ATOM   196 C "C5'" . A   A 1 10 ? 3.775   10.848  6.523   1.000 6.851   0 10  A   A "C5'" 1 ? 
ATOM   197 C "C4'" . A   A 1 10 ? 3.463   9.817   7.579   1.000 7.037   0 10  A   A "C4'" 1 ? 
ATOM   198 O "O4'" . A   A 1 10 ? 2.314   9.003   7.202   1.000 6.702   0 10  A   A "O4'" 1 ? 
ATOM   199 C "C3'" . A   A 1 10 ? 4.564   8.802   7.883   1.000 7.752   0 10  A   A "C3'" 1 ? 
ATOM   200 O "O3'" . A   A 1 10 ? 5.522   9.392   8.745   1.000 9.583   0 10  A   A "O3'" 1 ? 
ATOM   201 C "C2'" . A   A 1 10 ? 3.702   7.780   8.623   1.000 7.373   0 10  A   A "C2'" 1 ? 
ATOM   202 O "O2'" . A   A 1 10 ? 3.307   8.268   9.886   1.000 7.909   0 10  A   A "O2'" 1 ? 
ATOM   203 C "C1'" . A   A 1 10 ? 2.521   7.695   7.667   1.000 7.127   0 10  A   A "C1'" 1 ? 
ATOM   204 N N9    . A   A 1 10 ? 2.745   6.822   6.522   1.000 6.867   0 10  A   A N9    1 ? 
ATOM   205 C C8    . A   A 1 10 ? 3.112   7.149   5.243   1.000 7.409   0 10  A   A C8    1 ? 
ATOM   206 N N7    . A   A 1 10 ? 3.254   6.111   4.452   1.000 7.698   0 10  A   A N7    1 ? 
ATOM   207 C C5    . A   A 1 10 ? 2.916   5.036   5.262   1.000 7.366   0 10  A   A C5    1 ? 
ATOM   208 C C6    . A   A 1 10 ? 2.797   3.665   5.000   1.000 7.480   0 10  A   A C6    1 ? 
ATOM   209 N N6    . A   A 1 10 ? 3.060   3.125   3.817   1.000 7.814   0 10  A   A N6    1 ? 
ATOM   210 N N1    . A   A 1 10 ? 2.461   2.864   6.046   1.000 7.422   0 10  A   A N1    1 ? 
ATOM   211 C C2    . A   A 1 10 ? 2.198   3.422   7.236   1.000 7.651   0 10  A   A C2    1 ? 
ATOM   212 N N3    . A   A 1 10 ? 2.284   4.702   7.595   1.000 7.248   0 10  A   A N3    1 ? 
ATOM   213 C C4    . A   A 1 10 ? 2.584   5.464   6.531   1.000 7.082   0 10  A   A C4    1 ? 
ATOM   214 P P     . G   A 1 11 ? 6.976   8.724   8.814   1.000 11.804  0 11  G   A P     1 ? 
ATOM   215 O OP1   . G   A 1 11 ? 7.869   9.624   9.599   1.000 11.563  0 11  G   A OP1   1 ? 
ATOM   216 O OP2   . G   A 1 11 ? 7.447   8.405   7.390   1.000 10.046  0 11  G   A OP2   1 ? 
ATOM   217 O "O5'" . G   A 1 11 ? 6.830   7.288   9.429   1.000 12.195  0 11  G   A "O5'" 1 ? 
ATOM   218 C "C5'" . G   A 1 11 ? 6.444   7.167   10.795  1.000 12.622  0 11  G   A "C5'" 1 ? 
ATOM   219 C "C4'" . G   A 1 11 ? 6.157   5.718   11.051  1.000 13.276  0 11  G   A "C4'" 1 ? 
ATOM   220 O "O4'" . G   A 1 11 ? 5.089   5.226   10.195  1.000 14.495  0 11  G   A "O4'" 1 ? 
ATOM   221 C "C3'" . G   A 1 11 ? 7.325   4.782   10.769  1.000 14.858  0 11  G   A "C3'" 1 ? 
ATOM   222 O "O3'" . G   A 1 11 ? 8.155   4.793   11.915  1.000 18.339  0 11  G   A "O3'" 1 ? 
ATOM   223 C "C2'" . G   A 1 11 ? 6.570   3.461   10.674  1.000 14.284  0 11  G   A "C2'" 1 ? 
ATOM   224 O "O2'" . G   A 1 11 ? 6.161   3.041   11.949  1.000 14.072  0 11  G   A "O2'" 1 ? 
ATOM   225 C "C1'" . G   A 1 11 ? 5.361   3.879   9.844   1.000 13.507  0 11  G   A "C1'" 1 ? 
ATOM   226 N N9    . G   A 1 11 ? 5.572   3.732   8.405   1.000 11.963  0 11  G   A N9    1 ? 
ATOM   227 C C8    . G   A 1 11 ? 5.952   4.666   7.472   1.000 11.350  0 11  G   A C8    1 ? 
ATOM   228 N N7    . G   A 1 11 ? 6.075   4.181   6.259   1.000 11.472  0 11  G   A N7    1 ? 
ATOM   229 C C5    . G   A 1 11 ? 5.822   2.826   6.421   1.000 11.113  0 11  G   A C5    1 ? 
ATOM   230 C C6    . G   A 1 11 ? 5.834   1.789   5.458   1.000 11.089  0 11  G   A C6    1 ? 
ATOM   231 O O6    . G   A 1 11 ? 6.043   1.878   4.250   1.000 10.151  0 11  G   A O6    1 ? 
ATOM   232 N N1    . G   A 1 11 ? 5.520   0.565   6.043   1.000 10.903  0 11  G   A N1    1 ? 
ATOM   233 C C2    . G   A 1 11 ? 5.246   0.357   7.366   1.000 10.996  0 11  G   A C2    1 ? 
ATOM   234 N N2    . G   A 1 11 ? 5.019   -0.918  7.714   1.000 11.974  0 11  G   A N2    1 ? 
ATOM   235 N N3    . G   A 1 11 ? 5.213   1.334   8.286   1.000 11.338  0 11  G   A N3    1 ? 
ATOM   236 C C4    . G   A 1 11 ? 5.550   2.531   7.740   1.000 11.267  0 11  G   A C4    1 ? 
ATOM   237 P P     . U   A 1 12 ? 9.688   4.378   11.648  1.000 17.039  0 12  U   A P     1 ? 
ATOM   238 O OP1   . U   A 1 12 ? 10.360  4.785   12.963  1.000 18.784  0 12  U   A OP1   1 ? 
ATOM   239 O OP2   . U   A 1 12 ? 10.271  4.949   10.406  1.000 17.433  0 12  U   A OP2   1 ? 
ATOM   240 O "O5'" . U   A 1 12 ? 9.775   2.768   11.493  1.000 17.967  0 12  U   A "O5'" 1 ? 
ATOM   241 C "C5'" . U   A 1 12 ? 9.432   1.929   12.628  1.000 17.339  0 12  U   A "C5'" 1 ? 
ATOM   242 C "C4'" . U   A 1 12 ? 9.315   0.495   12.177  1.000 16.774  0 12  U   A "C4'" 1 ? 
ATOM   243 O "O4'" . U   A 1 12 ? 8.234   0.339   11.216  1.000 15.285  0 12  U   A "O4'" 1 ? 
ATOM   244 C "C3'" . U   A 1 12 ? 10.533  -0.085  11.450  1.000 16.739  0 12  U   A "C3'" 1 ? 
ATOM   245 O "O3'" . U   A 1 12 ? 11.507  -0.469  12.414  1.000 18.962  0 12  U   A "O3'" 1 ? 
ATOM   246 C "C2'" . U   A 1 12 ? 9.891   -1.263  10.719  1.000 15.622  0 12  U   A "C2'" 1 ? 
ATOM   247 O "O2'" . U   A 1 12 ? 9.633   -2.320  11.614  1.000 16.238  0 12  U   A "O2'" 1 ? 
ATOM   248 C "C1'" . U   A 1 12 ? 8.565   -0.649  10.266  1.000 15.195  0 12  U   A "C1'" 1 ? 
ATOM   249 N N1    . U   A 1 12 ? 8.668   -0.034  8.926   1.000 13.063  0 12  U   A N1    1 ? 
ATOM   250 C C2    . U   A 1 12 ? 8.616   -0.888  7.842   1.000 13.197  0 12  U   A C2    1 ? 
ATOM   251 O O2    . U   A 1 12 ? 8.423   -2.078  7.983   1.000 13.562  0 12  U   A O2    1 ? 
ATOM   252 N N3    . U   A 1 12 ? 8.722   -0.282  6.603   1.000 13.066  0 12  U   A N3    1 ? 
ATOM   253 C C4    . U   A 1 12 ? 8.932   1.051   6.357   1.000 12.620  0 12  U   A C4    1 ? 
ATOM   254 O O4    . U   A 1 12 ? 9.001   1.475   5.204   1.000 13.771  0 12  U   A O4    1 ? 
ATOM   255 C C5    . U   A 1 12 ? 9.040   1.853   7.532   1.000 13.009  0 12  U   A C5    1 ? 
ATOM   256 C C6    . U   A 1 12 ? 8.910   1.294   8.743   1.000 13.250  0 12  U   A C6    1 ? 
ATOM   257 P P     . C   A 1 13 ? 12.994  -0.333  11.838  1.000 19.228  0 13  C   A P     1 ? 
ATOM   258 O OP1   . C   A 1 13 ? 14.031  -0.597  12.950  1.000 18.919  0 13  C   A OP1   1 ? 
ATOM   259 O OP2   . C   A 1 13 ? 13.269  0.896   10.963  1.000 17.317  0 13  C   A OP2   1 ? 
ATOM   260 O "O5'" . C   A 1 13 ? 13.228  -1.566  10.840  1.000 16.504  0 13  C   A "O5'" 1 ? 
ATOM   261 C "C5'" . C   A 1 13 ? 13.009  -2.901  11.315  1.000 15.290  0 13  C   A "C5'" 1 ? 
ATOM   262 C "C4'" . C   A 1 13 ? 12.937  -3.807  10.107  1.000 14.658  0 13  C   A "C4'" 1 ? 
ATOM   263 O "O4'" . C   A 1 13 ? 11.758  -3.497  9.316   1.000 13.164  0 13  C   A "O4'" 1 ? 
ATOM   264 C "C3'" . C   A 1 13 ? 14.069  -3.716  9.088   1.000 14.169  0 13  C   A "C3'" 1 ? 
ATOM   265 O "O3'" . C   A 1 13 ? 15.210  -4.414  9.563   1.000 15.040  0 13  C   A "O3'" 1 ? 
ATOM   266 C "C2'" . C   A 1 13 ? 13.403  -4.422  7.902   1.000 13.223  0 13  C   A "C2'" 1 ? 
ATOM   267 O "O2'" . C   A 1 13 ? 13.289  -5.803  8.160   1.000 13.369  0 13  C   A "O2'" 1 ? 
ATOM   268 C "C1'" . C   A 1 13 ? 12.020  -3.774  7.953   1.000 13.772  0 13  C   A "C1'" 1 ? 
ATOM   269 N N1    . C   A 1 13 ? 11.994  -2.518  7.166   1.000 12.651  0 13  C   A N1    1 ? 
ATOM   270 C C2    . C   A 1 13 ? 11.869  -2.616  5.772   1.000 13.028  0 13  C   A C2    1 ? 
ATOM   271 O O2    . C   A 1 13 ? 11.728  -3.736  5.261   1.000 12.004  0 13  C   A O2    1 ? 
ATOM   272 N N3    . C   A 1 13 ? 11.898  -1.486  5.031   1.000 12.825  0 13  C   A N3    1 ? 
ATOM   273 C C4    . C   A 1 13 ? 12.033  -0.298  5.623   1.000 12.727  0 13  C   A C4    1 ? 
ATOM   274 N N4    . C   A 1 13 ? 12.017  0.783   4.860   1.000 12.974  0 13  C   A N4    1 ? 
ATOM   275 C C5    . C   A 1 13 ? 12.181  -0.185  7.035   1.000 13.053  0 13  C   A C5    1 ? 
ATOM   276 C C6    . C   A 1 13 ? 12.169  -1.306  7.759   1.000 13.598  0 13  C   A C6    1 ? 
ATOM   277 P P     . G   A 1 14 ? 16.625  -3.820  9.099   1.000 18.995  0 14  G   A P     1 ? 
ATOM   278 O OP1   . G   A 1 14 ? 17.683  -4.626  9.836   1.000 21.110  0 14  G   A OP1   1 ? 
ATOM   279 O OP2   . G   A 1 14 ? 16.748  -2.307  9.202   1.000 15.646  0 14  G   A OP2   1 ? 
ATOM   280 O "O5'" . G   A 1 14 ? 16.701  -4.075  7.490   1.000 14.464  0 14  G   A "O5'" 1 ? 
ATOM   281 C "C5'" . G   A 1 14 ? 16.630  -5.425  7.029   1.000 15.096  0 14  G   A "C5'" 1 ? 
ATOM   282 C "C4'" . G   A 1 14 ? 16.542  -5.445  5.523   1.000 15.861  0 14  G   A "C4'" 1 ? 
ATOM   283 O "O4'" . G   A 1 14 ? 15.346  -4.751  5.101   1.000 12.891  0 14  G   A "O4'" 1 ? 
ATOM   284 C "C3'" . G   A 1 14 ? 17.620  -4.706  4.732   1.000 16.425  0 14  G   A "C3'" 1 ? 
ATOM   285 O "O3'" . G   A 1 14 ? 18.864  -5.412  4.718   1.000 19.363  0 14  G   A "O3'" 1 ? 
ATOM   286 C "C2'" . G   A 1 14 ? 16.944  -4.707  3.359   1.000 14.425  0 14  G   A "C2'" 1 ? 
ATOM   287 O "O2'" . G   A 1 14 ? 16.970  -5.976  2.742   1.000 16.340  0 14  G   A "O2'" 1 ? 
ATOM   288 C "C1'" . G   A 1 14 ? 15.526  -4.323  3.765   1.000 12.659  0 14  G   A "C1'" 1 ? 
ATOM   289 N N9    . G   A 1 14 ? 15.325  -2.892  3.693   1.000 10.079  0 14  G   A N9    1 ? 
ATOM   290 C C8    . G   A 1 14 ? 15.268  -1.956  4.695   1.000 9.729   0 14  G   A C8    1 ? 
ATOM   291 N N7    . G   A 1 14 ? 15.071  -0.737  4.248   1.000 9.109   0 14  G   A N7    1 ? 
ATOM   292 C C5    . G   A 1 14 ? 14.996  -0.902  2.867   1.000 9.366   0 14  G   A C5    1 ? 
ATOM   293 C C6    . G   A 1 14 ? 14.793  0.053   1.853   1.000 9.218   0 14  G   A C6    1 ? 
ATOM   294 O O6    . G   A 1 14 ? 14.689  1.277   1.995   1.000 10.255  0 14  G   A O6    1 ? 
ATOM   295 N N1    . G   A 1 14 ? 14.808  -0.535  0.588   1.000 9.526   0 14  G   A N1    1 ? 
ATOM   296 C C2    . G   A 1 14 ? 14.963  -1.877  0.331   1.000 9.331   0 14  G   A C2    1 ? 
ATOM   297 N N2    . G   A 1 14 ? 14.967  -2.263  -0.949  1.000 9.939   0 14  G   A N2    1 ? 
ATOM   298 N N3    . G   A 1 14 ? 15.134  -2.789  1.288   1.000 9.359   0 14  G   A N3    1 ? 
ATOM   299 C C4    . G   A 1 14 ? 15.159  -2.219  2.517   1.000 9.688   0 14  G   A C4    1 ? 
HETATM 300 P P     . G46 A 1 15 ? 20.177  -4.503  4.391   1.000 27.478  0 15  G46 A P     1 ? 
HETATM 301 O O1P   . G46 A 1 15 ? 21.076  -5.609  4.917   1.000 26.097  0 15  G46 A O1P   1 ? 
HETATM 302 S S2P   . G46 A 1 15 ? 20.250  -2.788  5.216   1.000 30.383  0 15  G46 A S2P   1 ? 
HETATM 303 O "O5'" . G46 A 1 15 ? 20.437  -4.113  2.883   1.000 26.318  0 15  G46 A "O5'" 1 ? 
HETATM 304 C "C5'" . G46 A 1 15 ? 20.381  -5.108  1.884   1.000 25.697  0 15  G46 A "C5'" 1 ? 
HETATM 305 C "C4'" . G46 A 1 15 ? 19.910  -4.472  0.566   1.000 23.250  0 15  G46 A "C4'" 1 ? 
HETATM 306 O "O4'" . G46 A 1 15 ? 18.764  -3.619  0.739   1.000 20.163  0 15  G46 A "O4'" 1 ? 
HETATM 307 C "C3'" . G46 A 1 15 ? 20.907  -3.447  -0.063  1.000 24.266  0 15  G46 A "C3'" 1 ? 
HETATM 308 O "O3'" . G46 A 1 15 ? 22.057  -4.068  -0.640  1.000 28.052  0 15  G46 A "O3'" 1 ? 
HETATM 309 C "C2'" . G46 A 1 15 ? 20.061  -2.981  -1.168  1.000 21.994  0 15  G46 A "C2'" 1 ? 
HETATM 310 C "C1'" . G46 A 1 15 ? 18.758  -2.736  -0.430  1.000 19.114  0 15  G46 A "C1'" 1 ? 
HETATM 311 O "O2'" . G46 A 1 15 ? 19.783  -4.093  -2.103  1.000 24.170  0 15  G46 A "O2'" 1 ? 
HETATM 312 N N9    . G46 A 1 15 ? 18.490  -1.404  0.090   1.000 15.308  0 15  G46 A N9    1 ? 
HETATM 313 C C8    . G46 A 1 15 ? 18.393  -1.034  1.379   1.000 14.291  0 15  G46 A C8    1 ? 
HETATM 314 N N7    . G46 A 1 15 ? 18.067  0.249   1.419   1.000 12.983  0 15  G46 A N7    1 ? 
HETATM 315 C C5    . G46 A 1 15 ? 17.943  0.656   0.156   1.000 12.575  0 15  G46 A C5    1 ? 
HETATM 316 C C6    . G46 A 1 15 ? 17.657  1.866   -0.313  1.000 13.391  0 15  G46 A C6    1 ? 
HETATM 317 O O6    . G46 A 1 15 ? 17.411  2.834   0.413   1.000 12.379  0 15  G46 A O6    1 ? 
HETATM 318 N N1    . G46 A 1 15 ? 17.597  2.047   -1.672  1.000 13.366  0 15  G46 A N1    1 ? 
HETATM 319 C C2    . G46 A 1 15 ? 17.850  0.971   -2.498  1.000 13.409  0 15  G46 A C2    1 ? 
HETATM 320 N N2    . G46 A 1 15 ? 17.797  1.236   -3.776  1.000 13.715  0 15  G46 A N2    1 ? 
HETATM 321 N N3    . G46 A 1 15 ? 18.162  -0.267  -2.017  1.000 13.193  0 15  G46 A N3    1 ? 
HETATM 322 C C4    . G46 A 1 15 ? 18.177  -0.378  -0.669  1.000 14.025  0 15  G46 A C4    1 ? 
HETATM 323 N N1    . LKC B 1 1  ? 18.548  10.433  -3.479  1.000 15.455  0 1   LKC B N1    1 ? 
HETATM 324 C C2    . LKC B 1 1  ? 18.896  9.205   -3.154  1.000 15.385  0 1   LKC B C2    1 ? 
HETATM 325 N N3    . LKC B 1 1  ? 18.851  8.799   -1.907  1.000 16.060  0 1   LKC B N3    1 ? 
HETATM 326 C C4    . LKC B 1 1  ? 18.445  9.630   -0.948  1.000 16.932  0 1   LKC B C4    1 ? 
HETATM 327 C C5    . LKC B 1 1  ? 18.076  10.931  -1.211  1.000 17.757  0 1   LKC B C5    1 ? 
HETATM 328 C C6    . LKC B 1 1  ? 18.105  11.339  -2.519  1.000 16.704  0 1   LKC B C6    1 ? 
HETATM 329 O O2    . LKC B 1 1  ? 19.242  8.397   -4.014  1.000 17.053  0 1   LKC B O2    1 ? 
HETATM 330 N N4    . LKC B 1 1  ? 18.412  9.203   0.286   1.000 18.776  0 1   LKC B N4    1 ? 
HETATM 331 C "C1'" . LKC B 1 1  ? 18.592  10.919  -4.874  1.000 16.378  0 1   LKC B "C1'" 1 ? 
HETATM 332 C "C2'" . LKC B 1 1  ? 17.463  10.502  -5.746  1.000 16.244  0 1   LKC B "C2'" 1 ? 
HETATM 333 C "C3'" . LKC B 1 1  ? 16.424  11.560  -5.527  1.000 17.122  0 1   LKC B "C3'" 1 ? 
HETATM 334 C "C4'" . LKC B 1 1  ? 17.420  12.653  -5.857  1.000 17.386  0 1   LKC B "C4'" 1 ? 
HETATM 335 O "O4'" . LKC B 1 1  ? 18.415  12.324  -4.862  1.000 17.095  0 1   LKC B "O4'" 1 ? 
HETATM 336 O "O3'" . LKC B 1 1  ? 15.390  11.503  -6.471  1.000 18.128  0 1   LKC B "O3'" 1 ? 
HETATM 337 C "C5'" . LKC B 1 1  ? 16.881  14.080  -5.873  1.000 19.993  0 1   LKC B "C5'" 1 ? 
HETATM 338 O "O5'" . LKC B 1 1  ? 16.613  14.408  -4.480  1.000 20.634  0 1   LKC B "O5'" 1 ? 
HETATM 339 C C5A   . LKC B 1 1  ? 17.653  11.848  -0.243  1.000 20.088  0 1   LKC B C5A   1 ? 
HETATM 340 O "O2'" . LKC B 1 1  ? 17.971  10.785  -7.069  1.000 16.083  0 1   LKC B "O2'" 1 ? 
HETATM 341 C "C6'" . LKC B 1 1  ? 17.842  12.266  -7.281  1.000 16.601  0 1   LKC B "C6'" 1 ? 
HETATM 342 O "O5'" . LCC B 1 2  ? 14.643  9.144   -6.339  1.000 12.912  0 2   LCC B "O5'" 1 ? 
HETATM 343 C "C5'" . LCC B 1 2  ? 15.078  8.767   -7.676  1.000 13.746  0 2   LCC B "C5'" 1 ? 
HETATM 344 C "C4'" . LCC B 1 2  ? 15.589  7.322   -7.549  1.000 13.222  0 2   LCC B "C4'" 1 ? 
HETATM 345 O "O4'" . LCC B 1 2  ? 16.709  7.233   -6.599  1.000 14.011  0 2   LCC B "O4'" 1 ? 
HETATM 346 C "C1'" . LCC B 1 2  ? 16.813  5.890   -6.240  1.000 12.507  0 2   LCC B "C1'" 1 ? 
HETATM 347 N N1    . LCC B 1 2  ? 16.653  5.857   -4.765  1.000 11.273  0 2   LCC B N1    1 ? 
HETATM 348 C C6    . LCC B 1 2  ? 16.167  6.923   -4.035  1.000 10.840  0 2   LCC B C6    1 ? 
HETATM 349 C C5    . LCC B 1 2  ? 16.057  6.790   -2.687  1.000 11.246  0 2   LCC B C5    1 ? 
HETATM 350 C C5M   . LCC B 1 2  ? 15.545  7.904   -1.953  1.000 12.005  0 2   LCC B C5M   1 ? 
HETATM 351 C C4    . LCC B 1 2  ? 16.464  5.588   -2.146  1.000 11.206  0 2   LCC B C4    1 ? 
HETATM 352 N N4    . LCC B 1 2  ? 16.422  5.423   -0.849  1.000 12.423  0 2   LCC B N4    1 ? 
HETATM 353 N N3    . LCC B 1 2  ? 16.951  4.570   -2.851  1.000 11.318  0 2   LCC B N3    1 ? 
HETATM 354 C C2    . LCC B 1 2  ? 17.028  4.730   -4.167  1.000 10.948  0 2   LCC B C2    1 ? 
HETATM 355 O O2    . LCC B 1 2  ? 17.474  3.820   -4.850  1.000 12.217  0 2   LCC B O2    1 ? 
HETATM 356 C "C3'" . LCC B 1 2  ? 14.656  6.327   -6.930  1.000 13.923  0 2   LCC B "C3'" 1 ? 
HETATM 357 C "C2'" . LCC B 1 2  ? 15.671  5.230   -7.016  1.000 13.164  0 2   LCC B "C2'" 1 ? 
HETATM 358 O "O2'" . LCC B 1 2  ? 16.146  5.204   -8.387  1.000 13.465  0 2   LCC B "O2'" 1 ? 
HETATM 359 O "O3'" . LCC B 1 2  ? 13.487  6.058   -7.710  1.000 14.626  0 2   LCC B "O3'" 1 ? 
HETATM 360 C "C6'" . LCC B 1 2  ? 15.973  6.620   -8.887  1.000 13.666  0 2   LCC B "C6'" 1 ? 
HETATM 361 P P     . LCC B 1 2  ? 14.012  10.632  -6.243  1.000 15.890  0 2   LCC B P     1 ? 
HETATM 362 O O1P   . LCC B 1 2  ? 13.567  10.773  -4.825  1.000 14.738  0 2   LCC B O1P   1 ? 
HETATM 363 O O2P   . LCC B 1 2  ? 13.164  11.035  -7.362  1.000 13.950  0 2   LCC B O2P   1 ? 
HETATM 364 O "O5'" . LCC B 1 3  ? 12.434  4.003   -6.765  1.000 11.090  0 3   LCC B "O5'" 1 ? 
HETATM 365 C "C5'" . LCC B 1 3  ? 12.852  3.151   -7.841  1.000 11.220  0 3   LCC B "C5'" 1 ? 
HETATM 366 C "C4'" . LCC B 1 3  ? 13.352  1.870   -7.185  1.000 10.528  0 3   LCC B "C4'" 1 ? 
HETATM 367 O "O4'" . LCC B 1 3  ? 14.483  2.124   -6.276  1.000 10.321  0 3   LCC B "O4'" 1 ? 
HETATM 368 C "C1'" . LCC B 1 3  ? 14.547  0.992   -5.413  1.000 10.240  0 3   LCC B "C1'" 1 ? 
HETATM 369 N N1    . LCC B 1 3  ? 14.284  1.523   -4.051  1.000 9.540   0 3   LCC B N1    1 ? 
HETATM 370 C C6    . LCC B 1 3  ? 13.806  2.785   -3.865  1.000 9.388   0 3   LCC B C6    1 ? 
HETATM 371 C C5    . LCC B 1 3  ? 13.613  3.282   -2.619  1.000 9.101   0 3   LCC B C5    1 ? 
HETATM 372 C C5M   . LCC B 1 3  ? 13.119  4.578   -2.535  1.000 10.000  0 3   LCC B C5M   1 ? 
HETATM 373 C C4    . LCC B 1 3  ? 13.884  2.447   -1.539  1.000 9.809   0 3   LCC B C4    1 ? 
HETATM 374 N N4    . LCC B 1 3  ? 13.700  2.946   -0.322  1.000 10.935  0 3   LCC B N4    1 ? 
HETATM 375 N N3    . LCC B 1 3  ? 14.339  1.198   -1.729  1.000 9.282   0 3   LCC B N3    1 ? 
HETATM 376 C C2    . LCC B 1 3  ? 14.524  0.745   -2.980  1.000 9.632   0 3   LCC B C2    1 ? 
HETATM 377 O O2    . LCC B 1 3  ? 14.942  -0.404  -3.182  1.000 11.713  0 3   LCC B O2    1 ? 
HETATM 378 C "C3'" . LCC B 1 3  ? 12.421  1.099   -6.327  1.000 10.979  0 3   LCC B "C3'" 1 ? 
HETATM 379 C "C2'" . LCC B 1 3  ? 13.423  0.091   -6.007  1.000 10.499  0 3   LCC B "C2'" 1 ? 
HETATM 380 O "O2'" . LCC B 1 3  ? 13.884  -0.318  -7.295  1.000 10.679  0 3   LCC B "O2'" 1 ? 
HETATM 381 O "O3'" . LCC B 1 3  ? 11.283  0.529   -7.093  1.000 11.396  0 3   LCC B "O3'" 1 ? 
HETATM 382 C "C6'" . LCC B 1 3  ? 13.840  0.855   -8.232  1.000 11.624  0 3   LCC B "C6'" 1 ? 
HETATM 383 P P     . LCC B 1 3  ? 12.109  5.534   -7.106  1.000 13.027  0 3   LCC B P     1 ? 
HETATM 384 O O1P   . LCC B 1 3  ? 11.857  6.048   -5.720  1.000 12.549  0 3   LCC B O1P   1 ? 
HETATM 385 O O2P   . LCC B 1 3  ? 11.102  5.623   -8.212  1.000 16.276  0 3   LCC B O2P   1 ? 
HETATM 386 P P     . LCG B 1 4  ? 9.909   0.232   -6.396  1.000 11.399  0 4   LCG B P     1 ? 
HETATM 387 O OP1   . LCG B 1 4  ? 9.142   -0.230  -7.621  1.000 12.107  0 4   LCG B OP1   1 ? 
HETATM 388 O "O5'" . LCG B 1 4  ? 10.232  -0.968  -5.433  1.000 10.416  0 4   LCG B "O5'" 1 ? 
HETATM 389 C "C5'" . LCG B 1 4  ? 10.622  -2.195  -5.973  1.000 10.640  0 4   LCG B "C5'" 1 ? 
HETATM 390 C "C3'" . LCG B 1 4  ? 9.718   -3.276  -3.848  1.000 12.042  0 4   LCG B "C3'" 1 ? 
HETATM 391 C "C6'" . LCG B 1 4  ? 11.216  -4.552  -5.143  1.000 11.649  0 4   LCG B "C6'" 1 ? 
HETATM 392 N N9    . LCG B 1 4  ? 11.549  -1.968  -1.745  1.000 9.210   0 4   LCG B N9    1 ? 
HETATM 393 C C8    . LCG B 1 4  ? 11.376  -0.688  -2.034  1.000 8.365   0 4   LCG B C8    1 ? 
HETATM 394 C C4    . LCG B 1 4  ? 11.625  -2.105  -0.429  1.000 8.634   0 4   LCG B C4    1 ? 
HETATM 395 N N7    . LCG B 1 4  ? 11.325  0.002   -0.905  1.000 9.208   0 4   LCG B N7    1 ? 
HETATM 396 C C5    . LCG B 1 4  ? 11.462  -0.885  0.114   1.000 9.187   0 4   LCG B C5    1 ? 
HETATM 397 C C6    . LCG B 1 4  ? 11.547  -0.712  1.422   1.000 9.109   0 4   LCG B C6    1 ? 
HETATM 398 C "C2'" . LCG B 1 4  ? 10.498  -4.086  -2.904  1.000 10.980  0 4   LCG B "C2'" 1 ? 
HETATM 399 O O6    . LCG B 1 4  ? 11.457  0.398   1.967   1.000 9.025   0 4   LCG B O6    1 ? 
HETATM 400 C "C4'" . LCG B 1 4  ? 10.873  -3.164  -4.779  1.000 11.003  0 4   LCG B "C4'" 1 ? 
HETATM 401 C "C1'" . LCG B 1 4  ? 11.681  -3.138  -2.589  1.000 9.822   0 4   LCG B "C1'" 1 ? 
HETATM 402 C C2    . LCG B 1 4  ? 11.786  -3.059  1.626   1.000 8.711   0 4   LCG B C2    1 ? 
HETATM 403 N N1    . LCG B 1 4  ? 11.690  -1.811  2.185   1.000 8.736   0 4   LCG B N1    1 ? 
HETATM 404 O "O4'" . LCG B 1 4  ? 11.967  -2.652  -3.926  1.000 11.122  0 4   LCG B "O4'" 1 ? 
HETATM 405 O OP2   . LCG B 1 4  ? 9.349   1.343   -5.549  1.000 11.399  0 4   LCG B OP2   1 ? 
HETATM 406 N N2    . LCG B 1 4  ? 11.961  -4.057  2.462   1.000 9.080   0 4   LCG B N2    1 ? 
HETATM 407 N N3    . LCG B 1 4  ? 11.797  -3.227  0.287   1.000 8.373   0 4   LCG B N3    1 ? 
HETATM 408 O "O2'" . LCG B 1 4  ? 11.041  -5.133  -3.724  1.000 11.402  0 4   LCG B "O2'" 1 ? 
HETATM 409 O "O3'" . LCG B 1 4  ? 8.619   -4.072  -4.470  1.000 13.374  0 4   LCG B "O3'" 1 ? 
ATOM   410 P P     . A   B 1 5  ? 7.207   -3.778  -3.859  1.000 13.433  0 5   A   B P     1 ? 
ATOM   411 O OP1   . A   B 1 5  ? 6.380   -4.541  -4.888  1.000 15.518  0 5   A   B OP1   1 ? 
ATOM   412 O OP2   . A   B 1 5  ? 6.751   -2.422  -3.371  1.000 10.106  0 5   A   B OP2   1 ? 
ATOM   413 O "O5'" . A   B 1 5  ? 7.164   -4.676  -2.522  1.000 11.924  0 5   A   B "O5'" 1 ? 
ATOM   414 C "C5'" . A   B 1 5  ? 7.465   -6.084  -2.613  1.000 10.662  0 5   A   B "C5'" 1 ? 
ATOM   415 C "C4'" . A   B 1 5  ? 7.532   -6.632  -1.203  1.000 9.927   0 5   A   B "C4'" 1 ? 
ATOM   416 O "O4'" . A   B 1 5  ? 8.665   -6.035  -0.520  1.000 9.458   0 5   A   B "O4'" 1 ? 
ATOM   417 C "C3'" . A   B 1 5  ? 6.345   -6.328  -0.280  1.000 9.462   0 5   A   B "C3'" 1 ? 
ATOM   418 O "O3'" . A   B 1 5  ? 5.293   -7.217  -0.652  1.000 9.244   0 5   A   B "O3'" 1 ? 
ATOM   419 C "C2'" . A   B 1 5  ? 7.018   -6.529  1.080   1.000 8.884   0 5   A   B "C2'" 1 ? 
ATOM   420 O "O2'" . A   B 1 5  ? 7.167   -7.918  1.322   1.000 8.736   0 5   A   B "O2'" 1 ? 
ATOM   421 C "C1'" . A   B 1 5  ? 8.345   -5.813  0.827   1.000 9.260   0 5   A   B "C1'" 1 ? 
ATOM   422 N N9    . A   B 1 5  ? 8.305   -4.377  1.045   1.000 8.746   0 5   A   B N9    1 ? 
ATOM   423 C C8    . A   B 1 5  ? 8.214   -3.389  0.101   1.000 9.193   0 5   A   B C8    1 ? 
ATOM   424 N N7    . A   B 1 5  ? 8.226   -2.184  0.600   1.000 8.664   0 5   A   B N7    1 ? 
ATOM   425 C C5    . A   B 1 5  ? 8.343   -2.394  1.964   1.000 8.861   0 5   A   B C5    1 ? 
ATOM   426 C C6    . A   B 1 5  ? 8.402   -1.507  3.051   1.000 9.131   0 5   A   B C6    1 ? 
ATOM   427 N N6    . A   B 1 5  ? 8.368   -0.189  2.919   1.000 9.531   0 5   A   B N6    1 ? 
ATOM   428 N N1    . A   B 1 5  ? 8.499   -2.040  4.297   1.000 9.057   0 5   A   B N1    1 ? 
ATOM   429 C C2    . A   B 1 5  ? 8.545   -3.375  4.414   1.000 9.146   0 5   A   B C2    1 ? 
ATOM   430 N N3    . A   B 1 5  ? 8.511   -4.310  3.468   1.000 9.346   0 5   A   B N3    1 ? 
ATOM   431 C C4    . A   B 1 5  ? 8.404   -3.740  2.248   1.000 8.972   0 5   A   B C4    1 ? 
ATOM   432 P P     . C   B 1 6  ? 3.794   -6.664  -0.380  1.000 10.087  0 6   C   B P     1 ? 
ATOM   433 O OP1   . C   B 1 6  ? 2.864   -7.716  -0.862  1.000 9.305   0 6   C   B OP1   1 ? 
ATOM   434 O OP2   . C   B 1 6  ? 3.542   -5.202  -0.854  1.000 9.086   0 6   C   B OP2   1 ? 
ATOM   435 O "O5'" . C   B 1 6  ? 3.684   -6.484  1.201   1.000 8.997   0 6   C   B "O5'" 1 ? 
ATOM   436 C "C5'" . C   B 1 6  ? 3.769   -7.618  2.081   1.000 10.128  0 6   C   B "C5'" 1 ? 
ATOM   437 C "C4'" . C   B 1 6  ? 3.967   -7.167  3.505   1.000 10.125  0 6   C   B "C4'" 1 ? 
ATOM   438 O "O4'" . C   B 1 6  ? 5.149   -6.323  3.611   1.000 10.624  0 6   C   B "O4'" 1 ? 
ATOM   439 C "C3'" . C   B 1 6  ? 2.863   -6.302  4.126   1.000 10.755  0 6   C   B "C3'" 1 ? 
ATOM   440 O "O3'" . C   B 1 6  ? 1.769   -7.102  4.569   1.000 12.022  0 6   C   B "O3'" 1 ? 
ATOM   441 C "C2'" . C   B 1 6  ? 3.613   -5.660  5.290   1.000 10.435  0 6   C   B "C2'" 1 ? 
ATOM   442 O "O2'" . C   B 1 6  ? 3.838   -6.492  6.416   1.000 10.545  0 6   C   B "O2'" 1 ? 
ATOM   443 C "C1'" . C   B 1 6  ? 4.950   -5.338  4.612   1.000 9.692   0 6   C   B "C1'" 1 ? 
ATOM   444 N N1    . C   B 1 6  ? 4.950   -3.989  3.962   1.000 8.937   0 6   C   B N1    1 ? 
ATOM   445 C C2    . C   B 1 6  ? 5.170   -2.880  4.783   1.000 9.301   0 6   C   B C2    1 ? 
ATOM   446 O O2    . C   B 1 6  ? 5.279   -3.073  5.992   1.000 10.245  0 6   C   B O2    1 ? 
ATOM   447 N N3    . C   B 1 6  ? 5.217   -1.635  4.244   1.000 9.175   0 6   C   B N3    1 ? 
ATOM   448 C C4    . C   B 1 6  ? 5.066   -1.478  2.925   1.000 10.038  0 6   C   B C4    1 ? 
ATOM   449 N N4    . C   B 1 6  ? 5.130   -0.237  2.426   1.000 11.080  0 6   C   B N4    1 ? 
ATOM   450 C C5    . C   B 1 6  ? 4.825   -2.584  2.074   1.000 9.824   0 6   C   B C5    1 ? 
ATOM   451 C C6    . C   B 1 6  ? 4.779   -3.814  2.632   1.000 9.774   0 6   C   B C6    1 ? 
ATOM   452 P P     . U   B 1 7  ? 0.306   -6.433  4.648   1.000 13.109  0 7   U   B P     1 ? 
ATOM   453 O OP1   . U   B 1 7  ? -0.648  -7.581  4.934   1.000 13.402  0 7   U   B OP1   1 ? 
ATOM   454 O OP2   . U   B 1 7  ? 0.005   -5.615  3.441   1.000 12.171  0 7   U   B OP2   1 ? 
ATOM   455 O "O5'" . U   B 1 7  ? 0.483   -5.483  5.911   1.000 12.449  0 7   U   B "O5'" 1 ? 
ATOM   456 C "C5'" . U   B 1 7  ? 0.699   -6.010  7.214   1.000 12.606  0 7   U   B "C5'" 1 ? 
ATOM   457 C "C4'" . U   B 1 7  ? 0.812   -4.864  8.188   1.000 12.305  0 7   U   B "C4'" 1 ? 
ATOM   458 O "O4'" . U   B 1 7  ? 1.987   -4.061  7.917   1.000 12.028  0 7   U   B "O4'" 1 ? 
ATOM   459 C "C3'" . U   B 1 7  ? -0.336  -3.854  8.202   1.000 12.454  0 7   U   B "C3'" 1 ? 
ATOM   460 O "O3'" . U   B 1 7  ? -1.350  -4.341  9.055   1.000 12.891  0 7   U   B "O3'" 1 ? 
ATOM   461 C "C2'" . U   B 1 7  ? 0.328   -2.673  8.888   1.000 11.763  0 7   U   B "C2'" 1 ? 
ATOM   462 O "O2'" . U   B 1 7  ? 0.661   -2.861  10.245  1.000 12.337  0 7   U   B "O2'" 1 ? 
ATOM   463 C "C1'" . U   B 1 7  ? 1.689   -2.716  8.213   1.000 11.345  0 7   U   B "C1'" 1 ? 
ATOM   464 N N1    . U   B 1 7  ? 1.759   -1.968  6.962   1.000 9.850   0 7   U   B N1    1 ? 
ATOM   465 C C2    . U   B 1 7  ? 1.929   -0.611  7.103   1.000 9.604   0 7   U   B C2    1 ? 
ATOM   466 O O2    . U   B 1 7  ? 1.944   -0.084  8.195   1.000 9.600   0 7   U   B O2    1 ? 
ATOM   467 N N3    . U   B 1 7  ? 2.091   0.086   5.938   1.000 9.004   0 7   U   B N3    1 ? 
ATOM   468 C C4    . U   B 1 7  ? 2.057   -0.438  4.665   1.000 9.152   0 7   U   B C4    1 ? 
ATOM   469 O O4    . U   B 1 7  ? 2.272   0.314   3.713   1.000 8.365   0 7   U   B O4    1 ? 
ATOM   470 C C5    . U   B 1 7  ? 1.841   -1.856  4.601   1.000 9.222   0 7   U   B C5    1 ? 
ATOM   471 C C6    . U   B 1 7  ? 1.704   -2.561  5.731   1.000 9.446   0 7   U   B C6    1 ? 
ATOM   472 P P     . U   B 1 8  ? -2.821  -3.910  8.635   1.000 13.604  0 8   U   B P     1 ? 
ATOM   473 O OP1   . U   B 1 8  ? -3.825  -4.686  9.541   1.000 12.546  0 8   U   B OP1   1 ? 
ATOM   474 O OP2   . U   B 1 8  ? -3.166  -3.880  7.179   1.000 12.019  0 8   U   B OP2   1 ? 
ATOM   475 O "O5'" . U   B 1 8  ? -2.868  -2.339  9.085   1.000 12.432  0 8   U   B "O5'" 1 ? 
ATOM   476 C "C5'" . U   B 1 8  ? -2.664  -1.935  10.453  1.000 13.235  0 8   U   B "C5'" 1 ? 
ATOM   477 C "C4'" . U   B 1 8  ? -2.515  -0.423  10.484  1.000 12.545  0 8   U   B "C4'" 1 ? 
ATOM   478 O "O4'" . U   B 1 8  ? -1.320  -0.021  9.766   1.000 12.302  0 8   U   B "O4'" 1 ? 
ATOM   479 C "C3'" . U   B 1 8  ? -3.617  0.396   9.798   1.000 12.497  0 8   U   B "C3'" 1 ? 
ATOM   480 O "O3'" . U   B 1 8  ? -4.733  0.517   10.670  1.000 13.388  0 8   U   B "O3'" 1 ? 
ATOM   481 C "C2'" . U   B 1 8  ? -2.888  1.730   9.621   1.000 11.756  0 8   U   B "C2'" 1 ? 
ATOM   482 O "O2'" . U   B 1 8  ? -2.684  2.399   10.842  1.000 11.039  0 8   U   B "O2'" 1 ? 
ATOM   483 C "C1'" . U   B 1 8  ? -1.511  1.246   9.176   1.000 11.152  0 8   U   B "C1'" 1 ? 
ATOM   484 N N1    . U   B 1 8  ? -1.375  1.135   7.711   1.000 10.503  0 8   U   B N1    1 ? 
ATOM   485 C C2    . U   B 1 8  ? -1.098  2.296   7.014   1.000 9.549   0 8   U   B C2    1 ? 
ATOM   486 O O2    . U   B 1 8  ? -0.951  3.372   7.572   1.000 9.673   0 8   U   B O2    1 ? 
ATOM   487 N N3    . U   B 1 8  ? -0.935  2.136   5.660   1.000 8.776   0 8   U   B N3    1 ? 
ATOM   488 C C4    . U   B 1 8  ? -1.067  0.968   4.934   1.000 9.534   0 8   U   B C4    1 ? 
ATOM   489 O O4    . U   B 1 8  ? -0.882  0.968   3.712   1.000 8.805   0 8   U   B O4    1 ? 
ATOM   490 C C5    . U   B 1 8  ? -1.392  -0.179  5.730   1.000 9.558   0 8   U   B C5    1 ? 
ATOM   491 C C6    . U   B 1 8  ? -1.524  -0.056  7.054   1.000 9.667   0 8   U   B C6    1 ? 
ATOM   492 P P     . A   B 1 9  ? -6.175  0.596   9.995   1.000 13.647  0 9   A   B P     1 ? 
ATOM   493 O OP1   . A   B 1 9  ? -7.211  0.523   11.122  1.000 15.357  0 9   A   B OP1   1 ? 
ATOM   494 O OP2   . A   B 1 9  ? -6.354  -0.373  8.870   1.000 15.052  0 9   A   B OP2   1 ? 
ATOM   495 O "O5'" . A   B 1 9  ? -6.196  2.078   9.342   1.000 11.848  0 9   A   B "O5'" 1 ? 
ATOM   496 C "C5'" . A   B 1 9  ? -6.208  3.204   10.204  1.000 11.378  0 9   A   B "C5'" 1 ? 
ATOM   497 C "C4'" . A   B 1 9  ? -6.240  4.466   9.366   1.000 10.468  0 9   A   B "C4'" 1 ? 
ATOM   498 O "O4'" . A   B 1 9  ? -4.943  4.675   8.769   1.000 9.774   0 9   A   B "O4'" 1 ? 
ATOM   499 C "C3'" . A   B 1 9  ? -7.183  4.519   8.171   1.000 10.519  0 9   A   B "C3'" 1 ? 
ATOM   500 O "O3'" . A   B 1 9  ? -8.503  4.814   8.626   1.000 11.210  0 9   A   B "O3'" 1 ? 
ATOM   501 C "C2'" . A   B 1 9  ? -6.560  5.704   7.441   1.000 10.125  0 9   A   B "C2'" 1 ? 
ATOM   502 O "O2'" . A   B 1 9  ? -6.856  6.883   8.181   1.000 9.827   0 9   A   B "O2'" 1 ? 
ATOM   503 C "C1'" . A   B 1 9  ? -5.086  5.331   7.531   1.000 9.951   0 9   A   B "C1'" 1 ? 
ATOM   504 N N9    . A   B 1 9  ? -4.618  4.438   6.479   1.000 8.440   0 9   A   B N9    1 ? 
ATOM   505 C C8    . A   B 1 9  ? -4.484  3.070   6.473   1.000 9.206   0 9   A   B C8    1 ? 
ATOM   506 N N7    . A   B 1 9  ? -4.039  2.596   5.330   1.000 8.372   0 9   A   B N7    1 ? 
ATOM   507 C C5    . A   B 1 9  ? -3.889  3.727   4.530   1.000 7.623   0 9   A   B C5    1 ? 
ATOM   508 C C6    . A   B 1 9  ? -3.418  3.918   3.219   1.000 7.451   0 9   A   B C6    1 ? 
ATOM   509 N N6    . A   B 1 9  ? -2.989  2.931   2.436   1.000 6.945   0 9   A   B N6    1 ? 
ATOM   510 N N1    . A   B 1 9  ? -3.390  5.187   2.740   1.000 7.399   0 9   A   B N1    1 ? 
ATOM   511 C C2    . A   B 1 9  ? -3.788  6.188   3.532   1.000 8.139   0 9   A   B C2    1 ? 
ATOM   512 N N3    . A   B 1 9  ? -4.168  6.139   4.807   1.000 7.419   0 9   A   B N3    1 ? 
ATOM   513 C C4    . A   B 1 9  ? -4.213  4.865   5.241   1.000 8.327   0 9   A   B C4    1 ? 
ATOM   514 P P     . A   B 1 10 ? -9.694  4.253   7.721   1.000 13.886  0 10  A   B P     1 ? 
ATOM   515 O OP1   . A   B 1 10 ? -11.038 4.321   8.476   1.000 14.730  0 10  A   B OP1   1 ? 
ATOM   516 O OP2   . A   B 1 10 ? -9.428  2.959   7.012   1.000 11.181  0 10  A   B OP2   1 ? 
ATOM   517 O "O5'" . A   B 1 10 ? -9.765  5.282   6.468   1.000 10.623  0 10  A   B "O5'" 1 ? 
ATOM   518 C "C5'" . A   B 1 10 ? -9.980  6.675   6.695   1.000 11.614  0 10  A   B "C5'" 1 ? 
ATOM   519 C "C4'" . A   B 1 10 ? -9.682  7.444   5.432   1.000 11.444  0 10  A   B "C4'" 1 ? 
ATOM   520 O "O4'" . A   B 1 10 ? -8.273  7.302   5.100   1.000 11.370  0 10  A   B "O4'" 1 ? 
ATOM   521 C "C3'" . A   B 1 10 ? -10.416 6.993   4.173   1.000 12.654  0 10  A   B "C3'" 1 ? 
ATOM   522 O "O3'" . A   B 1 10 ? -11.684 7.620   4.123   1.000 12.484  0 10  A   B "O3'" 1 ? 
ATOM   523 C "C2'" . A   B 1 10 ? -9.475  7.526   3.092   1.000 11.403  0 10  A   B "C2'" 1 ? 
ATOM   524 O "O2'" . A   B 1 10 ? -9.687  8.908   2.911   1.000 12.556  0 10  A   B "O2'" 1 ? 
ATOM   525 C "C1'" . A   B 1 10 ? -8.107  7.219   3.698   1.000 11.393  0 10  A   B "C1'" 1 ? 
ATOM   526 N N9    . A   B 1 10 ? -7.593  5.901   3.326   1.000 10.270  0 10  A   B N9    1 ? 
ATOM   527 C C8    . A   B 1 10 ? -7.653  4.706   3.995   1.000 10.326  0 10  A   B C8    1 ? 
ATOM   528 N N7    . A   B 1 10 ? -7.136  3.697   3.336   1.000 10.025  0 10  A   B N7    1 ? 
ATOM   529 C C5    . A   B 1 10 ? -6.732  4.269   2.138   1.000 9.618   0 10  A   B C5    1 ? 
ATOM   530 C C6    . A   B 1 10 ? -6.071  3.746   1.011   1.000 9.120   0 10  A   B C6    1 ? 
ATOM   531 N N6    . A   B 1 10 ? -5.729  2.477   0.880   1.000 8.774   0 10  A   B N6    1 ? 
ATOM   532 N N1    . A   B 1 10 ? -5.769  4.603   0.010   1.000 9.264   0 10  A   B N1    1 ? 
ATOM   533 C C2    . A   B 1 10 ? -6.129  5.885   0.122   1.000 9.795   0 10  A   B C2    1 ? 
ATOM   534 N N3    . A   B 1 10 ? -6.748  6.484   1.135   1.000 9.095   0 10  A   B N3    1 ? 
ATOM   535 C C4    . A   B 1 10 ? -6.993  5.620   2.126   1.000 9.512   0 10  A   B C4    1 ? 
ATOM   536 P P     . G   B 1 11 ? -12.836 6.816   3.355   1.000 15.483  0 11  G   B P     1 ? 
ATOM   537 O OP1   . G   B 1 11 ? -14.121 7.563   3.629   1.000 12.305  0 11  G   B OP1   1 ? 
ATOM   538 O OP2   . G   B 1 11 ? -12.853 5.346   3.658   1.000 13.527  0 11  G   B OP2   1 ? 
ATOM   539 O "O5'" . G   B 1 11 ? -12.448 6.786   1.767   1.000 13.672  0 11  G   B "O5'" 1 ? 
ATOM   540 C "C5'" . G   B 1 11 ? -12.496 7.975   0.965   1.000 13.943  0 11  G   B "C5'" 1 ? 
ATOM   541 C "C4'" . G   B 1 11 ? -11.777 7.736   -0.351  1.000 13.166  0 11  G   B "C4'" 1 ? 
ATOM   542 O "O4'" . G   B 1 11 ? -10.430 7.241   -0.101  1.000 13.295  0 11  G   B "O4'" 1 ? 
ATOM   543 C "C3'" . G   B 1 11 ? -12.296 6.692   -1.347  1.000 12.645  0 11  G   B "C3'" 1 ? 
ATOM   544 O "O3'" . G   B 1 11 ? -13.439 7.148   -2.047  1.000 12.997  0 11  G   B "O3'" 1 ? 
ATOM   545 C "C2'" . G   B 1 11 ? -11.087 6.666   -2.286  1.000 11.450  0 11  G   B "C2'" 1 ? 
ATOM   546 O "O2'" . G   B 1 11 ? -11.012 7.852   -3.069  1.000 11.568  0 11  G   B "O2'" 1 ? 
ATOM   547 C "C1'" . G   B 1 11 ? -9.958  6.570   -1.259  1.000 10.872  0 11  G   B "C1'" 1 ? 
ATOM   548 N N9    . G   B 1 11 ? -9.557  5.202   -0.913  1.000 9.489   0 11  G   B N9    1 ? 
ATOM   549 C C8    . G   B 1 11 ? -9.836  4.463   0.208   1.000 8.871   0 11  G   B C8    1 ? 
ATOM   550 N N7    . G   B 1 11 ? -9.321  3.258   0.193   1.000 9.216   0 11  G   B N7    1 ? 
ATOM   551 C C5    . G   B 1 11 ? -8.666  3.193   -1.031  1.000 8.488   0 11  G   B C5    1 ? 
ATOM   552 C C6    . G   B 1 11 ? -7.934  2.135   -1.612  1.000 8.381   0 11  G   B C6    1 ? 
ATOM   553 O O6    . G   B 1 11 ? -7.685  1.023   -1.139  1.000 8.136   0 11  G   B O6    1 ? 
ATOM   554 N N1    . G   B 1 11 ? -7.461  2.489   -2.880  1.000 7.859   0 11  G   B N1    1 ? 
ATOM   555 C C2    . G   B 1 11 ? -7.720  3.691   -3.499  1.000 8.213   0 11  G   B C2    1 ? 
ATOM   556 N N2    . G   B 1 11 ? -7.216  3.852   -4.720  1.000 8.341   0 11  G   B N2    1 ? 
ATOM   557 N N3    . G   B 1 11 ? -8.371  4.716   -2.946  1.000 8.169   0 11  G   B N3    1 ? 
ATOM   558 C C4    . G   B 1 11 ? -8.847  4.365   -1.727  1.000 8.937   0 11  G   B C4    1 ? 
ATOM   559 P P     . U   B 1 12 ? -14.430 6.200   -2.875  1.000 12.779  0 12  U   B P     1 ? 
ATOM   560 O OP1   . U   B 1 12 ? -15.654 7.038   -3.237  1.000 12.105  0 12  U   B OP1   1 ? 
ATOM   561 O OP2   . U   B 1 12 ? -14.698 4.879   -2.195  1.000 11.960  0 12  U   B OP2   1 ? 
ATOM   562 O "O5'" . U   B 1 12 ? -13.673 5.743   -4.220  1.000 12.099  0 12  U   B "O5'" 1 ? 
ATOM   563 C "C5'" . U   B 1 12 ? -13.351 6.716   -5.216  1.000 12.543  0 12  U   B "C5'" 1 ? 
ATOM   564 C "C4'" . U   B 1 12 ? -12.557 6.045   -6.309  1.000 12.470  0 12  U   B "C4'" 1 ? 
ATOM   565 O "O4'" . U   B 1 12 ? -11.252 5.643   -5.815  1.000 11.939  0 12  U   B "O4'" 1 ? 
ATOM   566 C "C3'" . U   B 1 12 ? -13.131 4.749   -6.882  1.000 13.388  0 12  U   B "C3'" 1 ? 
ATOM   567 O "O3'" . U   B 1 12 ? -14.079 5.054   -7.898  1.000 14.863  0 12  U   B "O3'" 1 ? 
ATOM   568 C "C2'" . U   B 1 12 ? -11.883 4.142   -7.521  1.000 12.167  0 12  U   B "C2'" 1 ? 
ATOM   569 O "O2'" . U   B 1 12 ? -11.486 4.839   -8.694  1.000 13.311  0 12  U   B "O2'" 1 ? 
ATOM   570 C "C1'" . U   B 1 12 ? -10.858 4.429   -6.427  1.000 11.434  0 12  U   B "C1'" 1 ? 
ATOM   571 N N1    . U   B 1 12 ? -10.791 3.369   -5.410  1.000 10.051  0 12  U   B N1    1 ? 
ATOM   572 C C2    . U   B 1 12 ? -10.084 2.235   -5.752  1.000 10.188  0 12  U   B C2    1 ? 
ATOM   573 O O2    . U   B 1 12 ? -9.507  2.112   -6.835  1.000 10.902  0 12  U   B O2    1 ? 
ATOM   574 N N3    . U   B 1 12 ? -9.997  1.284   -4.775  1.000 9.496   0 12  U   B N3    1 ? 
ATOM   575 C C4    . U   B 1 12 ? -10.569 1.326   -3.518  1.000 9.674   0 12  U   B C4    1 ? 
ATOM   576 O O4    . U   B 1 12 ? -10.404 0.366   -2.758  1.000 9.046   0 12  U   B O4    1 ? 
ATOM   577 C C5    . U   B 1 12 ? -11.374 2.494   -3.271  1.000 10.103  0 12  U   B C5    1 ? 
ATOM   578 C C6    . U   B 1 12 ? -11.445 3.465   -4.203  1.000 10.474  0 12  U   B C6    1 ? 
ATOM   579 P P     . C   B 1 13 ? -15.261 3.996   -8.100  1.000 14.506  0 13  C   B P     1 ? 
ATOM   580 O OP1   . C   B 1 13 ? -16.321 4.675   -8.985  1.000 17.210  0 13  C   B OP1   1 ? 
ATOM   581 O OP2   . C   B 1 13 ? -15.784 3.335   -6.856  1.000 14.064  0 13  C   B OP2   1 ? 
ATOM   582 O "O5'" . C   B 1 13 ? -14.592 2.837   -8.980  1.000 13.448  0 13  C   B "O5'" 1 ? 
ATOM   583 C "C5'" . C   B 1 13 ? -14.023 3.140   -10.264 1.000 12.899  0 13  C   B "C5'" 1 ? 
ATOM   584 C "C4'" . C   B 1 13 ? -13.118 1.992   -10.636 1.000 13.515  0 13  C   B "C4'" 1 ? 
ATOM   585 O "O4'" . C   B 1 13 ? -12.072 1.846   -9.627  1.000 12.556  0 13  C   B "O4'" 1 ? 
ATOM   586 C "C3'" . C   B 1 13 ? -13.777 0.616   -10.668 1.000 13.253  0 13  C   B "C3'" 1 ? 
ATOM   587 O "O3'" . C   B 1 13 ? -14.444 0.441   -11.913 1.000 14.999  0 13  C   B "O3'" 1 ? 
ATOM   588 C "C2'" . C   B 1 13 ? -12.552 -0.291  -10.549 1.000 12.456  0 13  C   B "C2'" 1 ? 
ATOM   589 O "O2'" . C   B 1 13 ? -11.836 -0.316  -11.764 1.000 11.547  0 13  C   B "O2'" 1 ? 
ATOM   590 C "C1'" . C   B 1 13 ? -11.747 0.465   -9.488  1.000 11.443  0 13  C   B "C1'" 1 ? 
ATOM   591 N N1    . C   B 1 13 ? -12.050 0.016   -8.100  1.000 10.060  0 13  C   B N1    1 ? 
ATOM   592 C C2    . C   B 1 13 ? -11.407 -1.143  -7.658  1.000 9.366   0 13  C   B C2    1 ? 
ATOM   593 O O2    . C   B 1 13 ? -10.658 -1.745  -8.445  1.000 8.671   0 13  C   B O2    1 ? 
ATOM   594 N N3    . C   B 1 13 ? -11.634 -1.572  -6.400  1.000 9.425   0 13  C   B N3    1 ? 
ATOM   595 C C4    . C   B 1 13 ? -12.451 -0.894  -5.586  1.000 9.465   0 13  C   B C4    1 ? 
ATOM   596 N N4    . C   B 1 13 ? -12.615 -1.368  -4.367  1.000 8.862   0 13  C   B N4    1 ? 
ATOM   597 C C5    . C   B 1 13 ? -13.129 0.284   -6.024  1.000 10.126  0 13  C   B C5    1 ? 
ATOM   598 C C6    . C   B 1 13 ? -12.897 0.691   -7.276  1.000 10.267  0 13  C   B C6    1 ? 
ATOM   599 P P     . G   B 1 14 ? -15.719 -0.531  -11.887 1.000 19.568  0 14  G   B P     1 ? 
ATOM   600 O OP1   . G   B 1 14 ? -16.212 -0.577  -13.330 1.000 18.159  0 14  G   B OP1   1 ? 
ATOM   601 O OP2   . G   B 1 14 ? -16.734 -0.277  -10.791 1.000 18.672  0 14  G   B OP2   1 ? 
ATOM   602 O "O5'" . G   B 1 14 ? -15.147 -1.997  -11.505 1.000 16.024  0 14  G   B "O5'" 1 ? 
ATOM   603 C "C5'" . G   B 1 14 ? -14.335 -2.647  -12.481 1.000 15.712  0 14  G   B "C5'" 1 ? 
ATOM   604 C "C4'" . G   B 1 14 ? -13.836 -3.946  -11.912 1.000 16.143  0 14  G   B "C4'" 1 ? 
ATOM   605 O "O4'" . G   B 1 14 ? -12.997 -3.720  -10.748 1.000 14.125  0 14  G   B "O4'" 1 ? 
ATOM   606 C "C3'" . G   B 1 14 ? -14.907 -4.883  -11.355 1.000 15.785  0 14  G   B "C3'" 1 ? 
ATOM   607 O "O3'" . G   B 1 14 ? -15.684 -5.448  -12.400 1.000 19.783  0 14  G   B "O3'" 1 ? 
ATOM   608 C "C2'" . G   B 1 14 ? -13.990 -5.866  -10.626 1.000 15.740  0 14  G   B "C2'" 1 ? 
ATOM   609 O "O2'" . G   B 1 14 ? -13.377 -6.748  -11.540 1.000 15.546  0 14  G   B "O2'" 1 ? 
ATOM   610 C "C1'" . G   B 1 14 ? -12.995 -4.902  -9.981  1.000 13.892  0 14  G   B "C1'" 1 ? 
ATOM   611 N N9    . G   B 1 14 ? -13.337 -4.558  -8.611  1.000 13.175  0 14  G   B N9    1 ? 
ATOM   612 C C8    . G   B 1 14 ? -13.954 -3.424  -8.174  1.000 12.450  0 14  G   B C8    1 ? 
ATOM   613 N N7    . G   B 1 14 ? -14.172 -3.422  -6.879  1.000 12.294  0 14  G   B N7    1 ? 
ATOM   614 C C5    . G   B 1 14 ? -13.669 -4.634  -6.448  1.000 12.402  0 14  G   B C5    1 ? 
ATOM   615 C C6    . G   B 1 14 ? -13.584 -5.159  -5.144  1.000 12.808  0 14  G   B C6    1 ? 
ATOM   616 O O6    . G   B 1 14 ? -14.017 -4.671  -4.090  1.000 13.856  0 14  G   B O6    1 ? 
ATOM   617 N N1    . G   B 1 14 ? -13.017 -6.433  -5.164  1.000 11.548  0 14  G   B N1    1 ? 
ATOM   618 C C2    . G   B 1 14 ? -12.534 -7.086  -6.270  1.000 11.925  0 14  G   B C2    1 ? 
ATOM   619 N N2    . G   B 1 14 ? -12.014 -8.304  -6.069  1.000 12.087  0 14  G   B N2    1 ? 
ATOM   620 N N3    . G   B 1 14 ? -12.575 -6.579  -7.498  1.000 11.677  0 14  G   B N3    1 ? 
ATOM   621 C C4    . G   B 1 14 ? -13.150 -5.349  -7.503  1.000 12.292  0 14  G   B C4    1 ? 
HETATM 622 P P     . G46 B 1 15 ? -17.173 -6.066  -12.056 1.000 24.701  0 15  G46 B P     1 ? 
HETATM 623 O O1P   . G46 B 1 15 ? -17.700 -6.489  -13.402 1.000 27.275  0 15  G46 B O1P   1 ? 
HETATM 624 S S2P   . G46 B 1 15 ? -18.193 -4.788  -11.217 1.000 25.532  0 15  G46 B S2P   1 ? 
HETATM 625 O "O5'" . G46 B 1 15 ? -16.930 -7.186  -10.956 1.000 22.878  0 15  G46 B "O5'" 1 ? 
HETATM 626 C "C5'" . G46 B 1 15 ? -16.477 -8.449  -11.291 1.000 23.331  0 15  G46 B "C5'" 1 ? 
HETATM 627 C "C4'" . G46 B 1 15 ? -16.162 -9.248  -10.014 1.000 22.211  0 15  G46 B "C4'" 1 ? 
HETATM 628 O "O4'" . G46 B 1 15 ? -15.352 -8.491  -9.028  1.000 20.136  0 15  G46 B "O4'" 1 ? 
HETATM 629 C "C3'" . G46 B 1 15 ? -17.362 -9.614  -9.096  1.000 21.177  0 15  G46 B "C3'" 1 ? 
HETATM 630 O "O3'" . G46 B 1 15 ? -18.376 -10.588 -9.640  1.000 20.919  0 15  G46 B "O3'" 1 ? 
HETATM 631 C "C2'" . G46 B 1 15 ? -16.529 -10.228 -7.947  1.000 20.253  0 15  G46 B "C2'" 1 ? 
HETATM 632 C "C1'" . G46 B 1 15 ? -15.415 -9.189  -7.739  1.000 18.631  0 15  G46 B "C1'" 1 ? 
HETATM 633 O "O2'" . G46 B 1 15 ? -15.922 -11.451 -8.325  1.000 22.163  0 15  G46 B "O2'" 1 ? 
HETATM 634 N N9    . G46 B 1 15 ? -15.799 -8.209  -6.700  1.000 15.622  0 15  G46 B N9    1 ? 
HETATM 635 C C8    . G46 B 1 15 ? -16.303 -6.993  -6.806  1.000 14.696  0 15  G46 B C8    1 ? 
HETATM 636 N N7    . G46 B 1 15 ? -16.507 -6.552  -5.602  1.000 15.286  0 15  G46 B N7    1 ? 
HETATM 637 C C5    . G46 B 1 15 ? -16.149 -7.512  -4.735  1.000 14.024  0 15  G46 B C5    1 ? 
HETATM 638 C C6    . G46 B 1 15 ? -16.178 -7.592  -3.394  1.000 14.998  0 15  G46 B C6    1 ? 
HETATM 639 O O6    . G46 B 1 15 ? -16.585 -6.676  -2.668  1.000 15.093  0 15  G46 B O6    1 ? 
HETATM 640 N N1    . G46 B 1 15 ? -15.783 -8.791  -2.780  1.000 13.789  0 15  G46 B N1    1 ? 
HETATM 641 C C2    . G46 B 1 15 ? -15.314 -9.814  -3.545  1.000 14.803  0 15  G46 B C2    1 ? 
HETATM 642 N N2    . G46 B 1 15 ? -14.942 -10.935 -2.912  1.000 15.338  0 15  G46 B N2    1 ? 
HETATM 643 N N3    . G46 B 1 15 ? -15.309 -9.702  -4.895  1.000 13.892  0 15  G46 B N3    1 ? 
HETATM 644 C C4    . G46 B 1 15 ? -15.723 -8.542  -5.437  1.000 14.801  0 15  G46 B C4    1 ? 
HETATM 645 N N1    . LXI C 2 .  ? -19.773 -7.461  -3.679  1.000 34.922  0 101 LXI A N1    1 ? 
HETATM 646 C C1    . LXI C 2 .  ? -19.819 -7.426  -5.027  1.000 31.039  0 101 LXI A C1    1 ? 
HETATM 647 N N2    . LXI C 2 .  ? -19.445 -8.616  -5.509  1.000 27.713  0 101 LXI A N2    1 ? 
HETATM 648 C C2    . LXI C 2 .  ? -19.169 -9.378  -4.463  1.000 24.933  0 101 LXI A C2    1 ? 
HETATM 649 C C3    . LXI C 2 .  ? -18.796 -10.632 -4.419  1.000 22.210  0 101 LXI A C3    1 ? 
HETATM 650 N N3    . LXI C 2 .  ? -18.591 -11.229 -3.189  1.000 23.700  0 101 LXI A N3    1 ? 
HETATM 651 C C4    . LXI C 2 .  ? -18.805 -10.477 -2.044  1.000 23.091  0 101 LXI A C4    1 ? 
HETATM 652 N N4    . LXI C 2 .  ? -19.208 -9.218  -2.143  1.000 25.155  0 101 LXI A N4    1 ? 
HETATM 653 C C5    . LXI C 2 .  ? -19.391 -8.679  -3.342  1.000 27.153  0 101 LXI A C5    1 ? 
HETATM 654 O O1    . LXI C 2 .  ? -18.626 -11.725 -5.627  1.000 23.676  0 101 LXI A O1    1 ? 
HETATM 655 N N5    . LXI C 2 .  ? -18.624 -11.009 -0.846  1.000 24.949  0 101 LXI A N5    1 ? 
HETATM 656 C C6    . LXI C 2 .  ? -20.138 -6.408  -2.656  1.000 48.077  0 101 LXI A C6    1 ? 
HETATM 657 O O2    . LXI C 2 .  ? -21.617 -6.324  -2.694  1.000 58.931  0 101 LXI A O2    1 ? 
HETATM 658 C C7    . LXI C 2 .  ? -19.652 -4.984  -2.955  1.000 58.073  0 101 LXI A C7    1 ? 
HETATM 659 O O3    . LXI C 2 .  ? -19.566 -4.219  -1.736  1.000 59.139  0 101 LXI A O3    1 ? 
HETATM 660 C C8    . LXI C 2 .  ? -20.727 -4.395  -3.867  1.000 66.182  0 101 LXI A C8    1 ? 
HETATM 661 O O4    . LXI C 2 .  ? -20.905 -2.968  -3.622  1.000 71.382  0 101 LXI A O4    1 ? 
HETATM 662 C C9    . LXI C 2 .  ? -22.019 -5.173  -3.529  1.000 68.097  0 101 LXI A C9    1 ? 
HETATM 663 C C10   . LXI C 2 .  ? -22.753 -5.602  -4.828  1.000 79.068  0 101 LXI A C10   1 ? 
HETATM 664 O O5    . LXI C 2 .  ? -23.012 -4.457  -5.685  1.000 96.036  0 101 LXI A O5    1 ? 
HETATM 665 P P1    . LXI C 2 .  ? -22.468 -4.228  -7.210  1.000 104.553 0 101 LXI A P1    1 ? 
HETATM 666 S S1    . LXI C 2 .  ? -21.115 -2.879  -6.950  1.000 107.185 0 101 LXI A S1    1 ? 
HETATM 667 O O6    . LXI C 2 .  ? -23.522 -3.577  -8.004  1.000 106.693 0 101 LXI A O6    1 ? 
HETATM 668 N N6    . LXI C 2 .  ? -21.793 -5.664  -7.824  1.000 101.968 0 101 LXI A N6    1 ? 
HETATM 669 C C11   . LXI C 2 .  ? -20.568 -5.832  -8.320  1.000 102.218 0 101 LXI A C11   1 ? 
HETATM 670 C C12   . LXI C 2 .  ? -20.444 -7.105  -8.697  1.000 105.007 0 101 LXI A C12   1 ? 
HETATM 671 N N7    . LXI C 2 .  ? -21.586 -7.740  -8.446  1.000 103.581 0 101 LXI A N7    1 ? 
HETATM 672 C C13   . LXI C 2 .  ? -22.408 -6.842  -7.918  1.000 100.711 0 101 LXI A C13   1 ? 
HETATM 673 N N8    . LXI C 2 .  ? -23.657 -7.095  -7.524  1.000 96.470  0 101 LXI A N8    1 ? 
HETATM 674 N N1    . LXI D 2 .  ? 20.965  2.545   -0.327  1.000 22.366  0 101 LXI B N1    1 ? 
HETATM 675 C C1    . LXI D 2 .  ? 20.805  2.618   0.998   1.000 20.391  0 101 LXI B C1    1 ? 
HETATM 676 N N2    . LXI D 2 .  ? 20.320  3.814   1.321   1.000 20.243  0 101 LXI B N2    1 ? 
HETATM 677 C C2    . LXI D 2 .  ? 20.174  4.499   0.177   1.000 19.167  0 101 LXI B C2    1 ? 
HETATM 678 C C3    . LXI D 2 .  ? 19.756  5.730   -0.065  1.000 19.478  0 101 LXI B C3    1 ? 
HETATM 679 N N3    . LXI D 2 .  ? 19.742  6.168   -1.396  1.000 18.708  0 101 LXI B N3    1 ? 
HETATM 680 C C4    . LXI D 2 .  ? 20.140  5.288   -2.415  1.000 17.261  0 101 LXI B C4    1 ? 
HETATM 681 N N4    . LXI D 2 .  ? 20.552  4.059   -2.125  1.000 18.017  0 101 LXI B N4    1 ? 
HETATM 682 C C5    . LXI D 2 .  ? 20.570  3.698   -0.833  1.000 19.042  0 101 LXI B C5    1 ? 
HETATM 683 O O1    . LXI D 2 .  ? 19.396  6.520   0.825   1.000 22.064  0 101 LXI B O1    1 ? 
HETATM 684 N N5    . LXI D 2 .  ? 20.141  5.679   -3.660  1.000 16.811  0 101 LXI B N5    1 ? 
HETATM 685 C C6    . LXI D 2 .  ? 21.418  1.423   -1.255  1.000 26.308  0 101 LXI B C6    1 ? 
HETATM 686 O O2    . LXI D 2 .  ? 21.589  0.089   -0.624  1.000 33.549  0 101 LXI B O2    1 ? 
HETATM 687 C C7    . LXI D 2 .  ? 22.715  1.605   -1.998  1.000 29.546  0 101 LXI B C7    1 ? 
HETATM 688 O O3    . LXI D 2 .  ? 22.627  0.772   -3.127  1.000 28.962  0 101 LXI B O3    1 ? 
HETATM 689 C C8    . LXI D 2 .  ? 23.729  0.950   -1.057  1.000 33.884  0 101 LXI B C8    1 ? 
HETATM 690 O O4    . LXI D 2 .  ? 24.939  0.580   -1.724  1.000 35.347  0 101 LXI B O4    1 ? 
HETATM 691 C C9    . LXI D 2 .  ? 23.022  -0.328  -0.673  1.000 38.736  0 101 LXI B C9    1 ? 
HETATM 692 C C10   . LXI D 2 .  ? 23.577  -0.788  0.678   1.000 44.639  0 101 LXI B C10   1 ? 
HETATM 693 O O5    . LXI D 2 .  ? 23.001  0.077   1.667   1.000 57.454  0 101 LXI B O5    1 ? 
HETATM 694 P P1    . LXI D 2 .  ? 23.857  0.743   2.819   1.000 77.517  0 101 LXI B P1    1 ? 
HETATM 695 S S1    . LXI D 2 .  ? 24.859  2.356   1.966   1.000 80.043  0 101 LXI B S1    1 ? 
HETATM 696 O O6    . LXI D 2 .  ? 24.849  -0.279  3.212   1.000 80.393  0 101 LXI B O6    1 ? 
HETATM 697 N N6    . LXI D 2 .  ? 22.766  1.448   4.005   1.000 75.339  0 101 LXI B N6    1 ? 
HETATM 698 C C11   . LXI D 2 .  ? 22.796  2.694   4.498   1.000 75.375  0 101 LXI B C11   1 ? 
HETATM 699 C C12   . LXI D 2 .  ? 21.791  2.827   5.371   1.000 76.328  0 101 LXI B C12   1 ? 
HETATM 700 N N7    . LXI D 2 .  ? 21.127  1.671   5.428   1.000 73.608  0 101 LXI B N7    1 ? 
HETATM 701 C C13   . LXI D 2 .  ? 21.735  0.840   4.586   1.000 74.287  0 101 LXI B C13   1 ? 
HETATM 702 N N8    . LXI D 2 .  ? 21.377  -0.422  4.353   1.000 71.338  0 101 LXI B N8    1 ? 
HETATM 703 O O     . HOH E 3 .  ? 6.868   3.711   3.120   1.000 23.800  0 201 HOH A O     1 ? 
HETATM 704 O O     . HOH E 3 .  ? -0.300  1.993   -0.946  1.000 24.094  0 202 HOH A O     1 ? 
HETATM 705 O O     . HOH E 3 .  ? -0.283  -2.089  -3.450  1.000 27.008  0 203 HOH A O     1 ? 
HETATM 706 O O     . HOH E 3 .  ? 9.716   5.337   8.031   1.000 28.855  0 204 HOH A O     1 ? 
HETATM 707 O O     . HOH E 3 .  ? 6.929   6.262   5.129   1.000 26.474  0 205 HOH A O     1 ? 
HETATM 708 O O     . HOH E 3 .  ? -2.498  -0.028  -0.648  1.000 32.103  0 206 HOH A O     1 ? 
HETATM 709 O O     . HOH E 3 .  ? -2.718  12.063  1.273   1.000 14.980  0 207 HOH A O     1 ? 
HETATM 710 O O     . HOH E 3 .  ? 4.244   10.077  11.423  1.000 16.457  0 208 HOH A O     1 ? 
HETATM 711 O O     . HOH E 3 .  ? 2.756   13.796  -3.567  1.000 25.687  0 209 HOH A O     1 ? 
HETATM 712 O O     . HOH E 3 .  ? -11.175 -2.957  -0.961  1.000 20.221  0 210 HOH A O     1 ? 
HETATM 713 O O     . HOH E 3 .  ? 2.998   10.319  -6.264  1.000 29.387  0 211 HOH A O     1 ? 
HETATM 714 O O     . HOH E 3 .  ? -3.171  8.731   -8.698  1.000 19.087  0 212 HOH A O     1 ? 
HETATM 715 O O     . HOH E 3 .  ? 15.215  1.459   5.670   1.000 27.439  0 213 HOH A O     1 ? 
HETATM 716 O O     . HOH E 3 .  ? 4.370   9.367   -4.156  1.000 32.031  0 214 HOH A O     1 ? 
HETATM 717 O O     . HOH E 3 .  ? 2.543   0.945   -9.813  1.000 25.397  0 215 HOH A O     1 ? 
HETATM 718 O O     . HOH E 3 .  ? 2.157   6.884   -2.908  1.000 14.892  0 216 HOH A O     1 ? 
HETATM 719 O O     . HOH E 3 .  ? -2.693  -4.424  -3.052  1.000 22.014  0 217 HOH A O     1 ? 
HETATM 720 O O     . HOH E 3 .  ? 6.812   8.483   3.811   1.000 26.532  0 218 HOH A O     1 ? 
HETATM 721 O O     . HOH E 3 .  ? 12.407  2.895   9.389   1.000 26.377  0 219 HOH A O     1 ? 
HETATM 722 O O     . HOH E 3 .  ? -6.532  -1.647  -9.642  1.000 13.813  0 220 HOH A O     1 ? 
HETATM 723 O O     . HOH E 3 .  ? -7.521  -11.194 -8.340  0.330 20.129  0 221 HOH A O     1 ? 
HETATM 724 O O     . HOH E 3 .  ? 7.592   12.937  3.531   1.000 19.965  0 222 HOH A O     1 ? 
HETATM 725 O O     . HOH E 3 .  ? 9.559   4.018   4.394   1.000 30.365  0 223 HOH A O     1 ? 
HETATM 726 O O     . HOH E 3 .  ? 4.353   7.748   -0.625  1.000 19.120  0 224 HOH A O     1 ? 
HETATM 727 O O     . HOH E 3 .  ? 16.842  -5.372  12.337  1.000 28.004  0 225 HOH A O     1 ? 
HETATM 728 O O     . HOH E 3 .  ? -1.007  8.804   6.398   1.000 13.842  0 226 HOH A O     1 ? 
HETATM 729 O O     . HOH E 3 .  ? 1.958   4.846   -0.726  1.000 17.152  0 227 HOH A O     1 ? 
HETATM 730 O O     . HOH E 3 .  ? 15.101  -4.687  -2.284  1.000 26.241  0 228 HOH A O     1 ? 
HETATM 731 O O     . HOH E 3 .  ? -9.332  -7.719  1.623   1.000 16.541  0 229 HOH A O     1 ? 
HETATM 732 O O     . HOH E 3 .  ? 0.791   4.014   -4.266  1.000 14.651  0 230 HOH A O     1 ? 
HETATM 733 O O     . HOH E 3 .  ? 1.377   13.418  5.854   0.330 6.842   0 231 HOH A O     1 ? 
HETATM 734 O O     . HOH E 3 .  ? 2.688   0.096   -5.738  1.000 27.093  0 232 HOH A O     1 ? 
HETATM 735 O O     . HOH E 3 .  ? 3.860   7.567   2.069   1.000 20.712  0 233 HOH A O     1 ? 
HETATM 736 O O     . HOH E 3 .  ? -0.238  13.673  -1.930  1.000 23.151  0 234 HOH A O     1 ? 
HETATM 737 O O     . HOH E 3 .  ? -1.667  1.945   -11.225 1.000 28.939  0 235 HOH A O     1 ? 
HETATM 738 O O     . HOH E 3 .  ? -9.511  -5.162  -0.164  1.000 15.825  0 236 HOH A O     1 ? 
HETATM 739 O O     . HOH E 3 .  ? 6.820   4.122   14.561  1.000 33.561  0 237 HOH A O     1 ? 
HETATM 740 O O     . HOH E 3 .  ? 5.010   14.174  6.600   0.330 13.304  0 238 HOH A O     1 ? 
HETATM 741 O O     . HOH E 3 .  ? 3.899   3.998   1.161   1.000 18.930  0 239 HOH A O     1 ? 
HETATM 742 O O     . HOH E 3 .  ? -6.442  7.510   -6.751  1.000 18.339  0 240 HOH A O     1 ? 
HETATM 743 O O     . HOH E 3 .  ? 10.691  -6.635  9.217   1.000 23.625  0 241 HOH A O     1 ? 
HETATM 744 O O     . HOH E 3 .  ? -9.314  -7.605  -8.673  1.000 24.259  0 242 HOH A O     1 ? 
HETATM 745 O O     . HOH E 3 .  ? -7.396  -3.359  -0.926  1.000 28.281  0 243 HOH A O     1 ? 
HETATM 746 O O     . HOH E 3 .  ? 12.082  3.388   6.409   1.000 20.355  0 244 HOH A O     1 ? 
HETATM 747 O O     . HOH E 3 .  ? -4.432  -3.055  -0.822  1.000 19.537  0 245 HOH A O     1 ? 
HETATM 748 O O     . HOH E 3 .  ? 18.140  1.450   4.237   1.000 27.196  0 246 HOH A O     1 ? 
HETATM 749 O O     . HOH E 3 .  ? -1.944  -9.411  -0.884  1.000 21.067  0 247 HOH A O     1 ? 
HETATM 750 O O     . HOH E 3 .  ? 6.892   -4.776  8.089   1.000 26.699  0 248 HOH A O     1 ? 
HETATM 751 O O     . HOH E 3 .  ? -3.289  -9.817  1.302   1.000 29.957  0 249 HOH A O     1 ? 
HETATM 752 O O     . HOH E 3 .  ? 4.724   -2.489  10.736  1.000 20.450  0 250 HOH A O     1 ? 
HETATM 753 O O     . HOH E 3 .  ? 13.194  -4.071  14.228  1.000 28.327  0 251 HOH A O     1 ? 
HETATM 754 O O     . HOH E 3 .  ? 9.801   15.171  7.584   0.330 24.210  0 252 HOH A O     1 ? 
HETATM 755 O O     . HOH F 3 .  ? -7.109  1.243   3.325   1.000 32.052  0 201 HOH B O     1 ? 
HETATM 756 O O     . HOH F 3 .  ? -5.264  8.221   5.695   1.000 19.564  0 202 HOH B O     1 ? 
HETATM 757 O O     . HOH F 3 .  ? 9.756   5.345   -4.508  1.000 21.341  0 203 HOH B O     1 ? 
HETATM 758 O O     . HOH F 3 .  ? 8.783   4.653   -8.525  1.000 28.841  0 204 HOH B O     1 ? 
HETATM 759 O O     . HOH F 3 .  ? 1.619   -3.604  -0.415  1.000 26.946  0 205 HOH B O     1 ? 
HETATM 760 O O     . HOH F 3 .  ? -9.709  3.698   -10.126 1.000 22.468  0 206 HOH B O     1 ? 
HETATM 761 O O     . HOH F 3 .  ? -7.827  2.309   -8.747  1.000 20.405  0 207 HOH B O     1 ? 
HETATM 762 O O     . HOH F 3 .  ? 14.633  11.765  -2.725  1.000 24.946  0 208 HOH B O     1 ? 
HETATM 763 O O     . HOH F 3 .  ? -8.837  -0.657  0.408   1.000 25.298  0 209 HOH B O     1 ? 
HETATM 764 O O     . HOH F 3 .  ? 4.791   0.082   -0.098  1.000 30.152  0 210 HOH B O     1 ? 
HETATM 765 O O     . HOH F 3 .  ? 1.285   -1.062  11.979  1.000 31.337  0 211 HOH B O     1 ? 
HETATM 766 O O     . HOH F 3 .  ? 10.158  3.175   -3.881  1.000 18.908  0 212 HOH B O     1 ? 
HETATM 767 O O     . HOH F 3 .  ? 9.848   0.270   -10.106 1.000 15.561  0 213 HOH B O     1 ? 
HETATM 768 O O     . HOH F 3 .  ? -16.442 6.486   4.260   1.000 18.781  0 214 HOH B O     1 ? 
HETATM 769 O O     . HOH F 3 .  ? 10.237  2.419   -0.807  1.000 17.247  0 215 HOH B O     1 ? 
HETATM 770 O O     . HOH F 3 .  ? 1.774   -0.086  1.107   1.000 30.798  0 216 HOH B O     1 ? 
HETATM 771 O O     . HOH F 3 .  ? -12.678 6.797   -10.111 1.000 24.505  0 217 HOH B O     1 ? 
HETATM 772 O O     . HOH F 3 .  ? 12.639  8.058   -4.101  1.000 18.673  0 218 HOH B O     1 ? 
HETATM 773 O O     . HOH F 3 .  ? -10.166 1.732   -12.435 1.000 24.785  0 219 HOH B O     1 ? 
HETATM 774 O O     . HOH F 3 .  ? -16.550 0.725   -7.045  1.000 26.471  0 220 HOH B O     1 ? 
HETATM 775 O O     . HOH F 3 .  ? 7.691   -0.537  -1.525  1.000 16.205  0 221 HOH B O     1 ? 
HETATM 776 O O     . HOH F 3 .  ? -4.237  0.101   4.196   1.000 13.863  0 222 HOH B O     1 ? 
HETATM 777 O O     . HOH F 3 .  ? -0.109  3.252   11.344  1.000 23.761  0 223 HOH B O     1 ? 
HETATM 778 O O     . HOH F 3 .  ? 1.006   -3.447  2.054   1.000 24.682  0 224 HOH B O     1 ? 
HETATM 779 O O     . HOH F 3 .  ? -3.319  1.750   13.457  1.000 25.961  0 225 HOH B O     1 ? 
HETATM 780 O O     . HOH F 3 .  ? -14.654 10.083  2.561   0.330 12.128  0 226 HOH B O     1 ? 
HETATM 781 O O     . HOH F 3 .  ? 7.806   1.804   1.046   1.000 19.126  0 227 HOH B O     1 ? 
HETATM 782 O O     . HOH F 3 .  ? -15.930 -1.757  -5.486  1.000 20.553  0 228 HOH B O     1 ? 
HETATM 783 O O     . HOH F 3 .  ? 19.715  8.909   -8.212  1.000 28.454  0 229 HOH B O     1 ? 
HETATM 784 O O     . HOH F 3 .  ? -0.797  -1.066  1.745   1.000 19.496  0 230 HOH B O     1 ? 
HETATM 785 O O     . HOH F 3 .  ? -4.795  -1.534  6.794   1.000 24.379  0 231 HOH B O     1 ? 
HETATM 786 O O     . HOH F 3 .  ? -15.059 2.699   -4.180  1.000 18.254  0 232 HOH B O     1 ? 
HETATM 787 O O     . HOH F 3 .  ? -14.670 0.240   -3.215  1.000 19.663  0 233 HOH B O     1 ? 
HETATM 788 O O     . HOH F 3 .  ? -11.942 10.647  3.118   0.330 9.444   0 234 HOH B O     1 ? 
HETATM 789 O O     . HOH F 3 .  ? -14.064 4.884   6.211   1.000 19.257  0 235 HOH B O     1 ? 
HETATM 790 O O     . HOH F 3 .  ? -1.734  -3.537  4.690   1.000 20.212  0 236 HOH B O     1 ? 
HETATM 791 O O     . HOH F 3 .  ? 17.561  6.129   3.029   1.000 27.996  0 237 HOH B O     1 ? 
HETATM 792 O O     . HOH F 3 .  ? 5.224   -2.681  -6.789  1.000 22.327  0 238 HOH B O     1 ? 
HETATM 793 O O     . HOH F 3 .  ? -7.405  5.707   -7.002  1.000 17.994  0 239 HOH B O     1 ? 
HETATM 794 O O     . HOH F 3 .  ? -9.475  1.266   2.360   1.000 19.987  0 240 HOH B O     1 ? 
HETATM 795 O O     . HOH F 3 .  ? 15.064  7.024   1.282   1.000 19.360  0 241 HOH B O     1 ? 
HETATM 796 O O     . HOH F 3 .  ? 3.304   -5.248  -3.850  1.000 30.961  0 242 HOH B O     1 ? 
HETATM 797 O O     . HOH F 3 .  ? 2.837   -9.465  6.573   1.000 19.145  0 243 HOH B O     1 ? 
HETATM 798 O O     . HOH F 3 .  ? -8.522  -0.136  -10.580 1.000 25.177  0 244 HOH B O     1 ? 
HETATM 799 O O     . HOH F 3 .  ? 13.566  5.900   1.642   1.000 24.541  0 245 HOH B O     1 ? 
HETATM 800 O O     . HOH F 3 .  ? 14.846  9.653   1.386   1.000 27.922  0 246 HOH B O     1 ? 
HETATM 801 O O     . HOH F 3 .  ? -1.106  -0.435  13.500  1.000 31.089  0 247 HOH B O     1 ? 
HETATM 802 O O     . HOH F 3 .  ? 14.037  10.897  -0.256  1.000 27.705  0 248 HOH B O     1 ? 
# 
